data_1LVO
#
_entry.id   1LVO
#
_cell.length_a   72.82
_cell.length_b   160.13
_cell.length_c   88.96
_cell.angle_alpha   90.00
_cell.angle_beta   94.30
_cell.angle_gamma   90.00
#
_symmetry.space_group_name_H-M   'P 1 21 1'
#
loop_
_entity.id
_entity.type
_entity.pdbx_description
1 polymer 'Replicase, hydrolase domain'
2 non-polymer 'SULFATE ION'
3 non-polymer '1,4-DIETHYLENE DIOXIDE'
4 non-polymer (4R)-2-METHYLPENTANE-2,4-DIOL
5 water water
#
_entity_poly.entity_id   1
_entity_poly.type   'polypeptide(L)'
_entity_poly.pdbx_seq_one_letter_code
;SGLRKMAQPSGLVEPCIVRVSYGNNVLNGLWLGDEVICPRHVIASDTTRVINYENEMSSVRLHNFSVSKNNVFLGVVSAR
YKGVNLVLKVNQVNPNTPEHKFKSIKAGESFNILACYEGCPGSVYGVNMRSQGTIKGSFIAGTCGSVGYVLENGILYFVY
MHHLELGNGSHVGSNFEGEMYGGYEDQPSMQLEGTNVMSSDNVVAFLYAALINGERWFVTNTSMSLESYNTWAKTNSFTE
LSSTDAFSMLAAKTGQSVEKLLDSIVRLNKGFGGRTILSYGSLCDEFTPTEVIRQMYGVNLQ
;
_entity_poly.pdbx_strand_id   A,B,C,D,E,F
#
# COMPACT_ATOMS: atom_id res chain seq x y z
N SER A 1 -2.89 -37.74 12.71
CA SER A 1 -3.81 -36.69 13.34
C SER A 1 -5.08 -36.44 12.46
N GLY A 2 -5.95 -35.52 12.91
CA GLY A 2 -7.19 -35.19 12.21
C GLY A 2 -8.42 -35.92 12.77
N LEU A 3 -9.56 -35.23 12.84
CA LEU A 3 -10.82 -35.83 13.34
C LEU A 3 -11.90 -35.82 12.25
N ARG A 4 -12.37 -36.99 11.83
CA ARG A 4 -13.45 -37.08 10.82
C ARG A 4 -14.47 -38.06 11.32
N LYS A 5 -15.75 -37.86 10.97
CA LYS A 5 -16.76 -38.82 11.36
C LYS A 5 -16.50 -39.99 10.35
N MET A 6 -16.29 -41.18 10.84
CA MET A 6 -16.09 -42.27 9.91
C MET A 6 -17.17 -43.35 10.05
N ALA A 7 -17.17 -44.26 9.11
CA ALA A 7 -18.06 -45.41 9.16
C ALA A 7 -17.15 -46.64 9.08
N GLN A 8 -17.60 -47.73 9.70
CA GLN A 8 -16.95 -49.03 9.59
C GLN A 8 -17.31 -49.60 8.20
N PRO A 9 -16.40 -50.44 7.65
CA PRO A 9 -16.62 -51.03 6.32
C PRO A 9 -17.98 -51.74 6.16
N SER A 10 -18.53 -51.60 4.98
CA SER A 10 -19.84 -52.14 4.64
C SER A 10 -19.89 -53.48 3.88
N GLY A 11 -18.74 -54.08 3.62
CA GLY A 11 -18.74 -55.29 2.80
C GLY A 11 -19.68 -56.40 3.25
N LEU A 12 -19.81 -56.61 4.56
CA LEU A 12 -20.68 -57.66 5.05
C LEU A 12 -22.14 -57.37 4.86
N VAL A 13 -22.51 -56.09 4.89
CA VAL A 13 -23.93 -55.71 4.75
C VAL A 13 -24.48 -55.59 3.33
N GLU A 14 -23.65 -55.08 2.41
CA GLU A 14 -24.06 -54.83 1.01
C GLU A 14 -24.79 -55.99 0.29
N PRO A 15 -24.32 -57.24 0.46
CA PRO A 15 -24.95 -58.41 -0.20
C PRO A 15 -26.41 -58.65 0.33
N CYS A 16 -26.73 -58.06 1.46
CA CYS A 16 -28.04 -58.27 2.08
C CYS A 16 -29.08 -57.29 1.65
N ILE A 17 -28.66 -56.27 0.90
CA ILE A 17 -29.62 -55.25 0.51
C ILE A 17 -30.49 -55.61 -0.70
N VAL A 18 -31.81 -55.45 -0.55
CA VAL A 18 -32.72 -55.72 -1.62
C VAL A 18 -33.77 -54.58 -1.80
N ARG A 19 -34.32 -54.57 -3.01
CA ARG A 19 -35.35 -53.67 -3.44
C ARG A 19 -36.66 -54.36 -3.10
N VAL A 20 -37.55 -53.64 -2.42
CA VAL A 20 -38.87 -54.16 -2.10
C VAL A 20 -39.89 -53.12 -2.57
N SER A 21 -40.85 -53.54 -3.44
CA SER A 21 -41.93 -52.65 -3.89
C SER A 21 -43.33 -53.26 -3.59
N TYR A 22 -44.36 -52.41 -3.57
CA TYR A 22 -45.75 -52.84 -3.32
C TYR A 22 -46.55 -51.58 -3.59
N GLY A 23 -47.46 -51.64 -4.56
CA GLY A 23 -48.23 -50.46 -4.88
C GLY A 23 -47.30 -49.47 -5.58
N ASN A 24 -47.39 -48.20 -5.19
CA ASN A 24 -46.55 -47.16 -5.77
C ASN A 24 -45.27 -46.95 -4.92
N ASN A 25 -45.10 -47.77 -3.89
CA ASN A 25 -43.97 -47.64 -2.96
C ASN A 25 -42.85 -48.59 -3.30
N VAL A 26 -41.64 -48.02 -3.34
CA VAL A 26 -40.39 -48.73 -3.61
C VAL A 26 -39.38 -48.28 -2.49
N LEU A 27 -38.79 -49.22 -1.79
CA LEU A 27 -37.86 -48.83 -0.76
C LEU A 27 -36.89 -49.99 -0.63
N ASN A 28 -36.11 -50.04 0.46
CA ASN A 28 -35.14 -51.12 0.65
C ASN A 28 -35.52 -52.12 1.74
N GLY A 29 -34.97 -53.33 1.64
CA GLY A 29 -35.23 -54.37 2.62
C GLY A 29 -33.93 -55.05 2.97
N LEU A 30 -33.89 -55.77 4.10
CA LEU A 30 -32.67 -56.50 4.50
C LEU A 30 -32.94 -58.00 4.36
N TRP A 31 -32.11 -58.68 3.57
CA TRP A 31 -32.29 -60.10 3.29
C TRP A 31 -31.30 -61.02 4.05
N LEU A 32 -31.84 -61.69 5.05
CA LEU A 32 -31.06 -62.57 5.92
C LEU A 32 -31.80 -63.93 5.94
N GLY A 33 -31.05 -65.03 5.71
CA GLY A 33 -31.72 -66.32 5.64
C GLY A 33 -32.78 -66.28 4.54
N ASP A 34 -33.97 -66.79 4.83
CA ASP A 34 -35.05 -66.76 3.85
C ASP A 34 -36.08 -65.69 4.20
N GLU A 35 -35.61 -64.63 4.85
CA GLU A 35 -36.47 -63.55 5.23
C GLU A 35 -35.95 -62.21 4.77
N VAL A 36 -36.88 -61.31 4.48
CA VAL A 36 -36.61 -59.95 4.08
C VAL A 36 -37.41 -59.03 5.03
N ILE A 37 -36.69 -58.11 5.69
CA ILE A 37 -37.28 -57.15 6.63
C ILE A 37 -37.23 -55.76 5.96
N CYS A 38 -38.31 -55.01 6.11
CA CYS A 38 -38.40 -53.67 5.56
C CYS A 38 -39.44 -52.90 6.36
N PRO A 39 -39.49 -51.59 6.20
CA PRO A 39 -40.47 -50.78 6.94
C PRO A 39 -41.89 -51.24 6.53
N ARG A 40 -42.80 -51.48 7.49
CA ARG A 40 -44.12 -51.98 7.08
C ARG A 40 -44.92 -50.93 6.28
N HIS A 41 -44.52 -49.67 6.33
CA HIS A 41 -45.25 -48.69 5.55
C HIS A 41 -45.16 -48.92 4.04
N VAL A 42 -44.33 -49.86 3.61
CA VAL A 42 -44.30 -50.09 2.16
C VAL A 42 -45.68 -50.64 1.75
N ILE A 43 -46.45 -51.10 2.73
CA ILE A 43 -47.75 -51.70 2.42
C ILE A 43 -48.92 -50.70 2.29
N ALA A 44 -48.66 -49.48 2.73
CA ALA A 44 -49.65 -48.43 2.71
C ALA A 44 -50.20 -48.13 1.31
N SER A 45 -51.50 -48.25 1.16
CA SER A 45 -52.13 -47.98 -0.12
C SER A 45 -52.14 -46.46 -0.37
N ASP A 46 -52.15 -45.65 0.70
CA ASP A 46 -52.15 -44.18 0.57
C ASP A 46 -51.35 -43.56 1.72
N THR A 47 -50.14 -43.10 1.39
CA THR A 47 -49.23 -42.54 2.40
C THR A 47 -49.47 -41.06 2.71
N THR A 48 -50.55 -40.49 2.19
CA THR A 48 -50.82 -39.09 2.46
C THR A 48 -51.88 -38.99 3.55
N ARG A 49 -52.46 -40.13 3.93
CA ARG A 49 -53.51 -40.15 4.93
C ARG A 49 -53.17 -41.17 6.05
N VAL A 50 -53.80 -41.02 7.21
CA VAL A 50 -53.56 -41.96 8.29
C VAL A 50 -53.68 -43.37 7.71
N ILE A 51 -52.78 -44.26 8.14
CA ILE A 51 -52.76 -45.63 7.64
C ILE A 51 -53.40 -46.59 8.64
N ASN A 52 -54.20 -47.53 8.18
CA ASN A 52 -54.82 -48.53 9.08
C ASN A 52 -54.04 -49.81 8.74
N TYR A 53 -53.07 -50.20 9.58
CA TYR A 53 -52.27 -51.37 9.20
C TYR A 53 -53.00 -52.71 9.22
N GLU A 54 -54.01 -52.87 10.08
CA GLU A 54 -54.80 -54.12 10.12
C GLU A 54 -55.47 -54.30 8.74
N ASN A 55 -56.11 -53.25 8.23
CA ASN A 55 -56.77 -53.31 6.93
C ASN A 55 -55.78 -53.57 5.75
N GLU A 56 -54.62 -52.94 5.78
CA GLU A 56 -53.69 -53.15 4.68
C GLU A 56 -53.20 -54.57 4.75
N MET A 57 -53.06 -55.10 5.96
CA MET A 57 -52.63 -56.50 6.11
C MET A 57 -53.74 -57.47 5.63
N SER A 58 -54.97 -57.26 6.09
CA SER A 58 -56.08 -58.12 5.67
C SER A 58 -56.23 -58.20 4.14
N SER A 59 -56.03 -57.10 3.43
CA SER A 59 -56.21 -57.15 1.97
C SER A 59 -54.95 -57.38 1.18
N VAL A 60 -53.90 -57.83 1.84
CA VAL A 60 -52.66 -58.04 1.10
C VAL A 60 -52.67 -59.22 0.11
N ARG A 61 -52.01 -59.02 -1.02
CA ARG A 61 -51.92 -60.06 -1.99
C ARG A 61 -50.44 -60.23 -2.23
N LEU A 62 -49.91 -61.35 -1.77
CA LEU A 62 -48.50 -61.60 -1.87
C LEU A 62 -47.93 -61.36 -3.23
N HIS A 63 -48.67 -61.67 -4.29
CA HIS A 63 -48.14 -61.45 -5.64
C HIS A 63 -47.89 -59.98 -5.95
N ASN A 64 -48.42 -59.06 -5.15
CA ASN A 64 -48.22 -57.66 -5.43
C ASN A 64 -46.86 -57.17 -4.95
N PHE A 65 -46.20 -57.94 -4.10
CA PHE A 65 -44.86 -57.58 -3.64
C PHE A 65 -43.88 -57.92 -4.76
N SER A 66 -42.79 -57.20 -4.83
CA SER A 66 -41.74 -57.46 -5.79
C SER A 66 -40.51 -57.29 -4.91
N VAL A 67 -39.69 -58.34 -4.82
CA VAL A 67 -38.48 -58.32 -4.00
C VAL A 67 -37.34 -58.78 -4.85
N SER A 68 -36.31 -57.96 -5.01
CA SER A 68 -35.22 -58.37 -5.88
C SER A 68 -33.86 -57.88 -5.50
N LYS A 69 -32.87 -58.56 -6.05
CA LYS A 69 -31.47 -58.19 -5.88
C LYS A 69 -30.88 -58.19 -7.30
N ASN A 70 -30.24 -57.09 -7.69
CA ASN A 70 -29.71 -56.96 -9.03
C ASN A 70 -31.00 -57.11 -9.87
N ASN A 71 -31.04 -57.83 -10.99
CA ASN A 71 -32.34 -57.87 -11.71
C ASN A 71 -33.05 -59.19 -11.41
N VAL A 72 -32.58 -59.86 -10.35
CA VAL A 72 -33.08 -61.17 -9.94
C VAL A 72 -34.15 -61.10 -8.86
N PHE A 73 -35.34 -61.61 -9.15
CA PHE A 73 -36.41 -61.56 -8.18
C PHE A 73 -36.53 -62.78 -7.27
N LEU A 74 -37.20 -62.61 -6.14
CA LEU A 74 -37.42 -63.69 -5.17
C LEU A 74 -38.95 -63.87 -4.97
N GLY A 75 -39.35 -65.06 -4.60
CA GLY A 75 -40.78 -65.29 -4.42
C GLY A 75 -41.18 -64.97 -3.00
N VAL A 76 -42.28 -64.25 -2.83
CA VAL A 76 -42.73 -63.93 -1.49
C VAL A 76 -43.73 -65.00 -1.08
N VAL A 77 -43.42 -65.80 -0.06
CA VAL A 77 -44.32 -66.86 0.37
C VAL A 77 -45.28 -66.46 1.50
N SER A 78 -44.93 -65.46 2.30
CA SER A 78 -45.84 -65.03 3.36
C SER A 78 -45.38 -63.70 3.89
N ALA A 79 -46.26 -63.01 4.64
CA ALA A 79 -45.94 -61.71 5.17
C ALA A 79 -46.64 -61.44 6.51
N ARG A 80 -45.89 -60.92 7.50
CA ARG A 80 -46.46 -60.64 8.80
C ARG A 80 -45.76 -59.44 9.33
N TYR A 81 -46.45 -58.74 10.24
CA TYR A 81 -45.88 -57.55 10.88
C TYR A 81 -45.14 -57.97 12.14
N LYS A 82 -44.01 -57.35 12.45
CA LYS A 82 -43.31 -57.59 13.70
C LYS A 82 -43.07 -56.17 14.21
N GLY A 83 -44.02 -55.67 14.99
CA GLY A 83 -43.93 -54.31 15.46
C GLY A 83 -44.13 -53.48 14.18
N VAL A 84 -43.28 -52.49 13.97
CA VAL A 84 -43.36 -51.65 12.77
C VAL A 84 -42.57 -52.22 11.57
N ASN A 85 -41.95 -53.39 11.72
CA ASN A 85 -41.24 -54.01 10.60
C ASN A 85 -42.15 -55.01 9.89
N LEU A 86 -41.99 -55.10 8.57
CA LEU A 86 -42.68 -56.06 7.76
C LEU A 86 -41.70 -57.23 7.55
N VAL A 87 -42.10 -58.45 7.85
CA VAL A 87 -41.21 -59.57 7.58
C VAL A 87 -41.83 -60.39 6.45
N LEU A 88 -41.06 -60.65 5.41
CA LEU A 88 -41.53 -61.47 4.28
C LEU A 88 -40.66 -62.74 4.16
N LYS A 89 -41.28 -63.90 4.21
CA LYS A 89 -40.54 -65.13 4.00
C LYS A 89 -40.37 -65.22 2.49
N VAL A 90 -39.17 -65.47 2.01
CA VAL A 90 -39.05 -65.60 0.58
C VAL A 90 -38.60 -67.01 0.29
N ASN A 91 -38.86 -67.43 -0.94
CA ASN A 91 -38.57 -68.78 -1.45
C ASN A 91 -37.09 -69.07 -1.56
N GLN A 92 -36.23 -68.26 -0.98
CA GLN A 92 -34.82 -68.53 -1.14
C GLN A 92 -33.95 -67.93 -0.05
N VAL A 93 -32.93 -68.70 0.34
CA VAL A 93 -32.00 -68.34 1.35
C VAL A 93 -30.90 -67.45 0.78
N ASN A 94 -30.62 -66.33 1.45
CA ASN A 94 -29.53 -65.46 0.96
C ASN A 94 -28.25 -66.24 1.16
N PRO A 95 -27.54 -66.60 0.08
CA PRO A 95 -26.30 -67.37 0.31
C PRO A 95 -25.20 -66.54 0.90
N ASN A 96 -25.43 -65.23 0.95
CA ASN A 96 -24.39 -64.33 1.46
C ASN A 96 -24.74 -63.75 2.85
N THR A 97 -25.60 -64.44 3.59
CA THR A 97 -26.01 -64.00 4.91
C THR A 97 -24.83 -64.03 5.85
N PRO A 98 -24.39 -62.85 6.34
CA PRO A 98 -23.26 -62.95 7.24
C PRO A 98 -23.70 -63.41 8.59
N GLU A 99 -22.72 -63.83 9.41
CA GLU A 99 -22.97 -64.17 10.80
C GLU A 99 -23.34 -62.81 11.43
N HIS A 100 -24.37 -62.78 12.25
CA HIS A 100 -24.81 -61.49 12.80
C HIS A 100 -25.61 -61.69 14.04
N LYS A 101 -25.89 -60.55 14.66
CA LYS A 101 -26.66 -60.45 15.86
C LYS A 101 -27.48 -59.16 15.75
N PHE A 102 -28.36 -58.96 16.71
CA PHE A 102 -29.22 -57.79 16.75
C PHE A 102 -29.12 -57.17 18.11
N LYS A 103 -29.08 -55.84 18.13
CA LYS A 103 -29.05 -55.14 19.40
C LYS A 103 -29.59 -53.74 19.21
N SER A 104 -30.02 -53.15 20.31
CA SER A 104 -30.47 -51.76 20.30
C SER A 104 -29.39 -50.74 20.63
N ILE A 105 -29.39 -49.60 19.93
CA ILE A 105 -28.45 -48.53 20.16
C ILE A 105 -29.03 -47.62 21.26
N LYS A 106 -28.20 -47.11 22.16
CA LYS A 106 -28.68 -46.17 23.21
C LYS A 106 -28.30 -44.74 22.87
N ALA A 107 -28.95 -43.80 23.54
CA ALA A 107 -28.63 -42.41 23.35
C ALA A 107 -27.11 -42.17 23.48
N GLY A 108 -26.58 -41.32 22.62
CA GLY A 108 -25.17 -41.01 22.71
C GLY A 108 -24.28 -42.04 22.07
N GLU A 109 -24.85 -43.14 21.58
CA GLU A 109 -24.01 -44.17 20.93
C GLU A 109 -23.91 -44.00 19.40
N SER A 110 -22.75 -44.33 18.86
CA SER A 110 -22.55 -44.16 17.42
C SER A 110 -22.79 -45.45 16.65
N PHE A 111 -23.19 -45.36 15.40
CA PHE A 111 -23.30 -46.53 14.56
C PHE A 111 -23.20 -46.09 13.10
N ASN A 112 -23.13 -47.08 12.21
CA ASN A 112 -23.03 -46.85 10.77
C ASN A 112 -24.30 -47.02 9.99
N ILE A 113 -24.48 -46.15 9.03
CA ILE A 113 -25.61 -46.29 8.14
C ILE A 113 -25.11 -46.66 6.74
N LEU A 114 -25.77 -47.62 6.12
CA LEU A 114 -25.48 -47.95 4.71
C LEU A 114 -26.74 -47.41 4.01
N ALA A 115 -26.63 -46.20 3.43
CA ALA A 115 -27.71 -45.55 2.75
C ALA A 115 -27.93 -46.16 1.37
N CYS A 116 -29.17 -46.62 1.16
CA CYS A 116 -29.56 -47.31 -0.04
C CYS A 116 -30.64 -46.66 -0.80
N TYR A 117 -30.54 -46.78 -2.11
CA TYR A 117 -31.56 -46.22 -2.99
C TYR A 117 -32.22 -47.32 -3.77
N GLU A 118 -33.51 -47.48 -3.49
CA GLU A 118 -34.34 -48.50 -4.13
C GLU A 118 -33.61 -49.79 -4.45
N GLY A 119 -33.09 -50.42 -3.41
CA GLY A 119 -32.42 -51.68 -3.55
C GLY A 119 -30.92 -51.65 -3.73
N CYS A 120 -30.37 -50.49 -4.03
CA CYS A 120 -28.92 -50.40 -4.28
C CYS A 120 -28.07 -49.57 -3.26
N PRO A 121 -27.02 -50.19 -2.62
CA PRO A 121 -26.10 -49.56 -1.65
C PRO A 121 -25.53 -48.35 -2.37
N GLY A 122 -25.67 -47.18 -1.75
CA GLY A 122 -25.18 -45.97 -2.39
C GLY A 122 -24.09 -45.25 -1.61
N SER A 123 -24.19 -45.24 -0.29
CA SER A 123 -23.19 -44.55 0.54
C SER A 123 -23.15 -45.09 1.97
N VAL A 124 -22.03 -44.83 2.64
CA VAL A 124 -21.85 -45.28 4.04
C VAL A 124 -21.31 -44.09 4.83
N TYR A 125 -21.89 -43.87 6.03
CA TYR A 125 -21.54 -42.75 6.90
C TYR A 125 -21.92 -43.04 8.36
N GLY A 126 -21.26 -42.38 9.31
CA GLY A 126 -21.49 -42.65 10.71
C GLY A 126 -22.49 -41.66 11.27
N VAL A 127 -23.25 -42.11 12.25
CA VAL A 127 -24.26 -41.25 12.87
C VAL A 127 -24.14 -41.49 14.34
N ASN A 128 -24.97 -40.78 15.13
CA ASN A 128 -24.92 -40.96 16.57
C ASN A 128 -26.34 -40.73 17.11
N MET A 129 -26.81 -41.64 17.96
CA MET A 129 -28.20 -41.57 18.45
C MET A 129 -28.48 -40.41 19.43
N ARG A 130 -29.46 -39.59 19.09
CA ARG A 130 -29.91 -38.45 19.92
C ARG A 130 -30.82 -38.93 21.09
N SER A 131 -30.94 -38.10 22.12
CA SER A 131 -31.71 -38.49 23.32
C SER A 131 -33.18 -38.90 23.06
N GLN A 132 -33.83 -38.29 22.08
CA GLN A 132 -35.22 -38.57 21.79
C GLN A 132 -35.36 -39.78 20.90
N GLY A 133 -34.25 -40.43 20.59
CA GLY A 133 -34.26 -41.64 19.76
C GLY A 133 -34.16 -41.41 18.25
N THR A 134 -33.78 -40.23 17.81
CA THR A 134 -33.66 -39.94 16.37
C THR A 134 -32.17 -39.81 16.00
N ILE A 135 -31.89 -39.66 14.71
CA ILE A 135 -30.52 -39.47 14.28
C ILE A 135 -30.58 -38.37 13.27
N LYS A 136 -29.43 -37.74 13.04
CA LYS A 136 -29.36 -36.67 12.05
C LYS A 136 -28.57 -37.38 10.95
N GLY A 137 -29.30 -37.89 9.96
CA GLY A 137 -28.69 -38.61 8.84
C GLY A 137 -28.91 -37.81 7.58
N SER A 138 -28.96 -38.50 6.47
CA SER A 138 -29.17 -37.78 5.21
C SER A 138 -29.85 -38.86 4.51
N PHE A 139 -31.15 -38.70 4.45
CA PHE A 139 -32.00 -39.70 3.83
C PHE A 139 -32.87 -38.85 2.96
N ILE A 140 -33.09 -39.31 1.76
CA ILE A 140 -33.99 -38.61 0.87
C ILE A 140 -35.01 -39.67 0.43
N ALA A 141 -36.14 -39.22 -0.13
CA ALA A 141 -37.16 -40.18 -0.58
C ALA A 141 -36.50 -41.32 -1.38
N GLY A 142 -36.82 -42.55 -1.03
CA GLY A 142 -36.21 -43.69 -1.70
C GLY A 142 -35.16 -44.45 -0.87
N THR A 143 -34.73 -43.87 0.23
CA THR A 143 -33.73 -44.50 1.11
C THR A 143 -34.35 -45.16 2.34
N CYS A 144 -35.69 -45.13 2.47
CA CYS A 144 -36.38 -45.81 3.59
C CYS A 144 -35.96 -47.28 3.53
N GLY A 145 -35.85 -47.93 4.69
CA GLY A 145 -35.37 -49.30 4.69
C GLY A 145 -33.82 -49.37 4.79
N SER A 146 -33.10 -48.25 4.61
CA SER A 146 -31.63 -48.28 4.76
C SER A 146 -31.32 -48.83 6.16
N VAL A 147 -30.16 -49.45 6.26
CA VAL A 147 -29.72 -50.18 7.40
C VAL A 147 -28.58 -49.64 8.24
N GLY A 148 -28.79 -49.71 9.56
CA GLY A 148 -27.82 -49.25 10.56
C GLY A 148 -27.16 -50.49 11.20
N TYR A 149 -25.83 -50.47 11.37
CA TYR A 149 -25.15 -51.63 11.93
C TYR A 149 -23.92 -51.19 12.65
N VAL A 150 -23.38 -52.12 13.45
CA VAL A 150 -22.14 -51.86 14.14
C VAL A 150 -21.31 -53.13 14.19
N LEU A 151 -19.98 -52.97 14.15
CA LEU A 151 -19.04 -54.09 14.24
C LEU A 151 -18.30 -53.94 15.56
N GLU A 152 -18.34 -54.98 16.37
CA GLU A 152 -17.61 -54.93 17.64
C GLU A 152 -16.89 -56.27 17.80
N ASN A 153 -15.57 -56.22 17.95
CA ASN A 153 -14.76 -57.42 18.12
C ASN A 153 -15.07 -58.47 17.06
N GLY A 154 -15.23 -58.07 15.80
CA GLY A 154 -15.54 -59.06 14.78
C GLY A 154 -17.00 -59.52 14.71
N ILE A 155 -17.86 -59.03 15.62
CA ILE A 155 -19.28 -59.41 15.58
C ILE A 155 -20.08 -58.27 14.93
N LEU A 156 -20.85 -58.64 13.93
CA LEU A 156 -21.72 -57.71 13.22
C LEU A 156 -23.08 -57.68 13.90
N TYR A 157 -23.55 -56.48 14.20
CA TYR A 157 -24.88 -56.28 14.78
C TYR A 157 -25.70 -55.36 13.86
N PHE A 158 -26.94 -55.75 13.57
CA PHE A 158 -27.88 -54.91 12.82
C PHE A 158 -28.64 -54.17 13.96
N VAL A 159 -28.72 -52.85 13.86
CA VAL A 159 -29.30 -52.05 14.93
C VAL A 159 -30.38 -51.09 14.55
N TYR A 160 -30.48 -50.72 13.27
CA TYR A 160 -31.51 -49.75 12.86
C TYR A 160 -31.98 -49.95 11.43
N MET A 161 -33.25 -49.65 11.20
CA MET A 161 -33.80 -49.66 9.86
C MET A 161 -34.54 -48.35 9.76
N HIS A 162 -34.29 -47.60 8.70
CA HIS A 162 -34.89 -46.32 8.47
C HIS A 162 -36.35 -46.33 8.01
N HIS A 163 -37.19 -45.52 8.65
CA HIS A 163 -38.63 -45.41 8.31
C HIS A 163 -39.05 -44.04 7.81
N LEU A 164 -38.71 -42.98 8.54
CA LEU A 164 -39.26 -41.71 8.10
C LEU A 164 -38.54 -40.50 8.60
N GLU A 165 -38.96 -39.34 8.10
CA GLU A 165 -38.39 -38.08 8.51
C GLU A 165 -39.48 -37.21 9.16
N LEU A 166 -39.16 -36.60 10.28
CA LEU A 166 -40.11 -35.74 10.98
C LEU A 166 -40.05 -34.31 10.38
N GLY A 167 -41.10 -33.51 10.62
CA GLY A 167 -41.13 -32.15 10.10
C GLY A 167 -39.85 -31.39 10.41
N ASN A 168 -39.23 -31.61 11.55
CA ASN A 168 -38.00 -30.87 11.83
C ASN A 168 -36.76 -31.47 11.16
N GLY A 169 -36.92 -32.36 10.18
CA GLY A 169 -35.73 -32.92 9.54
C GLY A 169 -35.00 -34.07 10.22
N SER A 170 -35.34 -34.39 11.48
CA SER A 170 -34.74 -35.51 12.23
C SER A 170 -35.21 -36.85 11.70
N HIS A 171 -34.36 -37.86 11.82
CA HIS A 171 -34.67 -39.17 11.29
C HIS A 171 -35.04 -40.23 12.30
N VAL A 172 -36.05 -41.01 11.91
CA VAL A 172 -36.68 -42.03 12.70
C VAL A 172 -36.68 -43.44 12.11
N GLY A 173 -36.29 -44.38 12.95
CA GLY A 173 -36.26 -45.76 12.51
C GLY A 173 -36.51 -46.69 13.65
N SER A 174 -36.48 -48.00 13.37
CA SER A 174 -36.74 -48.99 14.37
C SER A 174 -35.55 -49.94 14.54
N ASN A 175 -35.61 -50.78 15.59
CA ASN A 175 -34.61 -51.83 15.78
C ASN A 175 -35.19 -53.08 15.12
N PHE A 176 -34.47 -54.21 15.22
CA PHE A 176 -34.95 -55.40 14.56
C PHE A 176 -35.94 -56.21 15.36
N GLU A 177 -36.34 -55.64 16.48
CA GLU A 177 -37.32 -56.24 17.35
C GLU A 177 -38.65 -55.61 16.89
N GLY A 178 -38.57 -54.66 15.95
CA GLY A 178 -39.74 -53.99 15.45
C GLY A 178 -40.20 -52.82 16.30
N GLU A 179 -39.40 -52.41 17.27
CA GLU A 179 -39.77 -51.28 18.10
C GLU A 179 -39.18 -50.00 17.49
N MET A 180 -40.00 -48.96 17.32
CA MET A 180 -39.48 -47.69 16.79
C MET A 180 -38.69 -46.97 17.86
N TYR A 181 -37.45 -46.58 17.56
CA TYR A 181 -36.63 -45.82 18.54
C TYR A 181 -37.40 -44.56 18.84
N GLY A 182 -37.51 -44.21 20.13
CA GLY A 182 -38.24 -43.01 20.50
C GLY A 182 -39.75 -43.14 20.53
N GLY A 183 -40.25 -44.30 20.13
CA GLY A 183 -41.68 -44.55 20.18
C GLY A 183 -42.49 -43.73 19.21
N TYR A 184 -41.85 -43.19 18.17
CA TYR A 184 -42.61 -42.42 17.17
C TYR A 184 -43.55 -43.34 16.37
N GLU A 185 -44.71 -42.85 15.91
CA GLU A 185 -45.61 -43.70 15.11
C GLU A 185 -45.22 -43.79 13.62
N ASP A 186 -45.41 -44.97 13.00
CA ASP A 186 -45.08 -45.06 11.57
C ASP A 186 -46.31 -44.57 10.75
N GLN A 187 -46.62 -43.28 10.90
CA GLN A 187 -47.75 -42.66 10.24
C GLN A 187 -47.27 -41.32 9.64
N PRO A 188 -47.94 -40.82 8.56
CA PRO A 188 -47.53 -39.53 7.96
C PRO A 188 -48.08 -38.37 8.79
N SER A 189 -47.94 -38.50 10.11
CA SER A 189 -48.41 -37.47 11.03
C SER A 189 -47.35 -36.42 11.29
N MET A 190 -47.78 -35.34 11.93
CA MET A 190 -46.96 -34.19 12.26
C MET A 190 -46.43 -34.29 13.67
N GLN A 191 -46.04 -35.48 14.09
CA GLN A 191 -45.50 -35.62 15.45
C GLN A 191 -44.21 -34.81 15.66
N LEU A 192 -44.01 -34.28 16.85
CA LEU A 192 -42.81 -33.49 17.14
C LEU A 192 -41.71 -34.34 17.73
N GLU A 193 -40.47 -33.87 17.63
CA GLU A 193 -39.33 -34.65 18.14
C GLU A 193 -39.17 -34.63 19.65
N GLY A 194 -39.37 -33.46 20.23
CA GLY A 194 -39.16 -33.38 21.66
C GLY A 194 -37.83 -32.68 21.89
N THR A 195 -37.60 -32.29 23.13
CA THR A 195 -36.38 -31.59 23.43
C THR A 195 -35.16 -32.46 23.31
N ASN A 196 -34.18 -31.96 22.57
CA ASN A 196 -32.97 -32.71 22.36
C ASN A 196 -31.96 -32.52 23.50
N VAL A 197 -31.48 -33.60 24.09
CA VAL A 197 -30.51 -33.50 25.17
C VAL A 197 -29.09 -33.91 24.72
N MET A 198 -28.18 -32.92 24.72
CA MET A 198 -26.78 -33.12 24.32
C MET A 198 -26.00 -34.05 25.21
N SER A 199 -25.25 -34.96 24.60
CA SER A 199 -24.44 -35.92 25.32
C SER A 199 -23.11 -35.28 25.78
N SER A 200 -22.90 -35.20 27.10
CA SER A 200 -21.73 -34.54 27.68
C SER A 200 -20.42 -35.25 27.48
N ASP A 201 -20.41 -36.57 27.72
CA ASP A 201 -19.20 -37.29 27.50
C ASP A 201 -18.76 -37.09 26.03
N ASN A 202 -19.70 -37.11 25.06
CA ASN A 202 -19.34 -36.91 23.64
C ASN A 202 -18.82 -35.47 23.37
N VAL A 203 -19.41 -34.47 24.03
CA VAL A 203 -18.96 -33.13 23.84
C VAL A 203 -17.55 -32.94 24.41
N VAL A 204 -17.23 -33.59 25.54
CA VAL A 204 -15.87 -33.48 26.11
C VAL A 204 -14.87 -34.15 25.16
N ALA A 205 -15.30 -35.27 24.60
CA ALA A 205 -14.40 -35.98 23.67
C ALA A 205 -14.02 -35.05 22.51
N PHE A 206 -15.03 -34.35 22.01
CA PHE A 206 -14.91 -33.45 20.85
C PHE A 206 -13.95 -32.28 21.15
N LEU A 207 -14.12 -31.73 22.36
CA LEU A 207 -13.26 -30.61 22.81
C LEU A 207 -11.84 -31.12 22.97
N TYR A 208 -11.68 -32.37 23.44
CA TYR A 208 -10.36 -32.91 23.58
C TYR A 208 -9.75 -33.04 22.21
N ALA A 209 -10.54 -33.46 21.24
CA ALA A 209 -10.00 -33.60 19.90
C ALA A 209 -9.56 -32.26 19.33
N ALA A 210 -10.28 -31.21 19.69
CA ALA A 210 -9.99 -29.87 19.21
C ALA A 210 -8.65 -29.44 19.79
N LEU A 211 -8.40 -29.75 21.04
CA LEU A 211 -7.12 -29.44 21.68
C LEU A 211 -6.02 -30.19 20.95
N ILE A 212 -6.17 -31.49 20.85
CA ILE A 212 -5.14 -32.28 20.19
C ILE A 212 -4.90 -31.74 18.78
N ASN A 213 -5.98 -31.37 18.10
CA ASN A 213 -5.87 -30.84 16.74
C ASN A 213 -5.33 -29.40 16.71
N GLY A 214 -5.11 -28.77 17.86
CA GLY A 214 -4.53 -27.43 17.83
C GLY A 214 -5.33 -26.20 18.16
N GLU A 215 -6.59 -26.35 18.52
CA GLU A 215 -7.39 -25.19 18.83
C GLU A 215 -7.47 -25.09 20.32
N ARG A 216 -7.24 -23.88 20.85
CA ARG A 216 -7.24 -23.69 22.30
C ARG A 216 -8.09 -22.52 22.76
N TRP A 217 -8.45 -21.64 21.85
CA TRP A 217 -9.20 -20.45 22.20
C TRP A 217 -10.29 -20.56 23.24
N PHE A 218 -10.92 -21.73 23.35
CA PHE A 218 -12.02 -21.95 24.29
C PHE A 218 -11.60 -22.42 25.71
N VAL A 219 -10.31 -22.64 25.89
CA VAL A 219 -9.77 -23.13 27.16
C VAL A 219 -9.34 -21.95 27.98
N THR A 220 -9.79 -21.92 29.23
CA THR A 220 -9.43 -20.84 30.13
C THR A 220 -8.84 -21.24 31.47
N ASN A 221 -8.38 -20.21 32.17
CA ASN A 221 -7.76 -20.27 33.49
C ASN A 221 -8.79 -20.73 34.54
N THR A 222 -9.62 -21.70 34.18
CA THR A 222 -10.67 -22.13 35.08
C THR A 222 -10.99 -23.63 35.07
N SER A 223 -11.69 -24.05 36.11
CA SER A 223 -12.10 -25.46 36.28
C SER A 223 -13.48 -25.52 36.93
N MET A 224 -14.31 -26.46 36.52
CA MET A 224 -15.64 -26.62 37.11
C MET A 224 -15.66 -28.10 37.50
N SER A 225 -15.86 -28.35 38.80
CA SER A 225 -15.83 -29.72 39.32
C SER A 225 -16.95 -30.57 38.76
N LEU A 226 -16.68 -31.88 38.72
CA LEU A 226 -17.63 -32.86 38.18
C LEU A 226 -19.01 -32.64 38.74
N GLU A 227 -19.09 -32.67 40.07
CA GLU A 227 -20.34 -32.52 40.76
C GLU A 227 -21.15 -31.25 40.39
N SER A 228 -20.52 -30.06 40.34
CA SER A 228 -21.23 -28.82 39.97
C SER A 228 -21.70 -28.80 38.51
N TYR A 229 -20.85 -29.29 37.59
CA TYR A 229 -21.24 -29.35 36.17
C TYR A 229 -22.53 -30.19 36.05
N ASN A 230 -22.49 -31.39 36.63
CA ASN A 230 -23.65 -32.29 36.55
C ASN A 230 -24.92 -31.62 37.01
N THR A 231 -24.76 -30.53 37.79
CA THR A 231 -25.89 -29.76 38.33
C THR A 231 -26.45 -28.77 37.31
N TRP A 232 -25.54 -28.10 36.58
CA TRP A 232 -25.92 -27.16 35.53
C TRP A 232 -26.56 -28.00 34.40
N ALA A 233 -25.95 -29.15 34.15
CA ALA A 233 -26.39 -30.09 33.11
C ALA A 233 -27.87 -30.37 33.17
N LYS A 234 -28.37 -30.75 34.35
CA LYS A 234 -29.79 -31.05 34.49
C LYS A 234 -30.82 -30.05 34.02
N THR A 235 -30.53 -28.74 33.99
CA THR A 235 -31.55 -27.82 33.50
C THR A 235 -31.19 -27.15 32.20
N ASN A 236 -30.12 -27.66 31.57
CA ASN A 236 -29.70 -27.13 30.29
C ASN A 236 -29.46 -28.20 29.21
N SER A 237 -30.41 -29.11 29.07
CA SER A 237 -30.41 -30.17 28.06
C SER A 237 -29.03 -30.73 27.78
N PHE A 238 -28.44 -31.30 28.82
CA PHE A 238 -27.14 -31.89 28.74
C PHE A 238 -27.19 -33.05 29.71
N THR A 239 -26.48 -34.14 29.42
CA THR A 239 -26.48 -35.32 30.27
C THR A 239 -25.45 -35.21 31.39
N GLU A 240 -25.53 -36.16 32.31
CA GLU A 240 -24.64 -36.21 33.45
C GLU A 240 -23.37 -37.00 33.12
N LEU A 241 -22.26 -36.66 33.77
CA LEU A 241 -20.99 -37.31 33.50
C LEU A 241 -20.56 -38.29 34.63
N SER A 242 -20.75 -39.58 34.41
CA SER A 242 -20.41 -40.61 35.39
C SER A 242 -19.04 -40.39 36.02
N SER A 243 -18.02 -40.34 35.19
CA SER A 243 -16.69 -40.13 35.69
C SER A 243 -15.82 -39.55 34.58
N THR A 244 -14.59 -39.29 34.96
CA THR A 244 -13.61 -38.71 34.11
C THR A 244 -12.69 -39.87 33.71
N ASP A 245 -13.06 -41.07 34.17
CA ASP A 245 -12.34 -42.31 33.90
C ASP A 245 -12.00 -42.52 32.40
N ALA A 246 -12.95 -42.21 31.53
CA ALA A 246 -12.78 -42.39 30.09
C ALA A 246 -11.69 -41.56 29.42
N PHE A 247 -11.43 -40.36 29.96
CA PHE A 247 -10.48 -39.42 29.37
C PHE A 247 -9.01 -39.46 29.79
N SER A 248 -8.65 -40.38 30.69
CA SER A 248 -7.30 -40.49 31.18
C SER A 248 -6.27 -40.16 30.12
N MET A 249 -6.24 -40.92 29.03
CA MET A 249 -5.22 -40.64 28.01
C MET A 249 -5.37 -39.29 27.29
N LEU A 250 -6.59 -38.81 27.11
CA LEU A 250 -6.78 -37.54 26.42
C LEU A 250 -6.28 -36.44 27.33
N ALA A 251 -6.79 -36.45 28.57
CA ALA A 251 -6.42 -35.49 29.60
C ALA A 251 -4.90 -35.53 29.80
N ALA A 252 -4.34 -36.73 29.75
CA ALA A 252 -2.91 -36.90 29.92
C ALA A 252 -2.05 -36.27 28.83
N LYS A 253 -2.46 -36.41 27.56
CA LYS A 253 -1.62 -35.89 26.46
C LYS A 253 -1.86 -34.41 26.13
N THR A 254 -3.00 -33.90 26.54
CA THR A 254 -3.32 -32.51 26.23
C THR A 254 -2.90 -31.67 27.38
N GLY A 255 -2.91 -32.31 28.54
CA GLY A 255 -2.56 -31.60 29.74
C GLY A 255 -3.77 -30.93 30.33
N GLN A 256 -4.92 -31.04 29.69
CA GLN A 256 -6.15 -30.44 30.25
C GLN A 256 -6.91 -31.54 30.96
N SER A 257 -7.10 -31.40 32.26
CA SER A 257 -7.85 -32.44 32.96
C SER A 257 -9.29 -32.10 32.65
N VAL A 258 -10.13 -33.13 32.66
CA VAL A 258 -11.54 -33.04 32.32
C VAL A 258 -12.33 -31.91 32.90
N GLU A 259 -12.16 -31.66 34.17
CA GLU A 259 -12.94 -30.61 34.80
C GLU A 259 -12.74 -29.21 34.16
N LYS A 260 -11.60 -28.99 33.51
CA LYS A 260 -11.42 -27.70 32.82
C LYS A 260 -12.33 -27.71 31.59
N LEU A 261 -12.32 -28.82 30.83
CA LEU A 261 -13.17 -28.86 29.65
C LEU A 261 -14.63 -28.69 30.03
N LEU A 262 -15.04 -29.22 31.20
CA LEU A 262 -16.45 -29.08 31.63
C LEU A 262 -16.86 -27.62 31.78
N ASP A 263 -15.87 -26.81 32.20
CA ASP A 263 -16.03 -25.37 32.37
C ASP A 263 -16.26 -24.74 30.97
N SER A 264 -15.48 -25.16 29.97
CA SER A 264 -15.66 -24.65 28.61
C SER A 264 -17.07 -24.90 28.07
N ILE A 265 -17.59 -26.11 28.27
CA ILE A 265 -18.92 -26.41 27.79
C ILE A 265 -19.94 -25.43 28.31
N VAL A 266 -19.94 -25.26 29.62
CA VAL A 266 -20.92 -24.35 30.23
C VAL A 266 -20.85 -22.97 29.56
N ARG A 267 -19.64 -22.50 29.30
CA ARG A 267 -19.47 -21.18 28.71
C ARG A 267 -19.64 -21.08 27.18
N LEU A 268 -19.64 -22.20 26.47
CA LEU A 268 -19.87 -22.13 25.03
C LEU A 268 -21.35 -22.25 24.63
N ASN A 269 -22.14 -22.94 25.45
CA ASN A 269 -23.57 -23.11 25.21
C ASN A 269 -24.24 -21.78 24.75
N LYS A 270 -23.78 -20.64 25.26
CA LYS A 270 -24.39 -19.35 24.87
C LYS A 270 -23.95 -18.80 23.50
N GLY A 271 -23.02 -19.50 22.84
CA GLY A 271 -22.54 -19.06 21.53
C GLY A 271 -21.03 -19.04 21.47
N PHE A 272 -20.48 -19.22 20.28
CA PHE A 272 -19.04 -19.22 20.10
C PHE A 272 -18.55 -17.82 19.80
N GLY A 273 -19.47 -16.87 19.75
CA GLY A 273 -19.08 -15.49 19.47
C GLY A 273 -18.44 -15.37 18.10
N GLY A 274 -18.93 -16.20 17.19
CA GLY A 274 -18.45 -16.16 15.82
C GLY A 274 -17.26 -17.03 15.55
N ARG A 275 -16.71 -17.69 16.54
CA ARG A 275 -15.53 -18.54 16.32
C ARG A 275 -15.94 -19.94 15.94
N THR A 276 -15.00 -20.84 15.70
CA THR A 276 -15.38 -22.20 15.34
C THR A 276 -14.47 -23.17 16.09
N ILE A 277 -14.87 -24.45 16.14
CA ILE A 277 -14.06 -25.51 16.79
C ILE A 277 -14.13 -26.68 15.79
N LEU A 278 -12.98 -27.11 15.27
CA LEU A 278 -12.90 -28.13 14.23
C LEU A 278 -13.95 -27.73 13.13
N SER A 279 -13.97 -26.44 12.78
CA SER A 279 -14.86 -25.89 11.74
C SER A 279 -16.34 -25.66 12.06
N TYR A 280 -16.82 -26.19 13.18
CA TYR A 280 -18.21 -26.00 13.56
C TYR A 280 -18.43 -24.74 14.38
N GLY A 281 -19.61 -24.15 14.16
CA GLY A 281 -20.04 -22.96 14.85
C GLY A 281 -20.76 -23.21 16.15
N SER A 282 -20.97 -24.48 16.54
CA SER A 282 -21.61 -24.80 17.82
C SER A 282 -21.07 -26.12 18.37
N LEU A 283 -21.48 -26.52 19.58
CA LEU A 283 -20.92 -27.75 20.11
C LEU A 283 -21.40 -29.01 19.37
N CYS A 284 -20.53 -30.01 19.31
CA CYS A 284 -20.84 -31.24 18.61
C CYS A 284 -20.82 -32.42 19.53
N ASP A 285 -21.91 -33.17 19.53
CA ASP A 285 -21.94 -34.34 20.41
C ASP A 285 -22.03 -35.64 19.58
N GLU A 286 -21.57 -35.59 18.35
CA GLU A 286 -21.64 -36.74 17.47
C GLU A 286 -20.54 -37.78 17.64
N PHE A 287 -19.51 -37.49 18.43
CA PHE A 287 -18.43 -38.45 18.63
C PHE A 287 -18.35 -38.90 20.08
N THR A 288 -18.19 -40.20 20.28
CA THR A 288 -18.05 -40.79 21.61
C THR A 288 -16.60 -40.74 22.06
N PRO A 289 -16.34 -40.91 23.37
CA PRO A 289 -14.96 -40.89 23.85
C PRO A 289 -14.10 -41.96 23.15
N THR A 290 -14.66 -43.14 22.98
CA THR A 290 -13.96 -44.24 22.30
C THR A 290 -13.65 -43.92 20.85
N GLU A 291 -14.61 -43.31 20.17
CA GLU A 291 -14.43 -42.93 18.78
C GLU A 291 -13.27 -41.94 18.63
N VAL A 292 -13.23 -40.98 19.54
CA VAL A 292 -12.19 -39.96 19.53
C VAL A 292 -10.84 -40.53 19.93
N ILE A 293 -10.81 -41.32 20.99
CA ILE A 293 -9.54 -41.95 21.43
C ILE A 293 -8.91 -42.76 20.31
N ARG A 294 -9.69 -43.61 19.65
CA ARG A 294 -9.14 -44.39 18.56
C ARG A 294 -8.56 -43.48 17.46
N GLN A 295 -9.17 -42.34 17.18
CA GLN A 295 -8.62 -41.46 16.14
C GLN A 295 -7.46 -40.59 16.65
N MET A 296 -7.49 -40.19 17.91
CA MET A 296 -6.39 -39.41 18.45
C MET A 296 -5.26 -40.42 18.56
N TYR A 297 -4.26 -40.24 19.41
CA TYR A 297 -3.27 -41.30 19.29
C TYR A 297 -3.80 -42.71 19.45
N GLY A 298 -3.75 -43.37 18.29
CA GLY A 298 -4.23 -44.71 18.02
C GLY A 298 -4.12 -45.92 18.91
N VAL A 299 -5.25 -46.64 18.93
CA VAL A 299 -5.47 -47.86 19.69
C VAL A 299 -4.94 -49.06 18.89
N SER B 1 -32.53 -33.10 5.64
CA SER B 1 -31.28 -33.89 5.83
C SER B 1 -30.11 -33.03 5.39
N GLY B 2 -29.51 -32.27 6.31
CA GLY B 2 -28.38 -31.40 5.97
C GLY B 2 -27.25 -32.04 5.12
N LEU B 3 -26.19 -31.24 4.84
CA LEU B 3 -25.05 -31.73 4.05
C LEU B 3 -23.94 -32.43 4.85
N ARG B 4 -23.83 -33.76 4.74
CA ARG B 4 -22.74 -34.46 5.42
C ARG B 4 -21.87 -35.25 4.42
N LYS B 5 -20.60 -35.37 4.75
CA LYS B 5 -19.67 -36.08 3.88
C LYS B 5 -19.92 -37.62 3.94
N MET B 6 -19.99 -38.28 2.78
CA MET B 6 -20.22 -39.75 2.77
C MET B 6 -19.13 -40.41 1.96
N ALA B 7 -19.07 -41.75 2.03
CA ALA B 7 -18.13 -42.54 1.23
C ALA B 7 -19.00 -43.51 0.42
N GLN B 8 -18.50 -43.94 -0.73
CA GLN B 8 -19.25 -44.92 -1.50
C GLN B 8 -18.94 -46.22 -0.81
N PRO B 9 -19.77 -47.25 -0.98
CA PRO B 9 -19.57 -48.53 -0.31
C PRO B 9 -18.19 -49.13 -0.55
N SER B 10 -17.68 -49.85 0.44
CA SER B 10 -16.33 -50.41 0.38
C SER B 10 -16.19 -51.86 0.02
N GLY B 11 -17.29 -52.56 -0.25
CA GLY B 11 -17.14 -53.99 -0.45
C GLY B 11 -16.20 -54.56 -1.54
N LEU B 12 -16.08 -53.87 -2.65
CA LEU B 12 -15.23 -54.33 -3.73
C LEU B 12 -13.77 -54.24 -3.39
N VAL B 13 -13.42 -53.25 -2.57
CA VAL B 13 -12.06 -52.97 -2.12
C VAL B 13 -11.51 -53.77 -0.97
N GLU B 14 -12.34 -53.99 0.06
CA GLU B 14 -11.91 -54.75 1.25
C GLU B 14 -11.12 -56.08 1.03
N PRO B 15 -11.55 -56.92 0.10
CA PRO B 15 -10.86 -58.22 -0.19
C PRO B 15 -9.46 -57.99 -0.73
N CYS B 16 -9.14 -56.75 -1.13
CA CYS B 16 -7.82 -56.49 -1.66
C CYS B 16 -6.78 -55.94 -0.70
N ILE B 17 -7.20 -55.67 0.53
CA ILE B 17 -6.29 -55.15 1.49
C ILE B 17 -5.48 -56.30 2.11
N VAL B 18 -4.15 -56.14 2.16
CA VAL B 18 -3.27 -57.14 2.79
C VAL B 18 -2.34 -56.46 3.77
N ARG B 19 -1.77 -57.25 4.69
CA ARG B 19 -0.78 -56.77 5.67
C ARG B 19 0.64 -56.93 5.06
N VAL B 20 1.47 -55.88 5.11
CA VAL B 20 2.83 -55.96 4.62
C VAL B 20 3.78 -55.53 5.71
N SER B 21 4.70 -56.42 6.11
CA SER B 21 5.76 -56.06 7.08
C SER B 21 7.11 -56.46 6.51
N TYR B 22 8.13 -55.74 6.97
CA TYR B 22 9.54 -55.92 6.56
C TYR B 22 10.28 -55.28 7.70
N GLY B 23 11.17 -56.04 8.35
CA GLY B 23 11.89 -55.46 9.49
C GLY B 23 10.85 -55.12 10.52
N ASN B 24 11.02 -53.98 11.16
CA ASN B 24 10.12 -53.51 12.21
C ASN B 24 8.98 -52.64 11.65
N ASN B 25 8.84 -52.59 10.33
CA ASN B 25 7.79 -51.78 9.71
C ASN B 25 6.57 -52.59 9.29
N VAL B 26 5.38 -52.12 9.66
CA VAL B 26 4.17 -52.79 9.27
C VAL B 26 3.18 -51.79 8.69
N LEU B 27 2.60 -52.14 7.57
CA LEU B 27 1.62 -51.29 6.94
C LEU B 27 0.75 -52.09 6.03
N ASN B 28 0.00 -51.39 5.19
CA ASN B 28 -0.99 -52.01 4.34
C ASN B 28 -0.57 -52.00 2.89
N GLY B 29 -1.07 -52.97 2.15
CA GLY B 29 -0.81 -53.02 0.73
C GLY B 29 -2.11 -53.30 0.01
N LEU B 30 -2.06 -53.28 -1.32
CA LEU B 30 -3.25 -53.52 -2.16
C LEU B 30 -2.87 -54.68 -3.11
N TRP B 31 -3.67 -55.76 -3.05
CA TRP B 31 -3.46 -56.99 -3.79
C TRP B 31 -4.45 -57.17 -4.94
N LEU B 32 -3.97 -56.96 -6.16
CA LEU B 32 -4.75 -57.09 -7.40
C LEU B 32 -3.96 -58.10 -8.31
N GLY B 33 -4.60 -59.15 -8.81
CA GLY B 33 -3.86 -60.14 -9.59
C GLY B 33 -2.71 -60.75 -8.80
N ASP B 34 -1.56 -60.92 -9.45
CA ASP B 34 -0.40 -61.48 -8.76
C ASP B 34 0.56 -60.40 -8.20
N GLU B 35 0.05 -59.18 -7.96
CA GLU B 35 0.88 -58.10 -7.40
C GLU B 35 0.31 -57.43 -6.15
N VAL B 36 1.20 -56.94 -5.30
CA VAL B 36 0.81 -56.20 -4.10
C VAL B 36 1.56 -54.89 -4.21
N ILE B 37 0.85 -53.77 -4.04
CA ILE B 37 1.47 -52.44 -4.08
C ILE B 37 1.40 -51.86 -2.66
N CYS B 38 2.44 -51.18 -2.19
CA CYS B 38 2.38 -50.57 -0.87
C CYS B 38 3.44 -49.45 -0.85
N PRO B 39 3.43 -48.57 0.19
CA PRO B 39 4.45 -47.52 0.16
C PRO B 39 5.84 -48.19 0.20
N ARG B 40 6.77 -47.60 -0.54
CA ARG B 40 8.12 -48.16 -0.57
C ARG B 40 8.86 -47.95 0.76
N HIS B 41 8.49 -46.95 1.55
CA HIS B 41 9.24 -46.74 2.80
C HIS B 41 9.16 -47.95 3.80
N VAL B 42 8.26 -48.92 3.53
CA VAL B 42 8.21 -50.12 4.37
C VAL B 42 9.60 -50.87 4.38
N ILE B 43 10.42 -50.76 3.32
CA ILE B 43 11.70 -51.49 3.33
C ILE B 43 12.80 -50.63 3.91
N ALA B 44 12.50 -49.42 4.37
CA ALA B 44 13.54 -48.60 4.92
C ALA B 44 13.99 -49.02 6.33
N SER B 45 15.30 -49.08 6.54
CA SER B 45 15.87 -49.46 7.84
C SER B 45 15.45 -48.53 8.99
N ASP B 46 15.48 -47.24 8.75
CA ASP B 46 15.08 -46.25 9.76
C ASP B 46 14.28 -45.14 9.06
N THR B 47 12.94 -45.21 9.12
CA THR B 47 12.16 -44.19 8.42
C THR B 47 12.19 -42.84 9.09
N THR B 48 12.97 -42.72 10.16
CA THR B 48 13.08 -41.48 10.91
C THR B 48 14.13 -40.52 10.39
N ARG B 49 15.10 -41.03 9.66
CA ARG B 49 16.16 -40.20 9.11
C ARG B 49 16.14 -40.37 7.58
N VAL B 50 16.84 -39.52 6.85
CA VAL B 50 16.85 -39.59 5.39
C VAL B 50 17.17 -41.01 4.88
N ILE B 51 16.38 -41.47 3.93
CA ILE B 51 16.52 -42.80 3.37
C ILE B 51 17.19 -42.78 2.01
N ASN B 52 18.10 -43.72 1.79
CA ASN B 52 18.75 -43.83 0.50
C ASN B 52 18.02 -45.02 -0.09
N TYR B 53 16.99 -44.74 -0.88
CA TYR B 53 16.20 -45.85 -1.41
C TYR B 53 16.93 -46.80 -2.34
N GLU B 54 17.92 -46.32 -3.08
CA GLU B 54 18.64 -47.26 -3.95
C GLU B 54 19.34 -48.34 -3.12
N ASN B 55 20.01 -47.94 -2.04
CA ASN B 55 20.67 -48.90 -1.14
C ASN B 55 19.71 -49.84 -0.42
N GLU B 56 18.59 -49.30 0.08
CA GLU B 56 17.64 -50.17 0.78
C GLU B 56 17.19 -51.28 -0.15
N MET B 57 17.00 -50.95 -1.43
CA MET B 57 16.61 -51.93 -2.41
C MET B 57 17.75 -52.94 -2.70
N SER B 58 18.98 -52.45 -2.87
CA SER B 58 20.12 -53.37 -3.15
C SER B 58 20.28 -54.37 -1.99
N SER B 59 19.98 -53.96 -0.76
CA SER B 59 20.13 -54.86 0.38
C SER B 59 18.92 -55.69 0.68
N VAL B 60 17.87 -55.51 -0.11
CA VAL B 60 16.60 -56.20 0.12
C VAL B 60 16.59 -57.75 0.09
N ARG B 61 15.99 -58.39 1.07
CA ARG B 61 15.91 -59.85 1.01
C ARG B 61 14.43 -60.23 0.97
N LEU B 62 14.05 -60.86 -0.13
CA LEU B 62 12.66 -61.17 -0.35
C LEU B 62 11.88 -61.98 0.66
N HIS B 63 12.56 -62.91 1.31
CA HIS B 63 11.92 -63.78 2.29
C HIS B 63 11.77 -63.02 3.61
N ASN B 64 12.24 -61.78 3.67
CA ASN B 64 12.06 -61.00 4.89
C ASN B 64 10.72 -60.23 4.88
N PHE B 65 10.03 -60.27 3.74
CA PHE B 65 8.71 -59.65 3.59
C PHE B 65 7.69 -60.63 4.15
N SER B 66 6.70 -60.11 4.89
CA SER B 66 5.61 -60.96 5.30
C SER B 66 4.40 -60.29 4.69
N VAL B 67 3.73 -60.94 3.74
CA VAL B 67 2.57 -60.36 3.10
C VAL B 67 1.36 -61.26 3.32
N SER B 68 0.29 -60.75 3.96
CA SER B 68 -0.84 -61.63 4.22
C SER B 68 -2.21 -61.00 4.20
N LYS B 69 -3.19 -61.80 3.78
CA LYS B 69 -4.56 -61.32 3.77
C LYS B 69 -5.07 -61.96 5.06
N ASN B 70 -5.56 -63.17 5.11
CA ASN B 70 -5.89 -63.40 6.57
C ASN B 70 -4.94 -64.48 7.01
N ASN B 71 -5.32 -65.72 6.76
CA ASN B 71 -4.46 -66.86 7.04
C ASN B 71 -3.72 -67.11 5.75
N VAL B 72 -4.00 -66.31 4.72
CA VAL B 72 -3.36 -66.49 3.44
C VAL B 72 -2.04 -65.72 3.36
N PHE B 73 -0.94 -66.46 3.19
CA PHE B 73 0.39 -65.85 3.08
C PHE B 73 0.89 -65.79 1.65
N LEU B 74 1.40 -64.64 1.24
CA LEU B 74 1.83 -64.50 -0.14
C LEU B 74 3.35 -64.40 -0.29
N GLY B 75 3.97 -65.44 -0.84
CA GLY B 75 5.43 -65.40 -1.07
C GLY B 75 5.76 -64.30 -2.07
N VAL B 76 6.75 -63.48 -1.76
CA VAL B 76 7.16 -62.41 -2.66
C VAL B 76 8.26 -62.97 -3.58
N VAL B 77 7.98 -63.07 -4.87
CA VAL B 77 8.94 -63.59 -5.84
C VAL B 77 9.81 -62.49 -6.47
N SER B 78 9.39 -61.21 -6.37
CA SER B 78 10.21 -60.08 -6.83
C SER B 78 9.72 -58.74 -6.25
N ALA B 79 10.62 -57.75 -6.23
CA ALA B 79 10.25 -56.41 -5.74
C ALA B 79 10.94 -55.33 -6.57
N ARG B 80 10.18 -54.30 -6.95
CA ARG B 80 10.74 -53.18 -7.71
C ARG B 80 9.99 -51.93 -7.27
N TYR B 81 10.63 -50.77 -7.43
CA TYR B 81 9.96 -49.49 -7.07
C TYR B 81 9.27 -49.07 -8.35
N LYS B 82 8.11 -48.39 -8.23
CA LYS B 82 7.42 -47.76 -9.38
C LYS B 82 7.17 -46.40 -8.74
N GLY B 83 8.11 -45.49 -8.90
CA GLY B 83 8.02 -44.21 -8.21
C GLY B 83 8.09 -44.37 -6.69
N VAL B 84 7.13 -43.80 -5.91
CA VAL B 84 7.24 -43.96 -4.48
C VAL B 84 6.55 -45.21 -3.99
N ASN B 85 6.03 -46.05 -4.88
CA ASN B 85 5.38 -47.25 -4.43
C ASN B 85 6.33 -48.47 -4.68
N LEU B 86 6.23 -49.49 -3.83
CA LEU B 86 6.93 -50.75 -4.02
C LEU B 86 5.88 -51.67 -4.70
N VAL B 87 6.27 -52.45 -5.71
CA VAL B 87 5.34 -53.36 -6.38
C VAL B 87 5.91 -54.77 -6.15
N LEU B 88 5.17 -55.61 -5.44
CA LEU B 88 5.63 -56.95 -5.08
C LEU B 88 4.90 -57.97 -5.90
N LYS B 89 5.65 -58.70 -6.71
CA LYS B 89 5.07 -59.79 -7.46
C LYS B 89 4.97 -60.92 -6.41
N VAL B 90 3.82 -61.58 -6.29
CA VAL B 90 3.66 -62.61 -5.25
C VAL B 90 3.20 -63.89 -5.87
N ASN B 91 3.25 -64.99 -5.12
CA ASN B 91 2.91 -66.31 -5.67
C ASN B 91 1.46 -66.77 -5.79
N GLN B 92 0.49 -65.87 -5.59
CA GLN B 92 -0.93 -66.17 -5.75
C GLN B 92 -1.65 -64.96 -6.34
N VAL B 93 -2.60 -65.25 -7.21
CA VAL B 93 -3.45 -64.24 -7.80
C VAL B 93 -4.61 -64.07 -6.78
N ASN B 94 -4.96 -62.83 -6.47
CA ASN B 94 -6.06 -62.55 -5.56
C ASN B 94 -7.36 -63.04 -6.24
N PRO B 95 -7.99 -64.10 -5.69
CA PRO B 95 -9.20 -64.58 -6.31
C PRO B 95 -10.36 -63.55 -6.26
N ASN B 96 -10.23 -62.48 -5.46
CA ASN B 96 -11.35 -61.51 -5.38
C ASN B 96 -10.97 -60.15 -6.00
N THR B 97 -10.05 -60.17 -6.97
CA THR B 97 -9.63 -58.97 -7.67
C THR B 97 -10.83 -58.42 -8.38
N PRO B 98 -11.22 -57.18 -8.02
CA PRO B 98 -12.41 -56.70 -8.73
C PRO B 98 -12.01 -56.16 -10.10
N GLU B 99 -12.96 -55.93 -10.99
CA GLU B 99 -12.64 -55.33 -12.29
C GLU B 99 -12.38 -53.88 -11.91
N HIS B 100 -11.31 -53.29 -12.43
CA HIS B 100 -10.94 -51.93 -12.06
C HIS B 100 -10.04 -51.20 -13.05
N LYS B 101 -9.82 -49.90 -12.83
CA LYS B 101 -8.89 -49.09 -13.61
C LYS B 101 -8.16 -48.21 -12.58
N PHE B 102 -7.24 -47.40 -13.08
CA PHE B 102 -6.43 -46.51 -12.29
C PHE B 102 -6.56 -45.15 -12.89
N LYS B 103 -6.64 -44.12 -12.05
CA LYS B 103 -6.63 -42.77 -12.55
C LYS B 103 -6.19 -41.82 -11.43
N SER B 104 -5.87 -40.57 -11.76
CA SER B 104 -5.40 -39.60 -10.76
C SER B 104 -6.53 -38.61 -10.47
N ILE B 105 -6.58 -38.15 -9.21
CA ILE B 105 -7.59 -37.18 -8.75
C ILE B 105 -7.03 -35.78 -8.94
N LYS B 106 -7.87 -34.85 -9.37
CA LYS B 106 -7.43 -33.47 -9.57
C LYS B 106 -7.89 -32.57 -8.40
N ALA B 107 -7.28 -31.39 -8.29
CA ALA B 107 -7.66 -30.47 -7.24
C ALA B 107 -9.17 -30.30 -7.25
N GLY B 108 -9.76 -30.24 -6.06
CA GLY B 108 -11.19 -30.07 -5.98
C GLY B 108 -12.05 -31.32 -6.17
N GLU B 109 -11.45 -32.47 -6.54
CA GLU B 109 -12.28 -33.66 -6.72
C GLU B 109 -12.38 -34.51 -5.44
N SER B 110 -13.51 -35.17 -5.23
CA SER B 110 -13.66 -35.99 -4.06
C SER B 110 -13.43 -37.48 -4.35
N PHE B 111 -13.08 -38.21 -3.31
CA PHE B 111 -12.92 -39.66 -3.42
C PHE B 111 -13.09 -40.29 -2.01
N ASN B 112 -13.00 -41.61 -1.95
CA ASN B 112 -13.21 -42.38 -0.73
C ASN B 112 -11.90 -42.91 -0.22
N ILE B 113 -11.79 -42.97 1.08
CA ILE B 113 -10.63 -43.54 1.76
C ILE B 113 -11.11 -44.76 2.58
N LEU B 114 -10.46 -45.90 2.36
CA LEU B 114 -10.67 -47.13 3.16
C LEU B 114 -9.40 -47.15 4.06
N ALA B 115 -9.56 -46.64 5.30
CA ALA B 115 -8.48 -46.54 6.26
C ALA B 115 -8.28 -47.95 6.82
N CYS B 116 -7.04 -48.40 6.80
CA CYS B 116 -6.71 -49.75 7.21
C CYS B 116 -5.62 -49.73 8.23
N TYR B 117 -5.64 -50.73 9.12
CA TYR B 117 -4.67 -50.81 10.21
C TYR B 117 -4.00 -52.16 10.16
N GLU B 118 -2.71 -52.16 9.87
CA GLU B 118 -1.99 -53.42 9.75
C GLU B 118 -2.69 -54.50 8.91
N GLY B 119 -3.20 -54.11 7.75
CA GLY B 119 -3.79 -55.08 6.86
C GLY B 119 -5.24 -55.36 7.04
N CYS B 120 -5.90 -54.69 8.01
CA CYS B 120 -7.32 -54.92 8.30
C CYS B 120 -8.14 -53.62 8.05
N PRO B 121 -9.07 -53.65 7.12
CA PRO B 121 -9.89 -52.48 6.79
C PRO B 121 -10.58 -52.05 8.12
N GLY B 122 -10.52 -50.75 8.44
CA GLY B 122 -11.10 -50.27 9.68
C GLY B 122 -12.23 -49.27 9.54
N SER B 123 -12.07 -48.34 8.60
CA SER B 123 -13.08 -47.35 8.39
C SER B 123 -13.06 -46.83 6.96
N VAL B 124 -14.13 -46.11 6.60
CA VAL B 124 -14.27 -45.52 5.30
C VAL B 124 -14.95 -44.14 5.40
N TYR B 125 -14.42 -43.18 4.63
CA TYR B 125 -14.93 -41.83 4.65
C TYR B 125 -14.49 -41.09 3.37
N GLY B 126 -15.21 -39.99 3.10
CA GLY B 126 -15.04 -39.19 1.92
C GLY B 126 -14.00 -38.13 2.18
N VAL B 127 -13.28 -37.74 1.14
CA VAL B 127 -12.28 -36.69 1.31
C VAL B 127 -12.37 -35.83 0.06
N ASN B 128 -11.66 -34.72 0.02
CA ASN B 128 -11.65 -33.88 -1.18
C ASN B 128 -10.17 -33.41 -1.40
N MET B 129 -9.65 -33.52 -2.61
CA MET B 129 -8.25 -33.15 -2.86
C MET B 129 -8.08 -31.64 -2.91
N ARG B 130 -7.16 -31.11 -2.11
CA ARG B 130 -6.83 -29.69 -2.06
C ARG B 130 -5.84 -29.32 -3.21
N SER B 131 -5.76 -28.00 -3.49
CA SER B 131 -4.93 -27.47 -4.58
C SER B 131 -3.44 -27.86 -4.51
N GLN B 132 -2.89 -27.92 -3.31
CA GLN B 132 -1.47 -28.33 -3.15
C GLN B 132 -1.29 -29.90 -3.12
N GLY B 133 -2.31 -30.68 -3.49
CA GLY B 133 -2.15 -32.14 -3.50
C GLY B 133 -2.16 -32.88 -2.17
N THR B 134 -2.96 -32.40 -1.22
CA THR B 134 -3.05 -32.98 0.06
C THR B 134 -4.54 -33.18 0.35
N ILE B 135 -4.83 -34.01 1.35
CA ILE B 135 -6.20 -34.20 1.77
C ILE B 135 -6.24 -33.99 3.28
N LYS B 136 -7.41 -33.62 3.81
CA LYS B 136 -7.58 -33.47 5.27
C LYS B 136 -8.43 -34.64 5.70
N GLY B 137 -7.74 -35.73 6.00
CA GLY B 137 -8.43 -36.92 6.46
C GLY B 137 -8.20 -37.22 7.94
N SER B 138 -7.89 -38.49 8.23
CA SER B 138 -7.62 -38.94 9.58
C SER B 138 -6.87 -40.24 9.42
N PHE B 139 -5.57 -40.16 9.68
CA PHE B 139 -4.67 -41.29 9.56
C PHE B 139 -3.79 -41.22 10.78
N ILE B 140 -3.48 -42.39 11.33
CA ILE B 140 -2.58 -42.48 12.48
C ILE B 140 -1.51 -43.50 12.09
N ALA B 141 -0.53 -43.64 12.97
CA ALA B 141 0.57 -44.59 12.74
C ALA B 141 -0.03 -45.95 12.39
N GLY B 142 0.46 -46.58 11.33
CA GLY B 142 -0.08 -47.88 10.97
C GLY B 142 -1.09 -47.83 9.85
N THR B 143 -1.60 -46.65 9.48
CA THR B 143 -2.55 -46.52 8.36
C THR B 143 -1.91 -46.29 6.95
N CYS B 144 -0.57 -46.27 6.89
CA CYS B 144 0.17 -46.08 5.64
C CYS B 144 -0.26 -47.17 4.69
N GLY B 145 -0.34 -46.91 3.40
CA GLY B 145 -0.82 -47.95 2.53
C GLY B 145 -2.35 -47.90 2.39
N SER B 146 -3.06 -47.15 3.25
CA SER B 146 -4.53 -47.08 3.05
C SER B 146 -4.85 -46.68 1.63
N VAL B 147 -6.02 -47.11 1.11
CA VAL B 147 -6.42 -46.92 -0.28
C VAL B 147 -7.56 -45.95 -0.52
N GLY B 148 -7.42 -45.15 -1.57
CA GLY B 148 -8.43 -44.19 -1.98
C GLY B 148 -8.96 -44.74 -3.28
N TYR B 149 -10.27 -44.69 -3.47
CA TYR B 149 -10.89 -45.22 -4.68
C TYR B 149 -12.15 -44.40 -5.00
N VAL B 150 -12.61 -44.45 -6.26
CA VAL B 150 -13.88 -43.78 -6.62
C VAL B 150 -14.63 -44.69 -7.57
N LEU B 151 -15.96 -44.75 -7.45
CA LEU B 151 -16.77 -45.54 -8.39
C LEU B 151 -17.51 -44.53 -9.27
N GLU B 152 -17.44 -44.70 -10.58
CA GLU B 152 -18.14 -43.81 -11.49
C GLU B 152 -18.87 -44.65 -12.48
N ASN B 153 -20.19 -44.68 -12.31
CA ASN B 153 -21.06 -45.48 -13.16
C ASN B 153 -20.65 -46.94 -13.31
N GLY B 154 -20.36 -47.62 -12.21
CA GLY B 154 -20.01 -49.03 -12.28
C GLY B 154 -18.54 -49.32 -12.45
N ILE B 155 -17.75 -48.29 -12.73
CA ILE B 155 -16.32 -48.46 -12.88
C ILE B 155 -15.60 -48.04 -11.58
N LEU B 156 -14.82 -48.97 -11.05
CA LEU B 156 -14.04 -48.79 -9.84
C LEU B 156 -12.65 -48.32 -10.25
N TYR B 157 -12.29 -47.13 -9.81
CA TYR B 157 -10.95 -46.63 -10.05
C TYR B 157 -10.18 -46.58 -8.74
N PHE B 158 -8.96 -47.13 -8.74
CA PHE B 158 -8.06 -46.97 -7.60
C PHE B 158 -7.29 -45.63 -7.87
N VAL B 159 -7.19 -44.77 -6.85
CA VAL B 159 -6.60 -43.47 -7.09
C VAL B 159 -5.63 -42.93 -6.09
N TYR B 160 -5.53 -43.53 -4.90
CA TYR B 160 -4.65 -42.98 -3.92
C TYR B 160 -4.16 -44.07 -3.05
N MET B 161 -2.96 -43.88 -2.55
CA MET B 161 -2.32 -44.79 -1.61
C MET B 161 -1.62 -43.88 -0.61
N HIS B 162 -1.92 -44.07 0.68
CA HIS B 162 -1.42 -43.17 1.72
C HIS B 162 0.02 -43.38 2.13
N HIS B 163 0.77 -42.27 2.18
CA HIS B 163 2.16 -42.32 2.59
C HIS B 163 2.58 -41.67 3.89
N LEU B 164 2.19 -40.42 4.13
CA LEU B 164 2.70 -39.72 5.30
C LEU B 164 1.89 -38.46 5.61
N GLU B 165 2.21 -37.86 6.75
CA GLU B 165 1.55 -36.64 7.21
C GLU B 165 2.54 -35.51 7.26
N LEU B 166 2.18 -34.37 6.66
CA LEU B 166 3.06 -33.20 6.70
C LEU B 166 3.16 -32.67 8.15
N GLY B 167 4.09 -31.76 8.37
CA GLY B 167 4.24 -31.19 9.70
C GLY B 167 2.97 -30.43 10.07
N ASN B 168 2.28 -29.83 9.09
CA ASN B 168 1.04 -29.07 9.39
C ASN B 168 -0.20 -29.93 9.52
N GLY B 169 -0.05 -31.26 9.52
CA GLY B 169 -1.18 -32.16 9.65
C GLY B 169 -1.84 -32.67 8.34
N SER B 170 -1.57 -32.03 7.21
CA SER B 170 -2.19 -32.50 5.97
C SER B 170 -1.64 -33.88 5.61
N HIS B 171 -2.43 -34.60 4.85
CA HIS B 171 -2.04 -35.93 4.46
C HIS B 171 -1.66 -36.07 3.00
N VAL B 172 -0.60 -36.85 2.80
CA VAL B 172 0.01 -37.01 1.51
C VAL B 172 0.05 -38.44 1.03
N GLY B 173 -0.30 -38.63 -0.24
CA GLY B 173 -0.28 -39.98 -0.81
C GLY B 173 0.14 -39.96 -2.29
N SER B 174 0.09 -41.12 -2.93
CA SER B 174 0.50 -41.22 -4.33
C SER B 174 -0.64 -41.81 -5.18
N ASN B 175 -0.55 -41.74 -6.50
CA ASN B 175 -1.48 -42.41 -7.34
C ASN B 175 -0.83 -43.78 -7.64
N PHE B 176 -1.47 -44.58 -8.48
CA PHE B 176 -0.88 -45.88 -8.70
C PHE B 176 0.20 -45.97 -9.78
N GLU B 177 0.63 -44.81 -10.30
CA GLU B 177 1.75 -44.81 -11.26
C GLU B 177 2.96 -44.62 -10.33
N GLY B 178 2.67 -44.30 -9.05
CA GLY B 178 3.72 -44.06 -8.09
C GLY B 178 4.12 -42.60 -8.01
N GLU B 179 3.34 -41.72 -8.62
CA GLU B 179 3.67 -40.28 -8.49
C GLU B 179 3.03 -39.75 -7.19
N MET B 180 3.77 -39.02 -6.37
CA MET B 180 3.16 -38.47 -5.15
C MET B 180 2.32 -37.22 -5.49
N TYR B 181 1.11 -37.20 -5.00
CA TYR B 181 0.27 -36.04 -5.23
C TYR B 181 0.96 -34.86 -4.58
N GLY B 182 0.94 -33.74 -5.28
CA GLY B 182 1.59 -32.55 -4.74
C GLY B 182 3.11 -32.58 -4.93
N GLY B 183 3.68 -33.68 -5.47
CA GLY B 183 5.14 -33.69 -5.64
C GLY B 183 6.01 -33.86 -4.36
N TYR B 184 5.36 -34.08 -3.20
CA TYR B 184 6.10 -34.22 -1.95
C TYR B 184 7.02 -35.47 -1.97
N GLU B 185 8.09 -35.40 -1.21
CA GLU B 185 9.08 -36.48 -1.13
C GLU B 185 8.70 -37.48 -0.04
N ASP B 186 8.97 -38.78 -0.26
CA ASP B 186 8.71 -39.75 0.81
C ASP B 186 9.93 -39.85 1.76
N GLN B 187 10.15 -38.75 2.50
CA GLN B 187 11.26 -38.68 3.43
C GLN B 187 10.78 -37.94 4.65
N PRO B 188 11.55 -38.04 5.75
CA PRO B 188 11.18 -37.35 6.98
C PRO B 188 11.87 -36.01 6.71
N SER B 189 11.14 -35.03 6.18
CA SER B 189 11.75 -33.75 5.87
C SER B 189 10.83 -32.58 6.22
N MET B 190 11.35 -31.37 6.14
CA MET B 190 10.55 -30.21 6.49
C MET B 190 9.70 -29.58 5.39
N GLN B 191 9.35 -30.34 4.37
CA GLN B 191 8.56 -29.77 3.30
C GLN B 191 7.28 -29.08 3.82
N LEU B 192 6.94 -27.92 3.22
CA LEU B 192 5.76 -27.13 3.61
C LEU B 192 4.66 -27.37 2.59
N GLU B 193 3.39 -27.28 3.00
CA GLU B 193 2.29 -27.47 2.03
C GLU B 193 2.11 -26.27 1.09
N GLY B 194 2.04 -25.06 1.65
CA GLY B 194 1.83 -23.90 0.81
C GLY B 194 0.40 -23.42 0.94
N THR B 195 0.07 -22.35 0.25
CA THR B 195 -1.27 -21.81 0.35
C THR B 195 -2.26 -22.55 -0.49
N ASN B 196 -3.35 -22.88 0.16
CA ASN B 196 -4.38 -23.61 -0.50
C ASN B 196 -5.41 -22.68 -1.18
N VAL B 197 -5.85 -23.07 -2.37
CA VAL B 197 -6.80 -22.31 -3.14
C VAL B 197 -8.16 -22.98 -3.16
N MET B 198 -9.15 -22.27 -2.61
CA MET B 198 -10.50 -22.77 -2.51
C MET B 198 -11.14 -23.02 -3.82
N SER B 199 -11.83 -24.15 -3.92
CA SER B 199 -12.54 -24.50 -5.13
C SER B 199 -13.89 -23.78 -5.23
N SER B 200 -13.99 -22.76 -6.10
CA SER B 200 -15.22 -21.99 -6.29
C SER B 200 -16.36 -22.93 -6.70
N ASP B 201 -16.04 -23.88 -7.58
CA ASP B 201 -17.04 -24.90 -7.97
C ASP B 201 -17.74 -25.52 -6.74
N ASN B 202 -16.94 -26.05 -5.83
CA ASN B 202 -17.48 -26.69 -4.65
C ASN B 202 -18.17 -25.72 -3.65
N VAL B 203 -17.65 -24.52 -3.52
CA VAL B 203 -18.24 -23.54 -2.61
C VAL B 203 -19.61 -23.14 -3.18
N VAL B 204 -19.70 -22.94 -4.50
CA VAL B 204 -21.01 -22.63 -5.07
C VAL B 204 -21.95 -23.83 -4.77
N ALA B 205 -21.43 -25.05 -4.94
CA ALA B 205 -22.24 -26.25 -4.66
C ALA B 205 -22.67 -26.27 -3.14
N PHE B 206 -21.76 -25.87 -2.26
CA PHE B 206 -22.05 -25.84 -0.80
C PHE B 206 -23.24 -24.88 -0.54
N LEU B 207 -23.19 -23.70 -1.13
CA LEU B 207 -24.28 -22.73 -0.93
C LEU B 207 -25.63 -23.24 -1.46
N TYR B 208 -25.64 -23.90 -2.64
CA TYR B 208 -26.86 -24.51 -3.15
C TYR B 208 -27.39 -25.50 -2.16
N ALA B 209 -26.52 -26.36 -1.63
CA ALA B 209 -26.97 -27.31 -0.59
C ALA B 209 -27.64 -26.56 0.60
N ALA B 210 -27.03 -25.46 1.02
CA ALA B 210 -27.59 -24.65 2.14
C ALA B 210 -29.01 -24.10 1.83
N LEU B 211 -29.21 -23.65 0.59
CA LEU B 211 -30.50 -23.13 0.13
C LEU B 211 -31.51 -24.28 0.20
N ILE B 212 -31.13 -25.39 -0.43
CA ILE B 212 -31.96 -26.55 -0.43
C ILE B 212 -32.32 -26.95 1.01
N ASN B 213 -31.47 -26.62 1.97
CA ASN B 213 -31.75 -26.96 3.34
C ASN B 213 -32.57 -25.93 4.09
N GLY B 214 -32.88 -24.81 3.44
CA GLY B 214 -33.67 -23.77 4.10
C GLY B 214 -32.95 -22.53 4.60
N GLU B 215 -31.63 -22.47 4.43
CA GLU B 215 -30.90 -21.30 4.85
C GLU B 215 -30.69 -20.44 3.66
N ARG B 216 -31.14 -19.20 3.74
CA ARG B 216 -30.98 -18.28 2.63
C ARG B 216 -30.52 -16.91 3.10
N TRP B 217 -30.13 -16.78 4.37
CA TRP B 217 -29.71 -15.46 4.85
C TRP B 217 -28.54 -14.80 4.09
N PHE B 218 -27.69 -15.57 3.42
CA PHE B 218 -26.54 -15.00 2.69
C PHE B 218 -26.92 -14.58 1.29
N VAL B 219 -28.19 -14.84 0.93
CA VAL B 219 -28.74 -14.51 -0.39
C VAL B 219 -28.86 -12.99 -0.56
N THR B 220 -28.26 -12.51 -1.64
CA THR B 220 -28.17 -11.09 -1.96
C THR B 220 -29.14 -10.50 -3.00
N ASN B 221 -29.73 -11.35 -3.84
CA ASN B 221 -30.59 -10.92 -4.94
C ASN B 221 -29.83 -9.93 -5.82
N THR B 222 -28.50 -9.97 -5.74
CA THR B 222 -27.61 -9.11 -6.52
C THR B 222 -26.64 -10.08 -7.18
N SER B 223 -26.52 -10.03 -8.50
CA SER B 223 -25.65 -10.97 -9.16
C SER B 223 -24.36 -10.41 -9.74
N MET B 224 -23.28 -11.18 -9.55
CA MET B 224 -21.96 -10.81 -10.06
C MET B 224 -21.60 -11.67 -11.27
N SER B 225 -21.23 -11.03 -12.36
CA SER B 225 -20.89 -11.74 -13.56
C SER B 225 -19.74 -12.68 -13.27
N LEU B 226 -19.67 -13.73 -14.07
CA LEU B 226 -18.62 -14.73 -13.95
C LEU B 226 -17.22 -14.14 -14.18
N GLU B 227 -17.13 -13.10 -15.00
CA GLU B 227 -15.84 -12.47 -15.31
C GLU B 227 -15.29 -11.63 -14.17
N SER B 228 -16.18 -10.88 -13.51
CA SER B 228 -15.84 -10.04 -12.36
C SER B 228 -15.45 -10.97 -11.21
N TYR B 229 -16.22 -12.04 -11.03
CA TYR B 229 -15.91 -13.01 -9.97
C TYR B 229 -14.50 -13.62 -10.24
N ASN B 230 -14.31 -14.10 -11.45
CA ASN B 230 -13.00 -14.68 -11.76
C ASN B 230 -11.82 -13.78 -11.53
N THR B 231 -11.97 -12.48 -11.79
CA THR B 231 -10.82 -11.62 -11.59
C THR B 231 -10.60 -11.44 -10.10
N TRP B 232 -11.71 -11.43 -9.36
CA TRP B 232 -11.67 -11.28 -7.91
C TRP B 232 -11.00 -12.51 -7.27
N ALA B 233 -11.30 -13.68 -7.84
CA ALA B 233 -10.80 -14.95 -7.34
C ALA B 233 -9.30 -15.10 -7.48
N LYS B 234 -8.75 -14.74 -8.65
CA LYS B 234 -7.30 -14.86 -8.89
C LYS B 234 -6.50 -14.14 -7.83
N THR B 235 -7.14 -13.16 -7.20
CA THR B 235 -6.51 -12.35 -6.17
C THR B 235 -6.90 -12.71 -4.72
N ASN B 236 -7.82 -13.64 -4.54
CA ASN B 236 -8.25 -14.03 -3.20
C ASN B 236 -8.18 -15.52 -2.93
N SER B 237 -7.31 -16.20 -3.66
CA SER B 237 -7.12 -17.65 -3.50
C SER B 237 -8.38 -18.51 -3.64
N PHE B 238 -9.00 -18.43 -4.80
CA PHE B 238 -10.14 -19.25 -5.16
C PHE B 238 -9.87 -19.48 -6.63
N THR B 239 -10.37 -20.58 -7.16
CA THR B 239 -10.19 -20.93 -8.53
C THR B 239 -11.23 -20.23 -9.41
N GLU B 240 -10.93 -20.14 -10.70
CA GLU B 240 -11.83 -19.53 -11.65
C GLU B 240 -12.90 -20.53 -11.91
N LEU B 241 -14.13 -20.05 -11.95
CA LEU B 241 -15.30 -20.89 -12.19
C LEU B 241 -15.37 -21.22 -13.68
N SER B 242 -15.47 -22.52 -13.97
CA SER B 242 -15.51 -23.03 -15.35
C SER B 242 -16.56 -22.29 -16.19
N SER B 243 -17.81 -22.69 -15.96
CA SER B 243 -18.98 -22.14 -16.61
C SER B 243 -20.05 -22.36 -15.54
N THR B 244 -21.26 -21.85 -15.77
CA THR B 244 -22.32 -22.01 -14.79
C THR B 244 -23.18 -23.22 -15.18
N ASP B 245 -22.75 -23.91 -16.23
CA ASP B 245 -23.49 -25.06 -16.75
C ASP B 245 -23.61 -26.25 -15.80
N ALA B 246 -22.63 -26.45 -14.93
CA ALA B 246 -22.70 -27.58 -13.98
C ALA B 246 -23.85 -27.42 -12.97
N PHE B 247 -24.27 -26.18 -12.74
CA PHE B 247 -25.30 -25.92 -11.75
C PHE B 247 -26.73 -25.77 -12.21
N SER B 248 -26.94 -26.04 -13.49
CA SER B 248 -28.23 -25.92 -14.14
C SER B 248 -29.43 -26.45 -13.40
N MET B 249 -29.36 -27.69 -12.93
CA MET B 249 -30.51 -28.22 -12.24
C MET B 249 -30.66 -27.63 -10.83
N LEU B 250 -29.54 -27.23 -10.22
CA LEU B 250 -29.52 -26.63 -8.88
C LEU B 250 -30.07 -25.20 -8.91
N ALA B 251 -29.75 -24.47 -9.97
CA ALA B 251 -30.23 -23.11 -10.10
C ALA B 251 -31.73 -23.21 -10.35
N ALA B 252 -32.13 -24.13 -11.21
CA ALA B 252 -33.55 -24.31 -11.52
C ALA B 252 -34.33 -24.68 -10.27
N LYS B 253 -33.78 -25.59 -9.47
CA LYS B 253 -34.46 -26.06 -8.25
C LYS B 253 -34.61 -25.04 -7.13
N THR B 254 -33.67 -24.11 -7.01
CA THR B 254 -33.69 -23.12 -5.94
C THR B 254 -34.10 -21.75 -6.40
N GLY B 255 -34.05 -21.51 -7.69
CA GLY B 255 -34.42 -20.19 -8.18
C GLY B 255 -33.27 -19.20 -8.03
N GLN B 256 -32.09 -19.67 -7.61
CA GLN B 256 -30.97 -18.74 -7.46
C GLN B 256 -29.93 -18.98 -8.55
N SER B 257 -29.60 -17.95 -9.31
CA SER B 257 -28.60 -18.10 -10.38
C SER B 257 -27.19 -18.22 -9.78
N VAL B 258 -26.25 -18.80 -10.52
CA VAL B 258 -24.87 -18.92 -9.99
C VAL B 258 -24.30 -17.54 -9.68
N GLU B 259 -24.54 -16.59 -10.57
CA GLU B 259 -24.07 -15.22 -10.37
C GLU B 259 -24.50 -14.59 -9.02
N LYS B 260 -25.68 -14.93 -8.51
CA LYS B 260 -26.09 -14.39 -7.21
C LYS B 260 -25.24 -15.08 -6.11
N LEU B 261 -24.96 -16.38 -6.29
CA LEU B 261 -24.15 -17.10 -5.32
C LEU B 261 -22.72 -16.58 -5.39
N LEU B 262 -22.26 -16.19 -6.59
CA LEU B 262 -20.89 -15.64 -6.71
C LEU B 262 -20.80 -14.35 -5.88
N ASP B 263 -21.85 -13.53 -5.95
CA ASP B 263 -21.92 -12.28 -5.17
C ASP B 263 -21.95 -12.66 -3.69
N SER B 264 -22.66 -13.73 -3.35
CA SER B 264 -22.67 -14.17 -1.95
C SER B 264 -21.27 -14.59 -1.51
N ILE B 265 -20.52 -15.26 -2.38
CA ILE B 265 -19.19 -15.72 -1.97
C ILE B 265 -18.28 -14.55 -1.69
N VAL B 266 -18.21 -13.59 -2.59
CA VAL B 266 -17.34 -12.45 -2.35
C VAL B 266 -17.66 -11.80 -1.01
N ARG B 267 -18.94 -11.66 -0.72
CA ARG B 267 -19.30 -11.04 0.55
C ARG B 267 -19.03 -11.93 1.74
N LEU B 268 -19.37 -13.21 1.66
CA LEU B 268 -19.14 -14.15 2.75
C LEU B 268 -17.66 -14.43 3.00
N ASN B 269 -16.82 -14.19 1.99
CA ASN B 269 -15.40 -14.43 2.18
C ASN B 269 -14.90 -13.39 3.17
N LYS B 270 -15.64 -12.28 3.33
CA LYS B 270 -15.20 -11.27 4.30
C LYS B 270 -15.41 -11.80 5.73
N GLY B 271 -16.37 -12.68 5.92
CA GLY B 271 -16.59 -13.22 7.24
C GLY B 271 -18.06 -13.38 7.55
N PHE B 272 -18.42 -14.55 8.08
CA PHE B 272 -19.82 -14.88 8.43
C PHE B 272 -20.38 -14.06 9.63
N GLY B 273 -19.50 -13.31 10.27
CA GLY B 273 -19.88 -12.58 11.48
C GLY B 273 -20.30 -13.58 12.56
N GLY B 274 -21.49 -13.43 13.14
CA GLY B 274 -21.91 -14.35 14.19
C GLY B 274 -22.84 -15.45 13.65
N ARG B 275 -22.89 -15.58 12.34
CA ARG B 275 -23.77 -16.51 11.67
C ARG B 275 -23.06 -17.76 11.10
N THR B 276 -23.85 -18.79 10.82
CA THR B 276 -23.30 -20.03 10.31
C THR B 276 -24.11 -20.47 9.07
N ILE B 277 -23.54 -21.39 8.28
CA ILE B 277 -24.19 -21.96 7.09
C ILE B 277 -23.92 -23.47 7.16
N LEU B 278 -25.01 -24.25 7.20
CA LEU B 278 -24.92 -25.69 7.32
C LEU B 278 -24.02 -25.93 8.54
N SER B 279 -24.29 -25.13 9.60
CA SER B 279 -23.52 -25.18 10.85
C SER B 279 -22.00 -24.86 10.74
N TYR B 280 -21.51 -24.45 9.58
CA TYR B 280 -20.11 -24.06 9.45
C TYR B 280 -19.91 -22.58 9.76
N GLY B 281 -18.70 -22.25 10.23
CA GLY B 281 -18.42 -20.85 10.51
C GLY B 281 -17.75 -20.15 9.34
N SER B 282 -17.47 -20.89 8.27
CA SER B 282 -16.86 -20.25 7.10
C SER B 282 -17.13 -21.11 5.85
N LEU B 283 -16.82 -20.57 4.68
CA LEU B 283 -17.14 -21.29 3.46
C LEU B 283 -16.47 -22.66 3.46
N CYS B 284 -17.15 -23.65 2.89
CA CYS B 284 -16.61 -25.01 2.82
C CYS B 284 -16.48 -25.41 1.36
N ASP B 285 -15.30 -25.90 0.96
CA ASP B 285 -15.11 -26.31 -0.44
C ASP B 285 -14.89 -27.81 -0.63
N GLU B 286 -15.40 -28.62 0.31
CA GLU B 286 -15.20 -30.06 0.32
C GLU B 286 -16.20 -30.90 -0.42
N PHE B 287 -17.29 -30.26 -0.85
CA PHE B 287 -18.34 -30.95 -1.55
C PHE B 287 -18.41 -30.46 -3.00
N THR B 288 -18.34 -31.39 -3.97
CA THR B 288 -18.41 -31.05 -5.38
C THR B 288 -19.86 -30.92 -5.89
N PRO B 289 -20.06 -30.27 -7.05
CA PRO B 289 -21.41 -30.13 -7.58
C PRO B 289 -22.12 -31.49 -7.65
N THR B 290 -21.39 -32.52 -8.09
CA THR B 290 -21.96 -33.87 -8.21
C THR B 290 -22.27 -34.49 -6.88
N GLU B 291 -21.42 -34.27 -5.87
CA GLU B 291 -21.74 -34.80 -4.53
C GLU B 291 -23.07 -34.25 -4.00
N VAL B 292 -23.22 -32.93 -4.09
CA VAL B 292 -24.44 -32.28 -3.61
C VAL B 292 -25.66 -32.77 -4.37
N ILE B 293 -25.60 -32.77 -5.71
CA ILE B 293 -26.74 -33.23 -6.52
C ILE B 293 -27.16 -34.65 -6.14
N ARG B 294 -26.21 -35.58 -6.00
CA ARG B 294 -26.59 -36.93 -5.59
C ARG B 294 -27.16 -36.98 -4.18
N GLN B 295 -26.48 -36.31 -3.26
CA GLN B 295 -26.94 -36.29 -1.90
C GLN B 295 -28.32 -35.64 -1.74
N MET B 296 -28.56 -34.56 -2.45
CA MET B 296 -29.85 -33.90 -2.33
C MET B 296 -31.00 -34.54 -3.13
N TYR B 297 -30.69 -35.06 -4.33
CA TYR B 297 -31.69 -35.64 -5.22
C TYR B 297 -31.52 -37.11 -5.57
N GLY B 298 -30.35 -37.66 -5.32
CA GLY B 298 -30.08 -39.05 -5.59
C GLY B 298 -30.37 -39.64 -6.97
N VAL B 299 -29.87 -39.02 -8.03
CA VAL B 299 -30.07 -39.64 -9.34
C VAL B 299 -28.69 -39.98 -9.92
N ASN B 300 -27.65 -39.58 -9.17
CA ASN B 300 -26.20 -39.79 -9.45
C ASN B 300 -25.67 -39.38 -10.84
N SER C 1 40.45 34.08 -22.22
CA SER C 1 39.34 35.01 -21.86
C SER C 1 38.15 34.93 -22.81
N GLY C 2 37.05 35.58 -22.37
CA GLY C 2 35.78 35.65 -23.11
C GLY C 2 34.74 34.60 -22.68
N LEU C 3 33.45 34.91 -22.80
CA LEU C 3 32.37 33.95 -22.46
C LEU C 3 31.34 33.83 -23.62
N ARG C 4 31.01 32.60 -24.03
CA ARG C 4 30.02 32.42 -25.09
C ARG C 4 29.27 31.13 -24.79
N LYS C 5 27.97 31.09 -25.06
CA LYS C 5 27.23 29.88 -24.84
C LYS C 5 27.84 28.90 -25.86
N MET C 6 28.20 27.71 -25.46
CA MET C 6 28.78 26.82 -26.46
C MET C 6 28.03 25.50 -26.46
N ALA C 7 28.35 24.65 -27.44
CA ALA C 7 27.76 23.32 -27.53
C ALA C 7 28.95 22.34 -27.59
N GLN C 8 28.78 21.11 -27.09
CA GLN C 8 29.82 20.06 -27.19
C GLN C 8 29.76 19.54 -28.63
N PRO C 9 30.89 19.05 -29.19
CA PRO C 9 30.84 18.58 -30.59
C PRO C 9 29.72 17.60 -30.93
N SER C 10 29.27 17.64 -32.17
CA SER C 10 28.14 16.82 -32.58
C SER C 10 28.48 15.57 -33.41
N GLY C 11 29.75 15.34 -33.69
CA GLY C 11 30.12 14.17 -34.51
C GLY C 11 29.57 12.80 -34.19
N LEU C 12 29.44 12.45 -32.92
CA LEU C 12 28.90 11.15 -32.62
C LEU C 12 27.40 11.04 -32.98
N VAL C 13 26.70 12.17 -32.99
CA VAL C 13 25.24 12.16 -33.25
C VAL C 13 24.78 12.33 -34.68
N GLU C 14 25.49 13.10 -35.48
CA GLU C 14 25.06 13.36 -36.84
C GLU C 14 24.69 12.12 -37.67
N PRO C 15 25.44 11.00 -37.49
CA PRO C 15 25.14 9.77 -38.26
C PRO C 15 23.93 8.97 -37.77
N CYS C 16 23.28 9.48 -36.73
CA CYS C 16 22.12 8.80 -36.19
C CYS C 16 20.79 9.47 -36.59
N ILE C 17 20.90 10.63 -37.22
CA ILE C 17 19.78 11.45 -37.65
C ILE C 17 19.24 11.00 -39.01
N VAL C 18 17.93 10.74 -39.06
CA VAL C 18 17.28 10.35 -40.31
C VAL C 18 15.93 11.06 -40.46
N ARG C 19 15.48 11.13 -41.71
CA ARG C 19 14.21 11.70 -42.08
C ARG C 19 13.15 10.63 -41.84
N VAL C 20 12.02 11.07 -41.29
CA VAL C 20 10.90 10.19 -41.04
C VAL C 20 9.70 11.00 -41.60
N SER C 21 8.80 10.29 -42.31
CA SER C 21 7.59 10.88 -42.86
C SER C 21 6.47 9.86 -42.84
N TYR C 22 5.24 10.36 -42.68
CA TYR C 22 4.04 9.53 -42.62
C TYR C 22 2.90 10.47 -43.00
N GLY C 23 2.23 10.19 -44.11
CA GLY C 23 1.17 11.07 -44.56
C GLY C 23 1.86 12.36 -44.97
N ASN C 24 1.29 13.50 -44.61
CA ASN C 24 1.92 14.77 -44.96
C ASN C 24 2.87 15.26 -43.86
N ASN C 25 3.18 14.39 -42.89
CA ASN C 25 4.08 14.76 -41.79
C ASN C 25 5.52 14.35 -42.06
N VAL C 26 6.42 15.34 -41.98
CA VAL C 26 7.84 15.10 -42.17
C VAL C 26 8.62 15.70 -41.00
N LEU C 27 9.33 14.84 -40.25
CA LEU C 27 10.14 15.30 -39.15
C LEU C 27 11.44 14.46 -38.98
N ASN C 28 12.12 14.64 -37.86
CA ASN C 28 13.36 13.97 -37.64
C ASN C 28 13.33 12.81 -36.69
N GLY C 29 14.19 11.82 -36.95
CA GLY C 29 14.31 10.66 -36.08
C GLY C 29 15.79 10.33 -35.76
N LEU C 30 15.94 9.54 -34.73
CA LEU C 30 17.25 9.09 -34.25
C LEU C 30 17.37 7.58 -34.50
N TRP C 31 18.34 7.19 -35.31
CA TRP C 31 18.58 5.78 -35.63
C TRP C 31 19.70 5.13 -34.78
N LEU C 32 19.30 4.28 -33.82
CA LEU C 32 20.19 3.56 -32.90
C LEU C 32 20.00 2.03 -32.99
N GLY C 33 21.00 1.34 -33.52
CA GLY C 33 20.86 -0.10 -33.65
C GLY C 33 19.90 -0.38 -34.78
N ASP C 34 18.89 -1.18 -34.50
CA ASP C 34 17.87 -1.53 -35.50
C ASP C 34 16.58 -0.77 -35.24
N GLU C 35 16.68 0.32 -34.46
CA GLU C 35 15.53 1.16 -34.12
C GLU C 35 15.67 2.62 -34.60
N VAL C 36 14.53 3.28 -34.81
CA VAL C 36 14.49 4.68 -35.21
C VAL C 36 13.48 5.33 -34.21
N ILE C 37 13.91 6.41 -33.54
CA ILE C 37 13.02 7.07 -32.58
C ILE C 37 12.64 8.47 -33.08
N CYS C 38 11.38 8.85 -32.84
CA CYS C 38 10.88 10.17 -33.25
C CYS C 38 9.62 10.49 -32.49
N PRO C 39 9.13 11.75 -32.58
CA PRO C 39 7.92 12.15 -31.87
C PRO C 39 6.79 11.32 -32.44
N ARG C 40 5.99 10.72 -31.58
CA ARG C 40 4.90 9.90 -32.09
C ARG C 40 3.82 10.71 -32.87
N HIS C 41 3.76 12.02 -32.69
CA HIS C 41 2.75 12.79 -33.39
C HIS C 41 2.94 12.76 -34.87
N VAL C 42 4.03 12.16 -35.36
CA VAL C 42 4.23 12.04 -36.81
C VAL C 42 3.10 11.16 -37.43
N ILE C 43 2.49 10.28 -36.64
CA ILE C 43 1.42 9.41 -37.21
C ILE C 43 0.02 10.01 -37.27
N ALA C 44 -0.16 11.21 -36.71
CA ALA C 44 -1.47 11.86 -36.68
C ALA C 44 -1.85 12.60 -37.95
N SER C 45 -2.93 12.19 -38.57
CA SER C 45 -3.43 12.85 -39.79
C SER C 45 -3.88 14.29 -39.48
N ASP C 46 -4.46 14.49 -38.31
CA ASP C 46 -4.89 15.85 -37.97
C ASP C 46 -4.26 16.25 -36.63
N THR C 47 -3.35 17.21 -36.60
CA THR C 47 -2.78 17.59 -35.32
C THR C 47 -3.30 18.95 -34.82
N THR C 48 -4.44 19.36 -35.36
CA THR C 48 -5.07 20.62 -34.94
C THR C 48 -6.19 20.34 -33.91
N ARG C 49 -6.67 19.10 -33.85
CA ARG C 49 -7.73 18.71 -32.91
C ARG C 49 -7.14 17.64 -32.01
N VAL C 50 -7.85 17.26 -30.97
CA VAL C 50 -7.34 16.22 -30.07
C VAL C 50 -6.93 14.94 -30.86
N ILE C 51 -5.80 14.35 -30.49
CA ILE C 51 -5.31 13.15 -31.16
C ILE C 51 -5.60 11.87 -30.37
N ASN C 52 -6.20 10.86 -31.01
CA ASN C 52 -6.42 9.62 -30.30
C ASN C 52 -5.24 8.72 -30.73
N TYR C 53 -4.19 8.70 -29.93
CA TYR C 53 -3.01 7.93 -30.30
C TYR C 53 -3.23 6.44 -30.42
N GLU C 54 -4.14 5.87 -29.63
CA GLU C 54 -4.36 4.44 -29.71
C GLU C 54 -5.00 4.02 -31.01
N ASN C 55 -5.95 4.80 -31.49
CA ASN C 55 -6.58 4.46 -32.75
C ASN C 55 -5.65 4.79 -33.92
N GLU C 56 -4.83 5.84 -33.79
CA GLU C 56 -3.90 6.15 -34.88
C GLU C 56 -2.95 4.96 -35.07
N MET C 57 -2.56 4.36 -33.95
CA MET C 57 -1.69 3.16 -33.97
C MET C 57 -2.38 2.04 -34.75
N SER C 58 -3.51 1.58 -34.24
CA SER C 58 -4.32 0.54 -34.88
C SER C 58 -4.55 0.72 -36.38
N SER C 59 -4.72 1.96 -36.84
CA SER C 59 -4.98 2.14 -38.25
C SER C 59 -3.74 2.51 -39.00
N VAL C 60 -2.60 2.27 -38.36
CA VAL C 60 -1.37 2.63 -38.99
C VAL C 60 -1.06 1.70 -40.15
N ARG C 61 -0.42 2.25 -41.18
CA ARG C 61 -0.03 1.51 -42.34
C ARG C 61 1.50 1.53 -42.36
N LEU C 62 2.12 0.48 -41.82
CA LEU C 62 3.57 0.43 -41.77
C LEU C 62 4.26 0.76 -43.09
N HIS C 63 3.68 0.33 -44.19
CA HIS C 63 4.26 0.61 -45.51
C HIS C 63 4.23 2.10 -45.86
N ASN C 64 3.40 2.88 -45.17
CA ASN C 64 3.31 4.32 -45.46
C ASN C 64 4.39 5.16 -44.76
N PHE C 65 5.13 4.54 -43.84
CA PHE C 65 6.22 5.21 -43.15
C PHE C 65 7.31 5.27 -44.20
N SER C 66 8.18 6.24 -44.07
CA SER C 66 9.31 6.41 -44.95
C SER C 66 10.45 6.91 -44.07
N VAL C 67 11.52 6.11 -43.97
CA VAL C 67 12.72 6.42 -43.18
C VAL C 67 13.97 6.45 -44.06
N SER C 68 14.85 7.43 -43.90
CA SER C 68 16.01 7.49 -44.75
C SER C 68 17.15 8.43 -44.34
N LYS C 69 18.38 7.95 -44.50
CA LYS C 69 19.60 8.70 -44.18
C LYS C 69 19.99 9.15 -45.54
N ASN C 70 20.05 10.45 -45.74
CA ASN C 70 20.40 10.99 -47.04
C ASN C 70 19.47 10.24 -48.00
N ASN C 71 19.70 10.25 -49.29
CA ASN C 71 18.70 9.58 -50.13
C ASN C 71 18.69 8.06 -50.23
N VAL C 72 19.01 7.40 -49.13
CA VAL C 72 18.98 5.94 -49.11
C VAL C 72 17.99 5.50 -48.03
N PHE C 73 16.96 4.77 -48.45
CA PHE C 73 15.88 4.32 -47.57
C PHE C 73 16.09 3.08 -46.72
N LEU C 74 15.31 2.95 -45.64
CA LEU C 74 15.37 1.81 -44.72
C LEU C 74 13.97 1.21 -44.63
N GLY C 75 13.87 -0.02 -44.16
CA GLY C 75 12.57 -0.66 -44.06
C GLY C 75 12.02 -0.81 -42.65
N VAL C 76 10.76 -0.42 -42.48
CA VAL C 76 10.08 -0.51 -41.19
C VAL C 76 9.43 -1.89 -41.09
N VAL C 77 9.58 -2.58 -39.96
CA VAL C 77 8.99 -3.91 -39.79
C VAL C 77 7.99 -3.90 -38.65
N SER C 78 8.25 -3.03 -37.69
CA SER C 78 7.41 -2.94 -36.53
C SER C 78 7.31 -1.47 -36.06
N ALA C 79 6.36 -1.23 -35.16
CA ALA C 79 6.11 0.11 -34.65
C ALA C 79 5.39 -0.01 -33.33
N ARG C 80 5.86 0.72 -32.34
CA ARG C 80 5.22 0.73 -31.03
C ARG C 80 5.42 2.11 -30.41
N TYR C 81 4.69 2.38 -29.33
CA TYR C 81 4.87 3.66 -28.62
C TYR C 81 5.63 3.33 -27.34
N LYS C 82 6.45 4.29 -26.90
CA LYS C 82 7.17 4.21 -25.64
C LYS C 82 6.91 5.61 -25.08
N GLY C 83 5.84 5.79 -24.31
CA GLY C 83 5.58 7.13 -23.83
C GLY C 83 5.10 7.92 -25.01
N VAL C 84 5.74 9.05 -25.30
CA VAL C 84 5.29 9.86 -26.42
C VAL C 84 6.21 9.71 -27.62
N ASN C 85 7.13 8.75 -27.53
CA ASN C 85 8.04 8.53 -28.63
C ASN C 85 7.50 7.39 -29.47
N LEU C 86 7.74 7.46 -30.76
CA LEU C 86 7.31 6.39 -31.61
C LEU C 86 8.59 5.58 -31.87
N VAL C 87 8.54 4.27 -31.68
CA VAL C 87 9.73 3.43 -31.90
C VAL C 87 9.53 2.49 -33.10
N LEU C 88 10.28 2.74 -34.17
CA LEU C 88 10.17 1.92 -35.37
C LEU C 88 11.34 0.96 -35.51
N LYS C 89 11.02 -0.33 -35.65
CA LYS C 89 12.03 -1.37 -35.85
C LYS C 89 12.36 -1.28 -37.33
N VAL C 90 13.64 -1.09 -37.65
CA VAL C 90 14.05 -0.97 -39.05
C VAL C 90 14.71 -2.27 -39.58
N ASN C 91 14.81 -2.41 -40.91
CA ASN C 91 15.39 -3.60 -41.55
C ASN C 91 16.89 -3.49 -41.60
N GLN C 92 17.41 -2.75 -40.63
CA GLN C 92 18.83 -2.55 -40.57
C GLN C 92 19.34 -2.05 -39.24
N VAL C 93 20.58 -2.44 -38.94
CA VAL C 93 21.26 -2.01 -37.75
C VAL C 93 22.11 -0.83 -38.23
N ASN C 94 22.09 0.26 -37.46
CA ASN C 94 22.85 1.45 -37.81
C ASN C 94 24.31 1.14 -37.57
N PRO C 95 25.12 1.13 -38.64
CA PRO C 95 26.56 0.85 -38.53
C PRO C 95 27.26 1.80 -37.57
N ASN C 96 26.69 3.00 -37.42
CA ASN C 96 27.29 4.02 -36.60
C ASN C 96 26.67 4.33 -35.30
N THR C 97 25.91 3.37 -34.79
CA THR C 97 25.30 3.54 -33.50
C THR C 97 26.48 3.83 -32.55
N PRO C 98 26.60 5.09 -32.08
CA PRO C 98 27.72 5.34 -31.21
C PRO C 98 27.46 4.66 -29.89
N GLU C 99 28.55 4.38 -29.19
CA GLU C 99 28.49 3.83 -27.85
C GLU C 99 27.65 4.92 -27.17
N HIS C 100 26.67 4.55 -26.35
CA HIS C 100 25.86 5.57 -25.73
C HIS C 100 25.04 5.09 -24.58
N LYS C 101 24.49 6.08 -23.87
CA LYS C 101 23.65 5.90 -22.70
C LYS C 101 22.51 6.93 -22.82
N PHE C 102 21.50 6.86 -21.94
CA PHE C 102 20.38 7.82 -21.98
C PHE C 102 20.18 8.31 -20.58
N LYS C 103 19.87 9.60 -20.44
CA LYS C 103 19.55 10.14 -19.10
C LYS C 103 18.63 11.36 -19.23
N SER C 104 18.10 11.79 -18.11
CA SER C 104 17.23 12.94 -18.09
C SER C 104 17.98 14.18 -17.61
N ILE C 105 17.57 15.35 -18.12
CA ILE C 105 18.16 16.64 -17.71
C ILE C 105 17.20 17.25 -16.63
N LYS C 106 17.76 17.93 -15.63
CA LYS C 106 16.95 18.54 -14.56
C LYS C 106 17.00 20.06 -14.73
N ALA C 107 16.09 20.78 -14.09
CA ALA C 107 16.07 22.24 -14.19
C ALA C 107 17.43 22.86 -13.89
N GLY C 108 17.84 23.86 -14.68
CA GLY C 108 19.10 24.58 -14.47
C GLY C 108 20.35 23.96 -15.08
N GLU C 109 20.15 22.80 -15.70
CA GLU C 109 21.27 22.09 -16.31
C GLU C 109 21.32 22.36 -17.80
N SER C 110 22.53 22.40 -18.31
CA SER C 110 22.78 22.64 -19.71
C SER C 110 22.90 21.35 -20.57
N PHE C 111 22.61 21.49 -21.86
CA PHE C 111 22.80 20.43 -22.82
C PHE C 111 22.90 20.99 -24.23
N ASN C 112 23.14 20.12 -25.20
CA ASN C 112 23.30 20.58 -26.55
C ASN C 112 22.16 20.14 -27.40
N ILE C 113 21.83 20.94 -28.42
CA ILE C 113 20.77 20.62 -29.37
C ILE C 113 21.36 20.49 -30.75
N LEU C 114 21.10 19.37 -31.42
CA LEU C 114 21.51 19.25 -32.79
C LEU C 114 20.16 19.53 -33.51
N ALA C 115 19.98 20.72 -34.08
CA ALA C 115 18.73 21.05 -34.80
C ALA C 115 18.85 20.51 -36.25
N CYS C 116 17.86 19.73 -36.65
CA CYS C 116 17.85 19.10 -37.96
C CYS C 116 16.59 19.47 -38.70
N TYR C 117 16.67 19.47 -40.02
CA TYR C 117 15.53 19.75 -40.89
C TYR C 117 15.36 18.61 -41.91
N GLU C 118 14.24 17.88 -41.85
CA GLU C 118 13.98 16.79 -42.81
C GLU C 118 15.12 15.76 -42.86
N GLY C 119 15.52 15.28 -41.68
CA GLY C 119 16.58 14.30 -41.52
C GLY C 119 18.00 14.80 -41.72
N CYS C 120 18.13 16.11 -41.92
CA CYS C 120 19.41 16.72 -42.17
C CYS C 120 19.95 17.72 -41.08
N PRO C 121 21.02 17.31 -40.35
CA PRO C 121 21.70 18.07 -39.28
C PRO C 121 22.02 19.40 -39.83
N GLY C 122 21.56 20.42 -39.13
CA GLY C 122 21.75 21.77 -39.62
C GLY C 122 22.47 22.71 -38.67
N SER C 123 22.28 22.61 -37.35
CA SER C 123 22.99 23.56 -36.50
C SER C 123 23.10 22.97 -35.10
N VAL C 124 24.08 23.46 -34.35
CA VAL C 124 24.29 22.92 -33.02
C VAL C 124 24.52 24.08 -32.06
N TYR C 125 23.86 24.00 -30.93
CA TYR C 125 24.00 25.07 -29.96
C TYR C 125 23.57 24.57 -28.61
N GLY C 126 24.00 25.30 -27.58
CA GLY C 126 23.70 24.93 -26.21
C GLY C 126 22.48 25.61 -25.68
N VAL C 127 21.83 24.93 -24.76
CA VAL C 127 20.65 25.44 -24.12
C VAL C 127 20.73 25.11 -22.65
N ASN C 128 19.74 25.59 -21.90
CA ASN C 128 19.70 25.32 -20.46
C ASN C 128 18.23 25.04 -20.11
N MET C 129 17.96 24.03 -19.30
CA MET C 129 16.61 23.62 -18.93
C MET C 129 15.95 24.55 -17.90
N ARG C 130 14.84 25.19 -18.28
CA ARG C 130 14.13 26.08 -17.37
C ARG C 130 13.50 25.25 -16.27
N SER C 131 12.94 25.93 -15.26
CA SER C 131 12.36 25.25 -14.11
C SER C 131 11.14 24.38 -14.37
N GLN C 132 10.35 24.76 -15.36
CA GLN C 132 9.12 24.04 -15.69
C GLN C 132 9.30 22.92 -16.71
N GLY C 133 10.55 22.67 -17.09
CA GLY C 133 10.82 21.56 -18.01
C GLY C 133 10.80 21.89 -19.49
N THR C 134 10.97 23.15 -19.83
CA THR C 134 10.98 23.59 -21.20
C THR C 134 12.34 24.22 -21.48
N ILE C 135 12.57 24.58 -22.73
CA ILE C 135 13.78 25.25 -23.13
C ILE C 135 13.37 26.30 -24.15
N LYS C 136 14.23 27.30 -24.35
CA LYS C 136 14.01 28.33 -25.36
C LYS C 136 14.94 27.93 -26.51
N GLY C 137 14.47 27.04 -27.36
CA GLY C 137 15.28 26.58 -28.48
C GLY C 137 15.02 27.49 -29.66
N SER C 138 15.51 27.15 -30.82
CA SER C 138 15.19 28.04 -31.92
C SER C 138 14.49 27.21 -32.97
N PHE C 139 13.72 26.22 -32.53
CA PHE C 139 13.06 25.28 -33.43
C PHE C 139 12.01 25.76 -34.41
N ILE C 140 12.41 26.06 -35.64
CA ILE C 140 11.45 26.49 -36.64
C ILE C 140 10.82 25.27 -37.34
N ALA C 141 9.84 25.52 -38.19
CA ALA C 141 9.11 24.44 -38.85
C ALA C 141 10.03 23.39 -39.46
N GLY C 142 9.75 22.12 -39.14
CA GLY C 142 10.53 21.00 -39.65
C GLY C 142 11.65 20.48 -38.73
N THR C 143 11.79 21.07 -37.56
CA THR C 143 12.85 20.67 -36.65
C THR C 143 12.35 19.73 -35.57
N CYS C 144 11.08 19.37 -35.61
CA CYS C 144 10.57 18.47 -34.63
C CYS C 144 11.38 17.19 -34.78
N GLY C 145 11.59 16.55 -33.65
CA GLY C 145 12.38 15.34 -33.61
C GLY C 145 13.85 15.65 -33.45
N SER C 146 14.23 16.93 -33.45
CA SER C 146 15.65 17.33 -33.24
C SER C 146 16.13 16.77 -31.88
N VAL C 147 17.42 16.49 -31.76
CA VAL C 147 17.89 15.85 -30.53
C VAL C 147 18.83 16.61 -29.63
N GLY C 148 18.69 16.39 -28.34
CA GLY C 148 19.57 17.00 -27.37
C GLY C 148 20.47 15.90 -26.81
N TYR C 149 21.69 16.26 -26.44
CA TYR C 149 22.67 15.30 -25.88
C TYR C 149 23.74 16.03 -25.03
N VAL C 150 24.39 15.29 -24.14
CA VAL C 150 25.50 15.84 -23.32
C VAL C 150 26.62 14.78 -23.32
N LEU C 151 27.87 15.22 -23.31
CA LEU C 151 29.04 14.34 -23.25
C LEU C 151 29.64 14.53 -21.86
N GLU C 152 29.88 13.44 -21.15
CA GLU C 152 30.44 13.55 -19.81
C GLU C 152 31.39 12.42 -19.49
N ASN C 153 32.62 12.79 -19.16
CA ASN C 153 33.65 11.80 -18.82
C ASN C 153 33.92 10.92 -20.02
N GLY C 154 33.54 11.39 -21.20
CA GLY C 154 33.75 10.60 -22.41
C GLY C 154 32.58 9.72 -22.86
N ILE C 155 31.45 9.78 -22.18
CA ILE C 155 30.32 9.00 -22.62
C ILE C 155 29.18 9.89 -23.13
N LEU C 156 28.65 9.50 -24.29
CA LEU C 156 27.55 10.18 -24.97
C LEU C 156 26.22 9.80 -24.33
N TYR C 157 25.47 10.83 -23.90
CA TYR C 157 24.15 10.67 -23.31
C TYR C 157 23.09 11.32 -24.18
N PHE C 158 22.04 10.57 -24.52
CA PHE C 158 20.98 11.14 -25.31
C PHE C 158 19.98 11.60 -24.25
N VAL C 159 19.48 12.82 -24.40
CA VAL C 159 18.65 13.34 -23.34
C VAL C 159 17.39 14.08 -23.73
N TYR C 160 17.25 14.44 -24.98
CA TYR C 160 16.09 15.22 -25.44
C TYR C 160 15.74 15.00 -26.90
N MET C 161 14.43 15.00 -27.16
CA MET C 161 13.94 14.89 -28.52
C MET C 161 12.81 15.92 -28.56
N HIS C 162 12.90 16.80 -29.53
CA HIS C 162 11.93 17.85 -29.68
C HIS C 162 10.59 17.42 -30.22
N HIS C 163 9.56 17.93 -29.55
CA HIS C 163 8.19 17.66 -29.88
C HIS C 163 7.29 18.82 -30.29
N LEU C 164 7.30 19.92 -29.55
CA LEU C 164 6.28 20.94 -29.86
C LEU C 164 6.63 22.28 -29.22
N GLU C 165 5.85 23.29 -29.57
CA GLU C 165 6.07 24.63 -29.04
C GLU C 165 4.76 25.07 -28.34
N LEU C 166 4.89 25.55 -27.11
CA LEU C 166 3.72 26.01 -26.34
C LEU C 166 3.26 27.39 -26.87
N GLY C 167 2.06 27.83 -26.47
CA GLY C 167 1.61 29.12 -26.99
C GLY C 167 2.57 30.29 -26.70
N ASN C 168 3.28 30.23 -25.57
CA ASN C 168 4.20 31.28 -25.21
C ASN C 168 5.57 31.19 -25.87
N GLY C 169 5.74 30.25 -26.79
CA GLY C 169 7.05 30.16 -27.45
C GLY C 169 8.06 29.20 -26.85
N SER C 170 7.84 28.73 -25.62
CA SER C 170 8.77 27.80 -24.99
C SER C 170 8.74 26.45 -25.72
N HIS C 171 9.80 25.68 -25.59
CA HIS C 171 9.80 24.41 -26.30
C HIS C 171 9.74 23.19 -25.41
N VAL C 172 9.02 22.18 -25.90
CA VAL C 172 8.78 20.96 -25.19
C VAL C 172 9.28 19.72 -25.92
N GLY C 173 9.97 18.86 -25.16
CA GLY C 173 10.51 17.60 -25.66
C GLY C 173 10.40 16.53 -24.57
N SER C 174 10.82 15.31 -24.91
CA SER C 174 10.79 14.19 -23.98
C SER C 174 12.20 13.59 -23.80
N ASN C 175 12.33 12.67 -22.85
CA ASN C 175 13.60 12.01 -22.67
C ASN C 175 13.45 10.73 -23.51
N PHE C 176 14.47 9.87 -23.55
CA PHE C 176 14.35 8.67 -24.36
C PHE C 176 13.66 7.50 -23.72
N GLU C 177 13.04 7.79 -22.59
CA GLU C 177 12.24 6.86 -21.82
C GLU C 177 10.82 7.21 -22.34
N GLY C 178 10.75 8.24 -23.16
CA GLY C 178 9.46 8.64 -23.66
C GLY C 178 8.65 9.41 -22.65
N GLU C 179 9.30 10.02 -21.65
CA GLU C 179 8.57 10.84 -20.66
C GLU C 179 8.70 12.29 -21.13
N MET C 180 7.60 13.04 -21.18
CA MET C 180 7.73 14.42 -21.64
C MET C 180 8.19 15.32 -20.50
N TYR C 181 9.24 16.11 -20.77
CA TYR C 181 9.76 17.06 -19.77
C TYR C 181 8.62 18.02 -19.40
N GLY C 182 8.50 18.37 -18.11
CA GLY C 182 7.43 19.24 -17.69
C GLY C 182 6.10 18.53 -17.58
N GLY C 183 6.03 17.28 -18.06
CA GLY C 183 4.78 16.55 -18.02
C GLY C 183 3.72 17.01 -19.03
N TYR C 184 4.09 17.86 -19.99
CA TYR C 184 3.17 18.33 -21.03
C TYR C 184 2.76 17.18 -21.92
N GLU C 185 1.57 17.28 -22.48
CA GLU C 185 1.10 16.23 -23.36
C GLU C 185 1.41 16.57 -24.79
N ASP C 186 1.42 15.55 -25.64
CA ASP C 186 1.68 15.73 -27.05
C ASP C 186 0.33 15.86 -27.79
N GLN C 187 -0.38 16.91 -27.40
CA GLN C 187 -1.68 17.29 -27.95
C GLN C 187 -1.62 18.76 -28.36
N PRO C 188 -2.47 19.18 -29.31
CA PRO C 188 -2.45 20.58 -29.72
C PRO C 188 -3.32 21.39 -28.70
N SER C 189 -3.23 21.07 -27.40
CA SER C 189 -3.98 21.75 -26.34
C SER C 189 -3.27 23.06 -25.88
N MET C 190 -4.02 23.99 -25.27
CA MET C 190 -3.40 25.26 -24.85
C MET C 190 -2.82 25.11 -23.44
N GLN C 191 -1.64 24.49 -23.38
CA GLN C 191 -0.96 24.18 -22.14
C GLN C 191 -0.17 25.38 -21.62
N LEU C 192 -0.04 25.48 -20.30
CA LEU C 192 0.64 26.62 -19.66
C LEU C 192 1.94 26.31 -18.95
N GLU C 193 2.86 27.26 -19.03
CA GLU C 193 4.16 27.08 -18.37
C GLU C 193 4.19 27.75 -17.01
N GLY C 194 3.51 28.89 -16.90
CA GLY C 194 3.50 29.61 -15.65
C GLY C 194 4.73 30.51 -15.57
N THR C 195 4.97 31.10 -14.41
CA THR C 195 6.10 32.00 -14.24
C THR C 195 7.44 31.25 -14.15
N ASN C 196 8.41 31.64 -14.98
CA ASN C 196 9.67 30.92 -14.91
C ASN C 196 10.40 31.24 -13.59
N VAL C 197 11.18 30.29 -13.07
CA VAL C 197 11.95 30.53 -11.85
C VAL C 197 13.41 30.42 -12.26
N MET C 198 14.14 31.52 -12.11
CA MET C 198 15.55 31.57 -12.50
C MET C 198 16.49 30.83 -11.58
N SER C 199 17.50 30.19 -12.16
CA SER C 199 18.49 29.50 -11.36
C SER C 199 19.46 30.55 -10.78
N SER C 200 19.41 30.68 -9.45
CA SER C 200 20.28 31.59 -8.71
C SER C 200 21.74 31.13 -8.91
N ASP C 201 22.04 29.83 -8.81
CA ASP C 201 23.44 29.43 -9.02
C ASP C 201 23.91 29.84 -10.40
N ASN C 202 23.07 29.65 -11.41
CA ASN C 202 23.48 30.01 -12.78
C ASN C 202 23.73 31.54 -12.91
N VAL C 203 22.90 32.35 -12.29
CA VAL C 203 23.14 33.79 -12.33
C VAL C 203 24.43 34.19 -11.58
N VAL C 204 24.70 33.56 -10.45
CA VAL C 204 25.92 33.90 -9.74
C VAL C 204 27.09 33.51 -10.65
N ALA C 205 26.96 32.40 -11.38
CA ALA C 205 28.06 31.95 -12.24
C ALA C 205 28.32 32.97 -13.34
N PHE C 206 27.25 33.53 -13.87
CA PHE C 206 27.25 34.53 -14.90
C PHE C 206 27.97 35.82 -14.45
N LEU C 207 27.59 36.30 -13.26
CA LEU C 207 28.24 37.47 -12.67
C LEU C 207 29.77 37.29 -12.44
N TYR C 208 30.17 36.08 -12.07
CA TYR C 208 31.58 35.82 -11.88
C TYR C 208 32.26 35.91 -13.22
N ALA C 209 31.64 35.30 -14.22
CA ALA C 209 32.17 35.32 -15.57
C ALA C 209 32.42 36.76 -15.92
N ALA C 210 31.49 37.66 -15.54
CA ALA C 210 31.62 39.09 -15.88
C ALA C 210 32.81 39.74 -15.16
N LEU C 211 32.96 39.39 -13.88
CA LEU C 211 34.09 39.86 -13.08
C LEU C 211 35.35 39.38 -13.75
N ILE C 212 35.43 38.10 -14.07
CA ILE C 212 36.62 37.57 -14.71
C ILE C 212 36.91 38.36 -15.99
N ASN C 213 35.86 38.72 -16.74
CA ASN C 213 36.11 39.44 -17.99
C ASN C 213 36.18 40.95 -17.90
N GLY C 214 36.20 41.48 -16.68
CA GLY C 214 36.35 42.93 -16.57
C GLY C 214 35.23 43.81 -16.06
N GLU C 215 34.02 43.30 -15.94
CA GLU C 215 32.92 44.14 -15.48
C GLU C 215 32.65 43.95 -14.00
N ARG C 216 32.47 45.07 -13.30
CA ARG C 216 32.24 44.98 -11.87
C ARG C 216 31.40 46.13 -11.33
N TRP C 217 30.80 46.91 -12.19
CA TRP C 217 29.98 48.04 -11.72
C TRP C 217 28.82 47.57 -10.85
N PHE C 218 28.37 46.35 -11.07
CA PHE C 218 27.22 45.81 -10.31
C PHE C 218 27.59 45.38 -8.87
N VAL C 219 28.90 45.33 -8.60
CA VAL C 219 29.35 44.97 -7.26
C VAL C 219 29.51 46.21 -6.37
N THR C 220 28.75 46.24 -5.30
CA THR C 220 28.72 47.32 -4.31
C THR C 220 29.58 46.87 -3.11
N ASN C 221 29.52 47.60 -2.00
CA ASN C 221 30.31 47.20 -0.86
C ASN C 221 29.39 46.45 0.08
N THR C 222 28.17 46.22 -0.34
CA THR C 222 27.22 45.53 0.51
C THR C 222 27.12 44.05 0.19
N SER C 223 26.92 43.25 1.23
CA SER C 223 26.74 41.83 1.14
C SER C 223 25.36 41.50 1.67
N MET C 224 24.83 40.38 1.17
CA MET C 224 23.55 39.84 1.62
C MET C 224 23.86 38.41 2.02
N SER C 225 23.50 38.04 3.25
CA SER C 225 23.78 36.72 3.77
C SER C 225 22.96 35.69 3.04
N LEU C 226 23.48 34.47 2.98
CA LEU C 226 22.81 33.38 2.29
C LEU C 226 21.37 33.22 2.72
N GLU C 227 21.12 33.06 4.03
CA GLU C 227 19.73 32.90 4.49
C GLU C 227 18.86 34.03 4.03
N SER C 228 19.36 35.26 4.11
CA SER C 228 18.57 36.40 3.71
C SER C 228 18.26 36.32 2.23
N TYR C 229 19.22 35.86 1.43
CA TYR C 229 18.96 35.80 -0.01
C TYR C 229 17.93 34.70 -0.36
N ASN C 230 18.12 33.47 0.15
CA ASN C 230 17.19 32.37 -0.13
C ASN C 230 15.76 32.72 0.37
N THR C 231 15.67 33.56 1.39
CA THR C 231 14.33 33.92 1.86
C THR C 231 13.69 34.76 0.77
N TRP C 232 14.43 35.77 0.36
CA TRP C 232 14.03 36.68 -0.70
C TRP C 232 13.68 35.91 -1.97
N ALA C 233 14.48 34.88 -2.25
CA ALA C 233 14.31 34.09 -3.45
C ALA C 233 12.87 33.56 -3.58
N LYS C 234 12.24 33.07 -2.48
CA LYS C 234 10.87 32.48 -2.53
C LYS C 234 9.74 33.37 -3.02
N THR C 235 9.89 34.66 -2.84
CA THR C 235 8.81 35.54 -3.27
C THR C 235 9.29 36.29 -4.53
N ASN C 236 10.44 35.88 -5.07
CA ASN C 236 10.92 36.59 -6.26
C ASN C 236 11.30 35.76 -7.51
N SER C 237 10.92 34.49 -7.52
CA SER C 237 11.12 33.63 -8.65
C SER C 237 12.56 33.25 -8.88
N PHE C 238 13.28 32.97 -7.82
CA PHE C 238 14.66 32.51 -8.00
C PHE C 238 14.79 31.23 -7.23
N THR C 239 15.71 30.38 -7.64
CA THR C 239 15.91 29.15 -6.89
C THR C 239 16.70 29.53 -5.61
N GLU C 240 16.95 28.54 -4.75
CA GLU C 240 17.74 28.79 -3.57
C GLU C 240 19.18 28.53 -3.99
N LEU C 241 20.08 29.32 -3.43
CA LEU C 241 21.48 29.16 -3.69
C LEU C 241 21.83 27.98 -2.75
N SER C 242 22.11 26.82 -3.35
CA SER C 242 22.45 25.62 -2.57
C SER C 242 23.52 25.87 -1.49
N SER C 243 24.70 26.29 -1.93
CA SER C 243 25.82 26.56 -1.03
C SER C 243 26.80 27.53 -1.68
N THR C 244 27.63 28.17 -0.88
CA THR C 244 28.61 29.10 -1.40
C THR C 244 29.90 28.35 -1.76
N ASP C 245 30.00 27.08 -1.34
CA ASP C 245 31.15 26.21 -1.58
C ASP C 245 31.45 26.11 -3.07
N ALA C 246 30.41 25.75 -3.82
CA ALA C 246 30.45 25.60 -5.28
C ALA C 246 31.28 26.69 -5.99
N PHE C 247 31.22 27.90 -5.44
CA PHE C 247 31.90 29.05 -6.01
C PHE C 247 33.31 29.39 -5.52
N SER C 248 33.81 28.64 -4.54
CA SER C 248 35.14 28.85 -3.99
C SER C 248 36.17 29.21 -5.02
N MET C 249 36.32 28.40 -6.07
CA MET C 249 37.33 28.74 -7.06
C MET C 249 37.12 30.12 -7.68
N LEU C 250 35.90 30.40 -8.11
CA LEU C 250 35.56 31.71 -8.70
C LEU C 250 35.68 32.86 -7.69
N ALA C 251 35.19 32.66 -6.47
CA ALA C 251 35.32 33.70 -5.44
C ALA C 251 36.81 33.97 -5.18
N ALA C 252 37.57 32.90 -5.01
CA ALA C 252 38.99 33.05 -4.75
C ALA C 252 39.68 33.88 -5.85
N LYS C 253 39.47 33.48 -7.11
CA LYS C 253 40.09 34.13 -8.25
C LYS C 253 39.71 35.58 -8.50
N THR C 254 38.44 35.93 -8.29
CA THR C 254 37.97 37.30 -8.53
C THR C 254 38.07 38.23 -7.31
N GLY C 255 38.21 37.65 -6.12
CA GLY C 255 38.30 38.47 -4.94
C GLY C 255 36.92 38.92 -4.49
N GLN C 256 35.89 38.34 -5.08
CA GLN C 256 34.49 38.72 -4.75
C GLN C 256 33.76 37.52 -4.21
N SER C 257 33.26 37.65 -2.99
CA SER C 257 32.56 36.54 -2.39
C SER C 257 31.16 36.38 -2.92
N VAL C 258 30.64 35.17 -2.81
CA VAL C 258 29.27 34.87 -3.22
C VAL C 258 28.23 35.89 -2.64
N GLU C 259 28.20 36.09 -1.32
CA GLU C 259 27.19 37.01 -0.71
C GLU C 259 27.27 38.42 -1.31
N LYS C 260 28.43 38.76 -1.86
CA LYS C 260 28.58 40.03 -2.56
C LYS C 260 27.68 39.98 -3.85
N LEU C 261 27.74 38.86 -4.57
CA LEU C 261 26.94 38.75 -5.79
C LEU C 261 25.48 38.57 -5.44
N LEU C 262 25.17 37.93 -4.30
CA LEU C 262 23.76 37.76 -3.94
C LEU C 262 23.14 39.12 -3.76
N ASP C 263 23.86 40.07 -3.17
CA ASP C 263 23.29 41.41 -3.03
C ASP C 263 23.09 42.11 -4.39
N SER C 264 24.06 41.96 -5.30
CA SER C 264 23.93 42.54 -6.66
C SER C 264 22.72 41.93 -7.41
N ILE C 265 22.39 40.64 -7.15
CA ILE C 265 21.28 40.02 -7.86
C ILE C 265 19.98 40.73 -7.48
N VAL C 266 19.78 41.01 -6.20
CA VAL C 266 18.52 41.64 -5.75
C VAL C 266 18.37 43.03 -6.32
N ARG C 267 19.46 43.78 -6.38
CA ARG C 267 19.41 45.11 -6.96
C ARG C 267 19.26 45.04 -8.48
N LEU C 268 20.00 44.15 -9.11
CA LEU C 268 19.94 44.05 -10.58
C LEU C 268 18.58 43.53 -11.05
N ASN C 269 17.95 42.68 -10.25
CA ASN C 269 16.66 42.12 -10.60
C ASN C 269 15.72 43.30 -10.70
N LYS C 270 16.05 44.36 -9.95
CA LYS C 270 15.23 45.55 -9.93
C LYS C 270 15.39 46.38 -11.22
N GLY C 271 16.55 46.26 -11.88
CA GLY C 271 16.81 46.99 -13.11
C GLY C 271 18.29 47.28 -13.28
N PHE C 272 18.77 47.34 -14.52
CA PHE C 272 20.20 47.61 -14.76
C PHE C 272 20.57 49.09 -14.90
N GLY C 273 19.57 49.97 -14.78
CA GLY C 273 19.82 51.39 -14.92
C GLY C 273 20.48 51.70 -16.25
N GLY C 274 20.07 50.98 -17.29
CA GLY C 274 20.66 51.24 -18.57
C GLY C 274 22.07 50.75 -18.79
N ARG C 275 22.70 50.13 -17.79
CA ARG C 275 24.06 49.61 -17.99
C ARG C 275 23.92 48.14 -18.48
N THR C 276 25.04 47.53 -18.90
CA THR C 276 25.02 46.15 -19.40
C THR C 276 26.08 45.24 -18.73
N ILE C 277 25.77 43.94 -18.64
CA ILE C 277 26.71 42.97 -18.10
C ILE C 277 26.98 41.97 -19.25
N LEU C 278 28.22 41.94 -19.75
CA LEU C 278 28.59 41.08 -20.86
C LEU C 278 27.58 41.27 -22.02
N SER C 279 27.25 42.53 -22.28
CA SER C 279 26.31 42.93 -23.35
C SER C 279 24.81 42.80 -23.04
N TYR C 280 24.41 42.02 -22.03
CA TYR C 280 22.98 41.84 -21.72
C TYR C 280 22.41 42.97 -20.85
N GLY C 281 21.11 43.21 -20.95
CA GLY C 281 20.45 44.24 -20.16
C GLY C 281 19.58 43.64 -19.06
N SER C 282 19.68 42.32 -18.87
CA SER C 282 18.95 41.67 -17.76
C SER C 282 19.72 40.46 -17.31
N LEU C 283 19.34 39.89 -16.16
CA LEU C 283 20.12 38.77 -15.65
C LEU C 283 20.02 37.51 -16.51
N CYS C 284 21.13 36.81 -16.69
CA CYS C 284 21.17 35.60 -17.49
C CYS C 284 21.42 34.33 -16.64
N ASP C 285 20.51 33.35 -16.70
CA ASP C 285 20.70 32.12 -15.93
C ASP C 285 20.93 30.90 -16.82
N GLU C 286 21.53 31.13 -17.98
CA GLU C 286 21.82 30.14 -19.01
C GLU C 286 23.10 29.34 -18.83
N PHE C 287 23.97 29.75 -17.91
CA PHE C 287 25.24 29.05 -17.71
C PHE C 287 25.31 28.52 -16.29
N THR C 288 25.78 27.29 -16.17
CA THR C 288 25.94 26.66 -14.87
C THR C 288 27.34 27.01 -14.35
N PRO C 289 27.58 26.84 -13.04
CA PRO C 289 28.89 27.14 -12.45
C PRO C 289 29.95 26.24 -13.10
N THR C 290 29.60 25.01 -13.40
CA THR C 290 30.54 24.06 -14.03
C THR C 290 30.90 24.49 -15.45
N GLU C 291 29.92 25.08 -16.11
CA GLU C 291 30.06 25.55 -17.48
C GLU C 291 30.97 26.75 -17.51
N VAL C 292 30.75 27.70 -16.58
CA VAL C 292 31.55 28.92 -16.48
C VAL C 292 33.01 28.57 -16.13
N ILE C 293 33.20 27.67 -15.15
CA ILE C 293 34.54 27.29 -14.76
C ILE C 293 35.23 26.53 -15.90
N ARG C 294 34.50 25.63 -16.55
CA ARG C 294 35.07 24.87 -17.66
C ARG C 294 35.52 25.78 -18.80
N GLN C 295 34.87 26.92 -18.95
CA GLN C 295 35.19 27.87 -20.02
C GLN C 295 36.17 28.96 -19.61
N MET C 296 36.15 29.33 -18.34
CA MET C 296 37.04 30.37 -17.84
C MET C 296 38.41 29.78 -17.57
N TYR C 297 38.42 28.56 -17.04
CA TYR C 297 39.70 27.94 -16.69
C TYR C 297 40.01 26.57 -17.28
N GLY C 298 39.02 25.92 -17.87
CA GLY C 298 39.27 24.61 -18.44
C GLY C 298 39.65 23.65 -17.35
N VAL C 299 39.08 23.87 -16.17
CA VAL C 299 39.36 23.05 -15.00
C VAL C 299 38.64 21.72 -15.08
N ASN C 300 39.12 20.77 -14.27
CA ASN C 300 38.63 19.39 -14.12
C ASN C 300 38.14 18.65 -15.36
N SER D 1 12.05 31.29 -30.76
CA SER D 1 12.73 32.25 -29.84
C SER D 1 13.40 33.40 -30.60
N GLY D 2 14.03 34.29 -29.86
CA GLY D 2 14.71 35.42 -30.47
C GLY D 2 15.79 35.07 -31.50
N LEU D 3 16.96 35.61 -31.32
CA LEU D 3 18.04 35.38 -32.28
C LEU D 3 19.17 34.90 -31.41
N ARG D 4 19.78 33.77 -31.78
CA ARG D 4 20.89 33.21 -31.01
C ARG D 4 22.01 32.68 -31.93
N LYS D 5 23.26 32.85 -31.52
CA LYS D 5 24.38 32.35 -32.33
C LYS D 5 24.34 30.83 -32.37
N MET D 6 24.59 30.28 -33.53
CA MET D 6 24.60 28.84 -33.68
C MET D 6 25.86 28.49 -34.46
N ALA D 7 26.21 27.21 -34.45
CA ALA D 7 27.36 26.78 -35.24
C ALA D 7 26.91 25.67 -36.23
N GLN D 8 27.62 25.50 -37.34
CA GLN D 8 27.30 24.40 -38.27
C GLN D 8 27.88 23.11 -37.61
N PRO D 9 27.26 21.95 -37.87
CA PRO D 9 27.78 20.70 -37.25
C PRO D 9 29.30 20.48 -37.46
N SER D 10 29.94 19.81 -36.50
CA SER D 10 31.40 19.60 -36.48
C SER D 10 31.92 18.19 -36.79
N GLY D 11 31.00 17.29 -37.16
CA GLY D 11 31.33 15.90 -37.45
C GLY D 11 32.54 15.64 -38.36
N LEU D 12 32.71 16.45 -39.40
CA LEU D 12 33.81 16.26 -40.32
C LEU D 12 35.12 16.76 -39.75
N VAL D 13 35.06 17.73 -38.86
CA VAL D 13 36.31 18.27 -38.34
C VAL D 13 36.88 17.52 -37.16
N GLU D 14 36.02 17.01 -36.29
CA GLU D 14 36.50 16.32 -35.11
C GLU D 14 37.58 15.26 -35.32
N PRO D 15 37.37 14.34 -36.27
CA PRO D 15 38.42 13.32 -36.46
C PRO D 15 39.76 13.83 -36.98
N CYS D 16 39.84 15.13 -37.28
CA CYS D 16 41.08 15.68 -37.78
C CYS D 16 41.89 16.39 -36.72
N ILE D 17 41.33 16.49 -35.53
CA ILE D 17 42.02 17.18 -34.45
C ILE D 17 43.00 16.26 -33.72
N VAL D 18 44.23 16.72 -33.58
CA VAL D 18 45.27 15.98 -32.87
C VAL D 18 46.00 16.87 -31.82
N ARG D 19 46.62 16.22 -30.83
CA ARG D 19 47.40 16.89 -29.77
C ARG D 19 48.84 16.97 -30.24
N VAL D 20 49.40 18.18 -30.24
CA VAL D 20 50.79 18.40 -30.66
C VAL D 20 51.53 19.03 -29.48
N SER D 21 52.47 18.28 -28.92
CA SER D 21 53.26 18.76 -27.79
C SER D 21 54.72 18.79 -28.12
N TYR D 22 55.37 19.86 -27.68
CA TYR D 22 56.79 20.09 -27.90
C TYR D 22 57.37 20.90 -26.71
N GLY D 23 58.47 20.43 -26.13
CA GLY D 23 59.05 21.13 -25.00
C GLY D 23 58.01 21.23 -23.89
N ASN D 24 57.83 22.44 -23.36
CA ASN D 24 56.85 22.67 -22.29
C ASN D 24 55.47 23.04 -22.89
N ASN D 25 55.38 23.02 -24.22
CA ASN D 25 54.16 23.39 -24.92
C ASN D 25 53.21 22.27 -25.38
N VAL D 26 51.93 22.41 -25.00
CA VAL D 26 50.89 21.44 -25.40
C VAL D 26 49.70 22.20 -26.09
N LEU D 27 49.50 22.00 -27.40
CA LEU D 27 48.37 22.64 -28.12
C LEU D 27 47.70 21.66 -29.10
N ASN D 28 46.85 22.17 -30.00
CA ASN D 28 46.11 21.33 -30.95
C ASN D 28 46.59 21.54 -32.35
N GLY D 29 46.36 20.53 -33.20
CA GLY D 29 46.76 20.70 -34.58
C GLY D 29 45.73 20.10 -35.52
N LEU D 30 45.87 20.40 -36.80
CA LEU D 30 44.94 19.89 -37.79
C LEU D 30 45.54 18.82 -38.71
N TRP D 31 45.14 17.56 -38.50
CA TRP D 31 45.67 16.44 -39.29
C TRP D 31 44.81 16.18 -40.54
N LEU D 32 45.32 16.67 -41.67
CA LEU D 32 44.72 16.52 -42.99
C LEU D 32 45.65 15.70 -43.88
N GLY D 33 45.29 14.46 -44.15
CA GLY D 33 46.20 13.65 -44.94
C GLY D 33 47.41 13.24 -44.09
N ASP D 34 48.60 13.46 -44.60
CA ASP D 34 49.83 13.11 -43.89
C ASP D 34 50.51 14.33 -43.21
N GLU D 35 49.78 15.44 -43.10
CA GLU D 35 50.30 16.62 -42.45
C GLU D 35 49.47 16.93 -41.24
N VAL D 36 50.11 17.65 -40.33
CA VAL D 36 49.47 18.14 -39.14
C VAL D 36 49.95 19.57 -39.12
N ILE D 37 48.99 20.47 -39.02
CA ILE D 37 49.30 21.90 -38.99
C ILE D 37 48.91 22.41 -37.59
N CYS D 38 49.73 23.31 -37.04
CA CYS D 38 49.47 23.89 -35.71
C CYS D 38 50.18 25.19 -35.61
N PRO D 39 49.93 25.95 -34.53
CA PRO D 39 50.61 27.23 -34.38
C PRO D 39 52.12 26.95 -34.13
N ARG D 40 52.98 27.63 -34.85
CA ARG D 40 54.40 27.38 -34.69
C ARG D 40 55.04 27.86 -33.36
N HIS D 41 54.27 28.42 -32.43
CA HIS D 41 54.87 28.85 -31.18
C HIS D 41 54.89 27.67 -30.21
N VAL D 42 54.41 26.51 -30.67
CA VAL D 42 54.43 25.33 -29.82
C VAL D 42 55.92 24.94 -29.66
N ILE D 43 56.73 25.53 -30.52
CA ILE D 43 58.16 25.26 -30.56
C ILE D 43 59.07 26.22 -29.76
N ALA D 44 58.49 27.25 -29.14
CA ALA D 44 59.25 28.25 -28.36
C ALA D 44 59.52 27.74 -26.96
N SER D 45 60.72 27.93 -26.45
CA SER D 45 60.98 27.46 -25.09
C SER D 45 60.37 28.44 -24.07
N ASP D 46 60.30 29.73 -24.42
CA ASP D 46 59.74 30.72 -23.49
C ASP D 46 58.70 31.68 -24.16
N THR D 47 57.43 31.35 -23.99
CA THR D 47 56.36 32.14 -24.60
C THR D 47 56.02 33.46 -23.87
N THR D 48 56.74 33.79 -22.80
CA THR D 48 56.56 35.05 -22.06
C THR D 48 57.55 36.15 -22.53
N ARG D 49 58.55 35.81 -23.35
CA ARG D 49 59.52 36.78 -23.84
C ARG D 49 59.66 36.69 -25.37
N VAL D 50 60.26 37.66 -26.01
CA VAL D 50 60.42 37.61 -27.46
C VAL D 50 60.93 36.26 -27.94
N ILE D 51 60.46 35.80 -29.10
CA ILE D 51 60.83 34.49 -29.69
C ILE D 51 61.61 34.70 -31.00
N ASN D 52 62.64 33.88 -31.22
CA ASN D 52 63.43 33.92 -32.48
C ASN D 52 63.12 32.57 -33.12
N TYR D 53 62.07 32.53 -33.93
CA TYR D 53 61.66 31.28 -34.56
C TYR D 53 62.76 30.62 -35.40
N GLU D 54 63.55 31.43 -36.09
CA GLU D 54 64.66 30.92 -36.91
C GLU D 54 65.59 30.07 -36.04
N ASN D 55 66.19 30.70 -35.03
CA ASN D 55 67.09 29.98 -34.15
C ASN D 55 66.38 28.80 -33.50
N GLU D 56 65.09 28.97 -33.23
CA GLU D 56 64.33 27.91 -32.60
C GLU D 56 64.16 26.72 -33.53
N MET D 57 63.90 26.97 -34.82
CA MET D 57 63.75 25.87 -35.77
C MET D 57 65.08 25.12 -35.86
N SER D 58 66.15 25.84 -36.17
CA SER D 58 67.50 25.25 -36.27
C SER D 58 67.80 24.25 -35.17
N SER D 59 67.10 24.35 -34.04
CA SER D 59 67.33 23.50 -32.89
C SER D 59 66.35 22.37 -32.68
N VAL D 60 65.37 22.26 -33.56
CA VAL D 60 64.36 21.24 -33.40
C VAL D 60 64.88 19.81 -33.51
N ARG D 61 64.22 18.91 -32.81
CA ARG D 61 64.51 17.49 -32.81
C ARG D 61 63.16 16.85 -33.00
N LEU D 62 62.93 16.39 -34.21
CA LEU D 62 61.66 15.82 -34.54
C LEU D 62 61.14 14.85 -33.51
N HIS D 63 62.01 14.03 -32.92
CA HIS D 63 61.47 13.06 -31.97
C HIS D 63 60.97 13.64 -30.70
N ASN D 64 61.25 14.91 -30.48
CA ASN D 64 60.73 15.47 -29.25
C ASN D 64 59.31 16.03 -29.40
N PHE D 65 58.79 16.01 -30.62
CA PHE D 65 57.41 16.42 -30.88
C PHE D 65 56.58 15.23 -30.40
N SER D 66 55.32 15.49 -30.10
CA SER D 66 54.45 14.40 -29.72
C SER D 66 53.08 14.66 -30.31
N VAL D 67 52.83 14.04 -31.47
CA VAL D 67 51.56 14.17 -32.17
C VAL D 67 50.69 12.94 -31.90
N SER D 68 49.55 13.12 -31.25
CA SER D 68 48.71 11.99 -31.01
C SER D 68 47.26 12.28 -31.33
N LYS D 69 46.41 11.25 -31.20
CA LYS D 69 44.97 11.33 -31.42
C LYS D 69 44.46 10.25 -30.47
N ASN D 70 43.89 10.70 -29.36
CA ASN D 70 43.44 9.75 -28.36
C ASN D 70 44.71 9.01 -27.94
N ASN D 71 44.72 7.68 -27.94
CA ASN D 71 45.94 7.01 -27.53
C ASN D 71 46.74 6.37 -28.64
N VAL D 72 46.94 7.11 -29.72
CA VAL D 72 47.69 6.59 -30.84
C VAL D 72 48.59 7.69 -31.35
N PHE D 73 49.89 7.49 -31.19
CA PHE D 73 50.90 8.46 -31.62
C PHE D 73 51.32 8.25 -33.07
N LEU D 74 51.47 9.34 -33.81
CA LEU D 74 51.93 9.25 -35.19
C LEU D 74 53.25 9.96 -35.17
N GLY D 75 54.27 9.30 -35.69
CA GLY D 75 55.60 9.88 -35.69
C GLY D 75 55.76 10.95 -36.71
N VAL D 76 56.57 11.96 -36.38
CA VAL D 76 56.84 13.10 -37.23
C VAL D 76 58.02 12.82 -38.10
N VAL D 77 57.89 13.13 -39.38
CA VAL D 77 58.93 12.88 -40.36
C VAL D 77 59.69 14.13 -40.76
N SER D 78 59.00 15.26 -40.83
CA SER D 78 59.63 16.52 -41.20
C SER D 78 58.85 17.66 -40.52
N ALA D 79 59.44 18.84 -40.46
CA ALA D 79 58.82 20.01 -39.84
C ALA D 79 59.23 21.30 -40.58
N ARG D 80 58.28 22.20 -40.85
CA ARG D 80 58.59 23.45 -41.55
C ARG D 80 57.57 24.53 -41.24
N TYR D 81 57.99 25.79 -41.35
CA TYR D 81 57.06 26.88 -41.12
C TYR D 81 56.41 27.15 -42.46
N LYS D 82 55.18 27.68 -42.42
CA LYS D 82 54.39 28.12 -43.57
C LYS D 82 53.80 29.38 -42.95
N GLY D 83 54.47 30.51 -43.13
CA GLY D 83 54.04 31.75 -42.48
C GLY D 83 54.06 31.55 -40.95
N VAL D 84 52.91 31.67 -40.28
CA VAL D 84 52.89 31.49 -38.83
C VAL D 84 52.42 30.10 -38.41
N ASN D 85 52.25 29.21 -39.38
CA ASN D 85 51.82 27.84 -39.11
C ASN D 85 53.02 26.87 -39.17
N LEU D 86 53.03 25.86 -38.31
CA LEU D 86 54.08 24.85 -38.34
C LEU D 86 53.39 23.65 -39.05
N VAL D 87 54.06 23.10 -40.06
CA VAL D 87 53.53 21.97 -40.84
C VAL D 87 54.39 20.74 -40.58
N LEU D 88 53.85 19.73 -39.90
CA LEU D 88 54.57 18.50 -39.59
C LEU D 88 54.14 17.29 -40.47
N LYS D 89 55.08 16.69 -41.20
CA LYS D 89 54.79 15.51 -42.05
C LYS D 89 54.80 14.27 -41.14
N VAL D 90 53.72 13.50 -41.13
CA VAL D 90 53.69 12.31 -40.28
C VAL D 90 53.69 10.95 -41.02
N ASN D 91 53.92 9.89 -40.24
CA ASN D 91 53.99 8.52 -40.75
C ASN D 91 52.65 7.81 -40.99
N GLN D 92 51.56 8.56 -41.13
CA GLN D 92 50.24 8.00 -41.43
C GLN D 92 49.29 9.09 -41.95
N VAL D 93 48.48 8.73 -42.94
CA VAL D 93 47.50 9.68 -43.50
C VAL D 93 46.24 9.50 -42.68
N ASN D 94 45.56 10.61 -42.41
CA ASN D 94 44.31 10.56 -41.67
C ASN D 94 43.34 9.80 -42.56
N PRO D 95 42.94 8.58 -42.17
CA PRO D 95 41.99 7.81 -42.97
C PRO D 95 40.65 8.56 -43.00
N ASN D 96 40.36 9.24 -41.90
CA ASN D 96 39.14 10.00 -41.77
C ASN D 96 39.28 11.47 -42.24
N THR D 97 40.14 11.75 -43.22
CA THR D 97 40.31 13.11 -43.75
C THR D 97 39.12 13.50 -44.62
N PRO D 98 38.33 14.54 -44.24
CA PRO D 98 37.18 14.90 -45.09
C PRO D 98 37.61 15.63 -46.34
N GLU D 99 36.72 15.70 -47.32
CA GLU D 99 36.99 16.47 -48.54
C GLU D 99 36.91 17.94 -48.04
N HIS D 100 37.68 18.84 -48.63
CA HIS D 100 37.69 20.17 -48.05
C HIS D 100 38.49 21.14 -48.86
N LYS D 101 38.30 22.42 -48.57
CA LYS D 101 39.00 23.54 -49.20
C LYS D 101 39.49 24.56 -48.13
N PHE D 102 40.22 25.57 -48.55
CA PHE D 102 40.75 26.58 -47.61
C PHE D 102 40.38 27.92 -48.20
N LYS D 103 40.02 28.90 -47.37
CA LYS D 103 39.72 30.25 -47.84
C LYS D 103 39.81 31.21 -46.64
N SER D 104 39.76 32.48 -46.90
CA SER D 104 39.83 33.49 -45.86
C SER D 104 38.53 34.25 -45.59
N ILE D 105 38.22 34.40 -44.32
CA ILE D 105 37.07 35.13 -43.85
C ILE D 105 37.29 36.65 -43.94
N LYS D 106 36.28 37.38 -44.38
CA LYS D 106 36.42 38.83 -44.48
C LYS D 106 35.70 39.48 -43.30
N ALA D 107 35.96 40.75 -43.07
CA ALA D 107 35.31 41.50 -41.97
C ALA D 107 33.77 41.40 -42.08
N GLY D 108 33.11 41.15 -40.96
CA GLY D 108 31.65 41.10 -41.02
C GLY D 108 31.09 39.74 -41.34
N GLU D 109 31.96 38.81 -41.77
CA GLU D 109 31.54 37.42 -42.06
C GLU D 109 31.57 36.47 -40.89
N SER D 110 30.62 35.56 -40.83
CA SER D 110 30.55 34.62 -39.73
C SER D 110 31.16 33.29 -40.09
N PHE D 111 31.60 32.57 -39.07
CA PHE D 111 32.15 31.23 -39.24
C PHE D 111 32.08 30.45 -37.92
N ASN D 112 32.50 29.17 -37.94
CA ASN D 112 32.45 28.35 -36.74
C ASN D 112 33.83 28.06 -36.14
N ILE D 113 33.86 27.97 -34.81
CA ILE D 113 35.10 27.59 -34.10
C ILE D 113 34.92 26.23 -33.44
N LEU D 114 35.84 25.28 -33.68
CA LEU D 114 35.77 23.99 -32.96
C LEU D 114 36.91 24.23 -31.94
N ALA D 115 36.52 24.54 -30.69
CA ALA D 115 37.50 24.86 -29.62
C ALA D 115 38.01 23.55 -29.06
N CYS D 116 39.32 23.38 -29.11
CA CYS D 116 39.99 22.16 -28.70
C CYS D 116 40.97 22.39 -27.55
N TYR D 117 41.09 21.40 -26.68
CA TYR D 117 42.03 21.50 -25.58
C TYR D 117 43.00 20.32 -25.61
N GLU D 118 44.22 20.61 -26.03
CA GLU D 118 45.26 19.60 -26.11
C GLU D 118 44.83 18.36 -26.88
N GLY D 119 44.50 18.58 -28.16
CA GLY D 119 44.10 17.52 -29.07
C GLY D 119 42.72 16.91 -28.95
N CYS D 120 41.94 17.38 -27.99
CA CYS D 120 40.63 16.85 -27.80
C CYS D 120 39.53 17.92 -28.05
N PRO D 121 38.65 17.70 -29.06
CA PRO D 121 37.58 18.68 -29.33
C PRO D 121 36.64 18.84 -28.14
N GLY D 122 36.35 20.08 -27.74
CA GLY D 122 35.49 20.26 -26.58
C GLY D 122 34.22 21.07 -26.81
N SER D 123 34.24 22.05 -27.69
CA SER D 123 33.02 22.80 -27.96
C SER D 123 33.02 23.42 -29.35
N VAL D 124 31.86 23.87 -29.82
CA VAL D 124 31.76 24.50 -31.13
C VAL D 124 30.77 25.68 -30.98
N TYR D 125 31.12 26.78 -31.61
CA TYR D 125 30.29 27.97 -31.53
C TYR D 125 30.58 28.90 -32.66
N GLY D 126 29.61 29.76 -32.97
CA GLY D 126 29.77 30.69 -34.07
C GLY D 126 30.33 32.01 -33.60
N VAL D 127 31.13 32.61 -34.46
CA VAL D 127 31.78 33.90 -34.24
C VAL D 127 31.60 34.73 -35.50
N ASN D 128 32.08 35.98 -35.45
CA ASN D 128 31.99 36.93 -36.54
C ASN D 128 33.23 37.78 -36.55
N MET D 129 33.93 37.78 -37.68
CA MET D 129 35.18 38.53 -37.89
C MET D 129 35.00 40.05 -37.77
N ARG D 130 35.76 40.66 -36.85
CA ARG D 130 35.72 42.10 -36.60
C ARG D 130 36.55 42.85 -37.63
N SER D 131 36.35 44.16 -37.76
CA SER D 131 37.09 44.90 -38.78
C SER D 131 38.62 44.82 -38.71
N GLN D 132 39.20 44.71 -37.52
CA GLN D 132 40.67 44.69 -37.40
C GLN D 132 41.28 43.32 -37.61
N GLY D 133 40.42 42.37 -37.92
CA GLY D 133 40.89 41.03 -38.16
C GLY D 133 40.91 40.13 -36.95
N THR D 134 40.23 40.53 -35.88
CA THR D 134 40.18 39.72 -34.69
C THR D 134 38.79 39.12 -34.52
N ILE D 135 38.64 38.27 -33.53
CA ILE D 135 37.33 37.73 -33.21
C ILE D 135 37.20 37.75 -31.72
N LYS D 136 35.98 37.92 -31.24
CA LYS D 136 35.73 37.86 -29.81
C LYS D 136 35.22 36.44 -29.57
N GLY D 137 36.09 35.56 -29.14
CA GLY D 137 35.65 34.21 -28.92
C GLY D 137 35.82 33.84 -27.47
N SER D 138 36.16 32.62 -27.22
CA SER D 138 36.35 32.21 -25.85
C SER D 138 37.47 31.19 -25.97
N PHE D 139 38.70 31.69 -25.82
CA PHE D 139 39.89 30.86 -25.87
C PHE D 139 40.66 31.06 -24.59
N ILE D 140 41.18 29.96 -24.07
CA ILE D 140 42.00 29.94 -22.86
C ILE D 140 43.30 29.29 -23.23
N ALA D 141 44.23 29.25 -22.29
CA ALA D 141 45.52 28.64 -22.60
C ALA D 141 45.30 27.16 -22.92
N GLY D 142 45.93 26.70 -24.00
CA GLY D 142 45.78 25.31 -24.40
C GLY D 142 44.80 25.13 -25.56
N THR D 143 44.01 26.17 -25.88
CA THR D 143 43.08 26.06 -27.00
C THR D 143 43.72 26.62 -28.27
N CYS D 144 44.98 27.05 -28.17
CA CYS D 144 45.74 27.53 -29.31
C CYS D 144 45.70 26.30 -30.23
N GLY D 145 45.60 26.51 -31.52
CA GLY D 145 45.51 25.33 -32.38
C GLY D 145 44.07 25.12 -32.79
N SER D 146 43.09 25.47 -31.95
CA SER D 146 41.67 25.33 -32.31
C SER D 146 41.41 25.84 -33.75
N VAL D 147 40.39 25.28 -34.42
CA VAL D 147 40.15 25.62 -35.83
C VAL D 147 38.82 26.21 -36.23
N GLY D 148 38.87 27.13 -37.16
CA GLY D 148 37.66 27.75 -37.65
C GLY D 148 37.33 27.18 -39.04
N TYR D 149 36.03 26.88 -39.27
CA TYR D 149 35.56 26.32 -40.55
C TYR D 149 34.19 26.83 -40.92
N VAL D 150 33.82 26.71 -42.19
CA VAL D 150 32.44 27.09 -42.57
C VAL D 150 32.03 26.04 -43.60
N LEU D 151 30.74 25.71 -43.59
CA LEU D 151 30.19 24.78 -44.56
C LEU D 151 29.34 25.63 -45.50
N GLU D 152 29.74 25.73 -46.76
CA GLU D 152 29.00 26.51 -47.78
C GLU D 152 28.54 25.74 -49.02
N ASN D 153 27.21 25.63 -49.18
CA ASN D 153 26.67 24.95 -50.36
C ASN D 153 27.36 23.55 -50.46
N GLY D 154 27.37 22.80 -49.35
CA GLY D 154 27.99 21.48 -49.34
C GLY D 154 29.53 21.41 -49.24
N ILE D 155 30.27 22.51 -49.41
CA ILE D 155 31.72 22.48 -49.33
C ILE D 155 32.28 22.99 -47.98
N LEU D 156 33.21 22.19 -47.41
CA LEU D 156 33.87 22.52 -46.13
C LEU D 156 35.10 23.36 -46.42
N TYR D 157 35.15 24.52 -45.81
CA TYR D 157 36.31 25.40 -45.96
C TYR D 157 36.98 25.53 -44.60
N PHE D 158 38.29 25.34 -44.55
CA PHE D 158 39.01 25.53 -43.30
C PHE D 158 39.44 26.96 -43.43
N VAL D 159 39.14 27.78 -42.42
CA VAL D 159 39.37 29.22 -42.53
C VAL D 159 40.16 29.91 -41.38
N TYR D 160 40.33 29.26 -40.24
CA TYR D 160 41.00 29.88 -39.08
C TYR D 160 41.71 28.88 -38.19
N MET D 161 42.85 29.33 -37.63
CA MET D 161 43.58 28.55 -36.65
C MET D 161 43.93 29.55 -35.52
N HIS D 162 43.59 29.24 -34.28
CA HIS D 162 43.86 30.18 -33.19
C HIS D 162 45.33 30.21 -32.73
N HIS D 163 45.85 31.40 -32.51
CA HIS D 163 47.22 31.61 -32.04
C HIS D 163 47.34 32.30 -30.70
N LEU D 164 46.67 33.47 -30.53
CA LEU D 164 46.80 34.20 -29.26
C LEU D 164 45.70 35.22 -28.91
N GLU D 165 45.82 35.78 -27.72
CA GLU D 165 44.87 36.77 -27.25
C GLU D 165 45.60 38.09 -27.01
N LEU D 166 45.06 39.15 -27.57
CA LEU D 166 45.70 40.42 -27.37
C LEU D 166 45.49 40.97 -25.95
N GLY D 167 46.25 42.01 -25.63
CA GLY D 167 46.17 42.64 -24.34
C GLY D 167 44.73 43.04 -24.05
N ASN D 168 44.00 43.47 -25.08
CA ASN D 168 42.60 43.88 -24.82
C ASN D 168 41.55 42.76 -24.77
N GLY D 169 41.98 41.51 -24.84
CA GLY D 169 41.04 40.42 -24.81
C GLY D 169 40.59 39.83 -26.17
N SER D 170 40.83 40.56 -27.27
CA SER D 170 40.47 40.12 -28.63
C SER D 170 41.33 38.94 -29.09
N HIS D 171 40.75 38.07 -29.91
CA HIS D 171 41.46 36.88 -30.37
C HIS D 171 42.06 36.95 -31.77
N VAL D 172 43.26 36.39 -31.87
CA VAL D 172 44.07 36.44 -33.09
C VAL D 172 44.44 35.05 -33.66
N GLY D 173 44.25 34.90 -34.96
CA GLY D 173 44.55 33.62 -35.56
C GLY D 173 44.99 33.79 -37.00
N SER D 174 45.19 32.66 -37.68
CA SER D 174 45.62 32.73 -39.05
C SER D 174 44.71 31.86 -39.94
N ASN D 175 44.95 31.99 -41.24
CA ASN D 175 44.26 31.21 -42.26
C ASN D 175 45.24 30.06 -42.58
N PHE D 176 44.84 29.06 -43.38
CA PHE D 176 45.75 27.97 -43.61
C PHE D 176 46.89 28.23 -44.59
N GLU D 177 46.99 29.48 -45.02
CA GLU D 177 48.07 29.95 -45.85
C GLU D 177 49.17 30.45 -44.91
N GLY D 178 48.87 30.42 -43.61
CA GLY D 178 49.83 30.89 -42.64
C GLY D 178 50.00 32.39 -42.55
N GLU D 179 48.98 33.15 -42.94
CA GLU D 179 49.01 34.59 -42.81
C GLU D 179 48.11 34.92 -41.58
N MET D 180 48.58 35.79 -40.69
CA MET D 180 47.76 36.10 -39.53
C MET D 180 46.66 37.16 -39.84
N TYR D 181 45.42 36.86 -39.48
CA TYR D 181 44.36 37.82 -39.74
C TYR D 181 44.76 39.10 -39.02
N GLY D 182 44.52 40.24 -39.67
CA GLY D 182 44.91 41.51 -39.07
C GLY D 182 46.42 41.87 -39.04
N GLY D 183 47.29 40.94 -39.45
CA GLY D 183 48.73 41.19 -39.45
C GLY D 183 49.46 41.21 -38.10
N TYR D 184 48.79 40.83 -37.02
CA TYR D 184 49.45 40.85 -35.74
C TYR D 184 50.58 39.81 -35.76
N GLU D 185 51.63 39.99 -34.95
CA GLU D 185 52.74 39.01 -34.91
C GLU D 185 52.53 37.92 -33.86
N ASP D 186 53.08 36.75 -34.11
CA ASP D 186 52.97 35.69 -33.14
C ASP D 186 54.10 35.86 -32.10
N GLN D 187 53.95 36.89 -31.28
CA GLN D 187 54.92 37.24 -30.23
C GLN D 187 54.11 37.68 -29.01
N PRO D 188 54.68 37.46 -27.80
CA PRO D 188 53.98 37.87 -26.57
C PRO D 188 54.17 39.40 -26.33
N SER D 189 53.94 40.18 -27.39
CA SER D 189 54.09 41.62 -27.33
C SER D 189 52.79 42.39 -27.00
N MET D 190 52.91 43.70 -26.74
CA MET D 190 51.77 44.56 -26.33
C MET D 190 51.06 45.30 -27.46
N GLN D 191 51.01 44.58 -28.55
CA GLN D 191 50.40 44.85 -29.84
C GLN D 191 48.96 45.35 -29.61
N LEU D 192 48.61 46.50 -30.17
CA LEU D 192 47.26 47.04 -30.03
C LEU D 192 46.38 46.65 -31.24
N GLU D 193 45.10 46.44 -30.94
CA GLU D 193 44.13 46.04 -31.94
C GLU D 193 43.76 47.09 -32.92
N GLY D 194 43.39 48.28 -32.44
CA GLY D 194 43.00 49.34 -33.34
C GLY D 194 41.50 49.63 -33.11
N THR D 195 40.97 50.68 -33.71
CA THR D 195 39.55 50.99 -33.55
C THR D 195 38.68 49.95 -34.28
N ASN D 196 37.68 49.44 -33.56
CA ASN D 196 36.73 48.46 -34.08
C ASN D 196 35.68 49.25 -34.88
N VAL D 197 35.34 48.81 -36.08
CA VAL D 197 34.29 49.46 -36.90
C VAL D 197 33.13 48.46 -36.98
N MET D 198 31.96 48.85 -36.47
CA MET D 198 30.80 47.96 -36.47
C MET D 198 30.25 47.72 -37.89
N SER D 199 29.91 46.49 -38.21
CA SER D 199 29.31 46.18 -39.50
C SER D 199 27.81 46.65 -39.54
N SER D 200 27.56 47.71 -40.33
CA SER D 200 26.22 48.27 -40.51
C SER D 200 25.26 47.24 -41.10
N ASP D 201 25.71 46.44 -42.07
CA ASP D 201 24.83 45.40 -42.62
C ASP D 201 24.32 44.46 -41.54
N ASN D 202 25.22 44.03 -40.68
CA ASN D 202 24.85 43.11 -39.61
C ASN D 202 23.97 43.74 -38.56
N VAL D 203 24.18 45.01 -38.27
CA VAL D 203 23.35 45.67 -37.29
C VAL D 203 21.94 45.77 -37.85
N VAL D 204 21.77 46.20 -39.11
CA VAL D 204 20.42 46.24 -39.74
C VAL D 204 19.73 44.86 -39.63
N ALA D 205 20.46 43.81 -40.02
CA ALA D 205 19.95 42.43 -39.92
C ALA D 205 19.48 42.15 -38.49
N PHE D 206 20.25 42.62 -37.52
CA PHE D 206 19.92 42.39 -36.13
C PHE D 206 18.62 43.15 -35.75
N LEU D 207 18.49 44.37 -36.25
CA LEU D 207 17.25 45.15 -35.96
C LEU D 207 15.99 44.50 -36.62
N TYR D 208 16.13 43.90 -37.81
CA TYR D 208 14.98 43.22 -38.43
C TYR D 208 14.67 41.97 -37.60
N ALA D 209 15.69 41.30 -37.09
CA ALA D 209 15.41 40.11 -36.30
C ALA D 209 14.60 40.54 -35.07
N ALA D 210 14.93 41.70 -34.50
CA ALA D 210 14.18 42.15 -33.33
C ALA D 210 12.70 42.42 -33.69
N LEU D 211 12.48 43.02 -34.85
CA LEU D 211 11.13 43.34 -35.36
C LEU D 211 10.39 42.05 -35.60
N ILE D 212 11.06 41.02 -36.12
CA ILE D 212 10.36 39.77 -36.36
C ILE D 212 9.96 39.15 -35.01
N ASN D 213 10.80 39.31 -34.00
CA ASN D 213 10.51 38.73 -32.69
C ASN D 213 9.48 39.60 -31.92
N GLY D 214 8.96 40.65 -32.55
CA GLY D 214 7.97 41.50 -31.89
C GLY D 214 8.38 42.72 -31.06
N GLU D 215 9.67 43.06 -31.06
CA GLU D 215 10.13 44.21 -30.30
C GLU D 215 10.30 45.29 -31.34
N ARG D 216 9.51 46.36 -31.23
CA ARG D 216 9.56 47.44 -32.23
C ARG D 216 9.65 48.85 -31.66
N TRP D 217 9.90 48.95 -30.36
CA TRP D 217 9.98 50.25 -29.69
C TRP D 217 10.93 51.22 -30.37
N PHE D 218 12.00 50.72 -30.99
CA PHE D 218 12.99 51.60 -31.59
C PHE D 218 12.72 52.17 -32.98
N VAL D 219 11.59 51.80 -33.60
CA VAL D 219 11.29 52.36 -34.92
C VAL D 219 10.39 53.57 -34.61
N THR D 220 10.79 54.74 -35.09
CA THR D 220 9.99 55.94 -34.86
C THR D 220 9.37 56.43 -36.19
N ASN D 221 8.95 57.70 -36.25
CA ASN D 221 8.37 58.28 -37.48
C ASN D 221 9.46 58.75 -38.43
N THR D 222 10.70 58.80 -37.94
CA THR D 222 11.83 59.28 -38.72
C THR D 222 12.61 58.20 -39.44
N SER D 223 13.15 58.56 -40.61
CA SER D 223 13.95 57.73 -41.52
C SER D 223 15.20 58.41 -41.94
N MET D 224 16.16 57.63 -42.47
CA MET D 224 17.38 58.21 -42.92
C MET D 224 17.80 57.51 -44.20
N SER D 225 18.20 58.27 -45.22
CA SER D 225 18.57 57.69 -46.53
C SER D 225 19.87 56.92 -46.53
N LEU D 226 20.09 56.09 -47.56
CA LEU D 226 21.34 55.33 -47.66
C LEU D 226 22.56 56.28 -47.72
N GLU D 227 22.52 57.27 -48.60
CA GLU D 227 23.67 58.17 -48.71
C GLU D 227 23.85 59.05 -47.46
N SER D 228 22.76 59.45 -46.80
CA SER D 228 22.90 60.22 -45.59
C SER D 228 23.49 59.30 -44.52
N TYR D 229 23.01 58.05 -44.47
CA TYR D 229 23.51 57.10 -43.48
C TYR D 229 24.99 56.89 -43.67
N ASN D 230 25.40 56.59 -44.90
CA ASN D 230 26.81 56.31 -45.16
C ASN D 230 27.75 57.44 -44.78
N THR D 231 27.32 58.69 -44.94
CA THR D 231 28.19 59.82 -44.54
C THR D 231 28.34 59.81 -43.00
N TRP D 232 27.25 59.59 -42.26
CA TRP D 232 27.31 59.50 -40.80
C TRP D 232 28.21 58.33 -40.39
N ALA D 233 27.98 57.16 -40.98
CA ALA D 233 28.80 55.97 -40.66
C ALA D 233 30.31 56.27 -40.75
N LYS D 234 30.75 56.96 -41.79
CA LYS D 234 32.17 57.29 -42.00
C LYS D 234 32.84 58.01 -40.82
N THR D 235 32.00 58.54 -39.94
CA THR D 235 32.43 59.34 -38.83
C THR D 235 32.02 58.77 -37.48
N ASN D 236 31.42 57.60 -37.49
CA ASN D 236 30.97 57.06 -36.24
C ASN D 236 31.38 55.63 -36.03
N SER D 237 32.42 55.21 -36.76
CA SER D 237 32.92 53.84 -36.69
C SER D 237 31.92 52.76 -37.04
N PHE D 238 31.20 52.99 -38.13
CA PHE D 238 30.29 51.99 -38.68
C PHE D 238 30.71 51.86 -40.13
N THR D 239 30.53 50.70 -40.71
CA THR D 239 30.90 50.53 -42.11
C THR D 239 29.80 51.11 -43.01
N GLU D 240 30.12 51.33 -44.29
CA GLU D 240 29.10 51.79 -45.25
C GLU D 240 28.16 50.62 -45.44
N LEU D 241 26.87 50.86 -45.66
CA LEU D 241 25.93 49.77 -45.87
C LEU D 241 26.13 49.30 -47.30
N SER D 242 26.33 48.00 -47.53
CA SER D 242 26.52 47.50 -48.89
C SER D 242 25.42 47.98 -49.85
N SER D 243 24.14 47.73 -49.51
CA SER D 243 22.96 48.13 -50.33
C SER D 243 21.68 47.87 -49.54
N THR D 244 20.62 48.61 -49.82
CA THR D 244 19.40 48.33 -49.09
C THR D 244 18.78 47.07 -49.72
N ASP D 245 19.30 46.65 -50.88
CA ASP D 245 18.70 45.44 -51.52
C ASP D 245 18.83 44.16 -50.73
N ALA D 246 19.93 44.06 -49.99
CA ALA D 246 20.19 42.87 -49.21
C ALA D 246 19.10 42.58 -48.18
N PHE D 247 18.35 43.60 -47.78
CA PHE D 247 17.33 43.44 -46.76
C PHE D 247 15.90 43.49 -47.29
N SER D 248 15.72 43.41 -48.60
CA SER D 248 14.39 43.55 -49.15
C SER D 248 13.35 42.55 -48.63
N MET D 249 13.75 41.28 -48.52
CA MET D 249 12.84 40.27 -48.01
C MET D 249 12.43 40.59 -46.55
N LEU D 250 13.37 41.07 -45.75
CA LEU D 250 13.11 41.46 -44.35
C LEU D 250 12.20 42.72 -44.26
N ALA D 251 12.50 43.71 -45.11
CA ALA D 251 11.68 44.95 -45.18
C ALA D 251 10.28 44.55 -45.57
N ALA D 252 10.15 43.66 -46.56
CA ALA D 252 8.80 43.22 -46.90
C ALA D 252 8.11 42.34 -45.82
N LYS D 253 8.85 41.44 -45.17
CA LYS D 253 8.18 40.70 -44.10
C LYS D 253 7.71 41.61 -42.93
N THR D 254 8.53 42.58 -42.55
CA THR D 254 8.19 43.41 -41.38
C THR D 254 7.42 44.71 -41.67
N GLY D 255 7.38 45.15 -42.93
CA GLY D 255 6.67 46.36 -43.26
C GLY D 255 7.49 47.59 -42.92
N GLN D 256 8.72 47.40 -42.43
CA GLN D 256 9.56 48.52 -42.06
C GLN D 256 10.68 48.76 -43.05
N SER D 257 10.76 49.97 -43.56
CA SER D 257 11.81 50.28 -44.58
C SER D 257 13.24 50.18 -44.02
N VAL D 258 14.23 50.00 -44.88
CA VAL D 258 15.59 49.93 -44.36
C VAL D 258 15.92 51.37 -43.85
N GLU D 259 15.45 52.37 -44.57
CA GLU D 259 15.73 53.75 -44.15
C GLU D 259 15.24 54.07 -42.72
N LYS D 260 14.17 53.41 -42.29
CA LYS D 260 13.64 53.56 -40.90
C LYS D 260 14.68 52.96 -39.93
N LEU D 261 15.26 51.80 -40.28
CA LEU D 261 16.26 51.19 -39.42
C LEU D 261 17.58 51.96 -39.44
N LEU D 262 17.93 52.64 -40.55
CA LEU D 262 19.19 53.41 -40.55
C LEU D 262 19.05 54.57 -39.54
N ASP D 263 17.88 55.17 -39.48
CA ASP D 263 17.69 56.23 -38.51
C ASP D 263 17.75 55.61 -37.10
N SER D 264 17.12 54.45 -36.91
CA SER D 264 17.21 53.79 -35.60
C SER D 264 18.67 53.59 -35.17
N ILE D 265 19.55 53.24 -36.10
CA ILE D 265 20.92 53.00 -35.70
C ILE D 265 21.52 54.25 -35.08
N VAL D 266 21.31 55.38 -35.75
CA VAL D 266 21.83 56.63 -35.24
C VAL D 266 21.32 56.97 -33.84
N ARG D 267 20.01 56.85 -33.59
CA ARG D 267 19.48 57.16 -32.27
C ARG D 267 19.86 56.12 -31.21
N LEU D 268 20.01 54.86 -31.59
CA LEU D 268 20.35 53.82 -30.62
C LEU D 268 21.88 53.83 -30.36
N ASN D 269 22.63 54.35 -31.31
CA ASN D 269 24.07 54.41 -31.16
C ASN D 269 24.35 55.27 -29.95
N LYS D 270 23.50 56.30 -29.73
CA LYS D 270 23.64 57.20 -28.59
C LYS D 270 23.35 56.44 -27.30
N GLY D 271 22.30 55.63 -27.32
CA GLY D 271 21.94 54.84 -26.14
C GLY D 271 20.53 54.28 -26.20
N PHE D 272 20.33 53.12 -25.61
CA PHE D 272 19.00 52.50 -25.59
C PHE D 272 17.99 53.09 -24.60
N GLY D 273 18.37 54.18 -23.92
CA GLY D 273 17.50 54.79 -22.94
C GLY D 273 16.98 53.82 -21.89
N GLY D 274 17.76 52.77 -21.57
CA GLY D 274 17.31 51.83 -20.56
C GLY D 274 16.56 50.62 -21.08
N ARG D 275 16.28 50.56 -22.38
CA ARG D 275 15.55 49.42 -22.93
C ARG D 275 16.52 48.44 -23.54
N THR D 276 15.99 47.29 -23.94
CA THR D 276 16.85 46.27 -24.55
C THR D 276 16.27 45.83 -25.90
N ILE D 277 17.09 45.15 -26.69
CA ILE D 277 16.69 44.60 -27.99
C ILE D 277 17.23 43.17 -28.03
N LEU D 278 16.33 42.21 -28.07
CA LEU D 278 16.70 40.77 -28.09
C LEU D 278 17.62 40.49 -26.87
N SER D 279 17.32 41.18 -25.76
CA SER D 279 18.07 41.08 -24.50
C SER D 279 19.36 41.89 -24.39
N TYR D 280 19.89 42.37 -25.51
CA TYR D 280 21.10 43.19 -25.54
C TYR D 280 20.81 44.61 -25.15
N GLY D 281 21.82 45.29 -24.60
CA GLY D 281 21.68 46.69 -24.17
C GLY D 281 22.44 47.63 -25.08
N SER D 282 22.96 47.05 -26.15
CA SER D 282 23.67 47.84 -27.14
C SER D 282 23.58 47.11 -28.47
N LEU D 283 23.90 47.81 -29.55
CA LEU D 283 23.78 47.27 -30.89
C LEU D 283 24.73 46.12 -30.99
N CYS D 284 24.34 45.10 -31.74
CA CYS D 284 25.12 43.88 -31.95
C CYS D 284 25.35 43.68 -33.44
N ASP D 285 26.60 43.57 -33.87
CA ASP D 285 26.90 43.38 -35.26
C ASP D 285 27.44 41.95 -35.59
N GLU D 286 27.01 40.96 -34.81
CA GLU D 286 27.49 39.56 -34.95
C GLU D 286 26.74 38.62 -35.88
N PHE D 287 25.53 39.04 -36.31
CA PHE D 287 24.72 38.24 -37.21
C PHE D 287 24.64 38.88 -38.58
N THR D 288 24.91 38.12 -39.65
CA THR D 288 24.83 38.66 -40.98
C THR D 288 23.38 38.60 -41.48
N PRO D 289 23.08 39.34 -42.56
CA PRO D 289 21.71 39.30 -43.10
C PRO D 289 21.30 37.87 -43.45
N THR D 290 22.18 37.16 -44.16
CA THR D 290 21.90 35.76 -44.54
C THR D 290 21.66 34.87 -43.33
N GLU D 291 22.38 35.15 -42.26
CA GLU D 291 22.29 34.38 -41.04
C GLU D 291 20.94 34.59 -40.34
N VAL D 292 20.50 35.83 -40.31
CA VAL D 292 19.19 36.14 -39.72
C VAL D 292 18.06 35.51 -40.55
N ILE D 293 18.15 35.64 -41.88
CA ILE D 293 17.13 35.12 -42.76
C ILE D 293 16.97 33.63 -42.58
N ARG D 294 18.09 32.91 -42.59
CA ARG D 294 18.03 31.47 -42.40
C ARG D 294 17.45 31.04 -41.05
N GLN D 295 17.93 31.65 -39.98
CA GLN D 295 17.47 31.23 -38.67
C GLN D 295 16.02 31.61 -38.39
N MET D 296 15.53 32.62 -39.06
CA MET D 296 14.13 33.04 -38.85
C MET D 296 13.17 32.31 -39.82
N TYR D 297 13.62 32.11 -41.05
CA TYR D 297 12.81 31.52 -42.12
C TYR D 297 13.15 30.17 -42.73
N GLY D 298 14.38 29.71 -42.59
CA GLY D 298 14.75 28.43 -43.17
C GLY D 298 15.57 28.54 -44.44
N VAL D 299 15.67 27.45 -45.19
CA VAL D 299 16.43 27.47 -46.42
C VAL D 299 15.55 27.96 -47.57
N ASN D 300 16.19 28.41 -48.66
CA ASN D 300 15.53 28.99 -49.84
C ASN D 300 14.29 28.35 -50.48
N LEU D 301 13.73 27.29 -49.88
CA LEU D 301 12.54 26.61 -50.42
C LEU D 301 11.35 27.59 -50.66
N SER E 1 -9.40 3.37 11.01
CA SER E 1 -9.98 4.46 11.85
C SER E 1 -10.25 4.01 13.28
N GLY E 2 -11.21 3.09 13.44
CA GLY E 2 -11.56 2.65 14.78
C GLY E 2 -12.37 3.81 15.33
N LEU E 3 -12.59 3.88 16.63
CA LEU E 3 -13.36 4.99 17.18
C LEU E 3 -12.52 5.60 18.30
N ARG E 4 -12.22 6.89 18.22
CA ARG E 4 -11.43 7.52 19.29
C ARG E 4 -12.25 8.54 20.01
N LYS E 5 -12.12 8.62 21.34
CA LYS E 5 -12.83 9.64 22.10
C LYS E 5 -12.07 10.96 21.88
N MET E 6 -12.80 12.03 21.62
CA MET E 6 -12.13 13.31 21.38
C MET E 6 -12.69 14.40 22.25
N ALA E 7 -11.98 15.52 22.29
CA ALA E 7 -12.45 16.70 22.98
C ALA E 7 -12.47 17.91 22.00
N GLN E 8 -13.32 18.88 22.28
CA GLN E 8 -13.37 20.05 21.42
C GLN E 8 -12.17 20.92 21.85
N PRO E 9 -11.66 21.81 20.97
CA PRO E 9 -10.50 22.66 21.28
C PRO E 9 -10.65 23.45 22.56
N SER E 10 -9.56 23.61 23.30
CA SER E 10 -9.63 24.28 24.60
C SER E 10 -9.25 25.77 24.69
N GLY E 11 -8.94 26.36 23.54
CA GLY E 11 -8.50 27.75 23.39
C GLY E 11 -9.22 28.81 24.14
N LEU E 12 -10.55 28.79 24.11
CA LEU E 12 -11.34 29.83 24.83
C LEU E 12 -11.32 29.71 26.35
N VAL E 13 -11.03 28.52 26.84
CA VAL E 13 -11.06 28.25 28.30
C VAL E 13 -9.69 28.41 29.01
N GLU E 14 -8.59 28.03 28.35
CA GLU E 14 -7.28 28.17 28.99
C GLU E 14 -6.99 29.53 29.68
N PRO E 15 -7.34 30.68 29.05
CA PRO E 15 -7.05 31.99 29.67
C PRO E 15 -7.78 32.18 30.96
N CYS E 16 -8.80 31.37 31.19
CA CYS E 16 -9.61 31.52 32.38
C CYS E 16 -9.22 30.72 33.58
N ILE E 17 -8.24 29.84 33.39
CA ILE E 17 -7.84 28.95 34.48
C ILE E 17 -6.85 29.65 35.47
N VAL E 18 -7.15 29.67 36.77
CA VAL E 18 -6.22 30.22 37.74
C VAL E 18 -5.95 29.25 38.90
N ARG E 19 -4.88 29.52 39.65
CA ARG E 19 -4.50 28.75 40.83
C ARG E 19 -5.11 29.40 42.07
N VAL E 20 -5.79 28.62 42.88
CA VAL E 20 -6.39 29.08 44.10
C VAL E 20 -5.90 28.16 45.22
N SER E 21 -5.22 28.75 46.20
CA SER E 21 -4.70 28.03 47.35
C SER E 21 -5.19 28.78 48.54
N TYR E 22 -5.43 28.06 49.62
CA TYR E 22 -5.88 28.61 50.89
C TYR E 22 -5.29 27.60 51.89
N GLY E 23 -4.40 28.09 52.73
CA GLY E 23 -3.75 27.21 53.69
C GLY E 23 -2.92 26.19 52.95
N ASN E 24 -3.11 24.93 53.33
CA ASN E 24 -2.40 23.83 52.68
C ASN E 24 -3.10 23.28 51.42
N ASN E 25 -4.28 23.81 51.09
CA ASN E 25 -5.04 23.36 49.93
C ASN E 25 -4.72 24.17 48.68
N VAL E 26 -4.43 23.45 47.60
CA VAL E 26 -4.12 24.04 46.33
C VAL E 26 -5.02 23.37 45.26
N LEU E 27 -5.66 24.17 44.41
CA LEU E 27 -6.49 23.67 43.35
C LEU E 27 -6.74 24.78 42.31
N ASN E 28 -7.62 24.48 41.37
CA ASN E 28 -7.92 25.35 40.25
C ASN E 28 -9.22 26.13 40.37
N GLY E 29 -9.23 27.29 39.71
CA GLY E 29 -10.44 28.11 39.68
C GLY E 29 -10.69 28.61 38.26
N LEU E 30 -11.90 29.14 38.07
CA LEU E 30 -12.35 29.67 36.79
C LEU E 30 -12.55 31.19 36.98
N TRP E 31 -11.74 31.94 36.25
CA TRP E 31 -11.77 33.41 36.31
C TRP E 31 -12.54 33.98 35.12
N LEU E 32 -13.74 34.47 35.41
CA LEU E 32 -14.65 35.08 34.42
C LEU E 32 -14.98 36.50 34.91
N GLY E 33 -14.70 37.53 34.10
CA GLY E 33 -15.00 38.88 34.58
C GLY E 33 -14.21 39.21 35.87
N ASP E 34 -14.90 39.63 36.93
CA ASP E 34 -14.17 39.99 38.14
C ASP E 34 -14.35 38.94 39.24
N GLU E 35 -14.73 37.74 38.80
CA GLU E 35 -14.99 36.63 39.70
C GLU E 35 -14.15 35.38 39.40
N VAL E 36 -13.82 34.66 40.47
CA VAL E 36 -13.07 33.40 40.34
C VAL E 36 -13.93 32.36 41.05
N ILE E 37 -14.20 31.26 40.36
CA ILE E 37 -15.02 30.18 40.95
C ILE E 37 -14.12 28.92 41.09
N CYS E 38 -14.21 28.28 42.27
CA CYS E 38 -13.46 27.05 42.57
C CYS E 38 -14.33 26.27 43.59
N PRO E 39 -13.98 25.00 43.85
CA PRO E 39 -14.72 24.13 44.80
C PRO E 39 -14.54 24.79 46.19
N ARG E 40 -15.57 24.82 47.01
CA ARG E 40 -15.43 25.53 48.28
C ARG E 40 -14.54 24.79 49.29
N HIS E 41 -14.34 23.47 49.10
CA HIS E 41 -13.51 22.69 50.01
C HIS E 41 -12.06 23.21 50.06
N VAL E 42 -11.69 24.13 49.16
CA VAL E 42 -10.35 24.74 49.21
C VAL E 42 -10.12 25.48 50.57
N ILE E 43 -11.21 25.83 51.23
CA ILE E 43 -11.26 26.58 52.49
C ILE E 43 -11.27 25.75 53.81
N ALA E 44 -11.40 24.43 53.66
CA ALA E 44 -11.44 23.52 54.79
C ALA E 44 -10.05 23.28 55.36
N SER E 45 -9.89 23.51 56.67
CA SER E 45 -8.61 23.27 57.35
C SER E 45 -8.21 21.77 57.24
N ASP E 46 -9.19 20.87 57.40
CA ASP E 46 -8.93 19.45 57.35
C ASP E 46 -9.90 18.75 56.40
N THR E 47 -9.41 18.30 55.24
CA THR E 47 -10.28 17.62 54.28
C THR E 47 -10.48 16.09 54.51
N THR E 48 -9.96 15.54 55.61
CA THR E 48 -10.14 14.12 55.91
C THR E 48 -11.30 13.89 56.88
N ARG E 49 -11.74 14.96 57.57
CA ARG E 49 -12.87 14.85 58.52
C ARG E 49 -14.02 15.80 58.14
N VAL E 50 -15.21 15.54 58.69
CA VAL E 50 -16.39 16.35 58.42
C VAL E 50 -16.03 17.83 58.39
N ILE E 51 -16.60 18.58 57.44
CA ILE E 51 -16.35 20.02 57.31
C ILE E 51 -17.62 20.82 57.66
N ASN E 52 -17.47 21.88 58.45
CA ASN E 52 -18.64 22.73 58.81
C ASN E 52 -18.44 23.96 57.98
N TYR E 53 -19.13 24.01 56.84
CA TYR E 53 -18.92 25.13 55.94
C TYR E 53 -19.32 26.51 56.51
N GLU E 54 -20.43 26.60 57.24
CA GLU E 54 -20.84 27.87 57.84
C GLU E 54 -19.69 28.42 58.73
N ASN E 55 -19.11 27.59 59.59
CA ASN E 55 -18.01 28.04 60.46
C ASN E 55 -16.73 28.36 59.71
N GLU E 56 -16.40 27.56 58.70
CA GLU E 56 -15.17 27.80 57.94
C GLU E 56 -15.18 29.15 57.24
N MET E 57 -16.38 29.56 56.85
CA MET E 57 -16.54 30.82 56.14
C MET E 57 -16.55 31.99 57.12
N SER E 58 -17.27 31.85 58.23
CA SER E 58 -17.35 32.94 59.20
C SER E 58 -16.13 33.00 60.09
N SER E 59 -14.98 32.69 59.51
CA SER E 59 -13.71 32.69 60.19
C SER E 59 -12.67 32.78 59.09
N VAL E 60 -13.17 33.02 57.88
CA VAL E 60 -12.30 33.12 56.72
C VAL E 60 -11.47 34.41 56.83
N ARG E 61 -10.28 34.37 56.27
CA ARG E 61 -9.40 35.54 56.27
C ARG E 61 -9.19 35.78 54.79
N LEU E 62 -9.92 36.72 54.18
CA LEU E 62 -9.76 36.95 52.75
C LEU E 62 -8.30 37.03 52.31
N HIS E 63 -7.48 37.72 53.09
CA HIS E 63 -6.06 37.85 52.76
C HIS E 63 -5.29 36.53 52.79
N ASN E 64 -5.93 35.44 53.15
CA ASN E 64 -5.19 34.17 53.16
C ASN E 64 -5.27 33.35 51.85
N PHE E 65 -6.13 33.82 50.94
CA PHE E 65 -6.24 33.20 49.64
C PHE E 65 -5.10 33.68 48.79
N SER E 66 -4.76 32.85 47.85
CA SER E 66 -3.80 33.20 46.87
C SER E 66 -4.46 32.80 45.54
N VAL E 67 -4.68 33.77 44.67
CA VAL E 67 -5.28 33.54 43.35
C VAL E 67 -4.30 34.05 42.34
N SER E 68 -3.84 33.18 41.45
CA SER E 68 -2.85 33.61 40.46
C SER E 68 -3.08 33.06 39.07
N LYS E 69 -2.54 33.73 38.06
CA LYS E 69 -2.63 33.27 36.68
C LYS E 69 -1.17 33.40 36.29
N ASN E 70 -0.46 32.29 36.17
CA ASN E 70 0.97 32.29 35.85
C ASN E 70 1.60 33.13 36.95
N ASN E 71 2.45 34.09 36.64
CA ASN E 71 2.96 34.81 37.79
C ASN E 71 2.28 36.06 38.32
N VAL E 72 1.04 36.27 37.89
CA VAL E 72 0.32 37.42 38.31
C VAL E 72 -0.77 37.11 39.31
N PHE E 73 -0.81 37.88 40.40
CA PHE E 73 -1.79 37.62 41.42
C PHE E 73 -3.01 38.51 41.36
N LEU E 74 -4.16 37.94 41.66
CA LEU E 74 -5.40 38.71 41.69
C LEU E 74 -5.66 38.86 43.19
N GLY E 75 -6.21 40.00 43.61
CA GLY E 75 -6.52 40.21 45.00
C GLY E 75 -7.97 39.93 45.31
N VAL E 76 -8.20 39.26 46.41
CA VAL E 76 -9.55 38.90 46.75
C VAL E 76 -10.26 39.98 47.56
N VAL E 77 -11.32 40.57 47.01
CA VAL E 77 -12.05 41.60 47.75
C VAL E 77 -13.24 41.02 48.53
N SER E 78 -13.70 39.84 48.10
CA SER E 78 -14.84 39.25 48.78
C SER E 78 -15.08 37.76 48.49
N ALA E 79 -15.71 37.02 49.40
CA ALA E 79 -15.96 35.58 49.19
C ALA E 79 -17.33 35.09 49.65
N ARG E 80 -17.96 34.23 48.88
CA ARG E 80 -19.24 33.67 49.28
C ARG E 80 -19.43 32.33 48.60
N TYR E 81 -20.32 31.53 49.13
CA TYR E 81 -20.64 30.20 48.57
C TYR E 81 -21.87 30.36 47.68
N LYS E 82 -21.86 29.65 46.57
CA LYS E 82 -23.04 29.62 45.75
C LYS E 82 -23.16 28.11 45.71
N GLY E 83 -23.97 27.58 46.62
CA GLY E 83 -24.13 26.13 46.73
C GLY E 83 -22.79 25.54 47.20
N VAL E 84 -22.21 24.63 46.42
CA VAL E 84 -20.96 24.00 46.82
C VAL E 84 -19.78 24.70 46.16
N ASN E 85 -20.07 25.74 45.40
CA ASN E 85 -18.99 26.50 44.75
C ASN E 85 -18.62 27.74 45.61
N LEU E 86 -17.35 28.10 45.66
CA LEU E 86 -16.90 29.29 46.35
C LEU E 86 -16.73 30.35 45.24
N VAL E 87 -17.35 31.54 45.41
CA VAL E 87 -17.22 32.58 44.39
C VAL E 87 -16.37 33.69 45.02
N LEU E 88 -15.23 33.96 44.42
CA LEU E 88 -14.31 34.99 44.90
C LEU E 88 -14.37 36.24 44.03
N LYS E 89 -14.72 37.39 44.62
CA LYS E 89 -14.71 38.67 43.84
C LYS E 89 -13.28 39.12 43.95
N VAL E 90 -12.60 39.30 42.79
CA VAL E 90 -11.22 39.71 42.76
C VAL E 90 -11.02 41.12 42.22
N ASN E 91 -9.83 41.67 42.42
CA ASN E 91 -9.57 43.06 42.01
C ASN E 91 -9.13 43.23 40.57
N GLN E 92 -9.57 42.35 39.70
CA GLN E 92 -9.17 42.51 38.32
C GLN E 92 -10.08 41.70 37.41
N VAL E 93 -10.61 42.37 36.38
CA VAL E 93 -11.50 41.74 35.41
C VAL E 93 -10.62 40.94 34.43
N ASN E 94 -11.00 39.71 34.10
CA ASN E 94 -10.23 38.91 33.17
C ASN E 94 -10.40 39.51 31.78
N PRO E 95 -9.31 40.04 31.21
CA PRO E 95 -9.37 40.64 29.89
C PRO E 95 -9.83 39.67 28.85
N ASN E 96 -9.48 38.39 29.09
CA ASN E 96 -9.80 37.32 28.16
C ASN E 96 -11.04 36.51 28.48
N THR E 97 -12.01 37.09 29.20
CA THR E 97 -13.23 36.35 29.48
C THR E 97 -13.92 36.09 28.15
N PRO E 98 -14.18 34.81 27.78
CA PRO E 98 -14.83 34.60 26.49
C PRO E 98 -16.35 34.72 26.57
N GLU E 99 -17.04 34.91 25.43
CA GLU E 99 -18.50 34.95 25.47
C GLU E 99 -18.87 33.51 25.90
N HIS E 100 -19.85 33.39 26.79
CA HIS E 100 -20.18 32.06 27.28
C HIS E 100 -21.52 32.06 28.00
N LYS E 101 -22.02 30.85 28.25
CA LYS E 101 -23.24 30.63 29.00
C LYS E 101 -22.95 29.42 29.91
N PHE E 102 -23.90 29.09 30.78
CA PHE E 102 -23.79 27.97 31.70
C PHE E 102 -25.02 27.10 31.47
N LYS E 103 -24.85 25.78 31.52
CA LYS E 103 -25.98 24.84 31.40
C LYS E 103 -25.57 23.53 32.08
N SER E 104 -26.55 22.69 32.42
CA SER E 104 -26.24 21.43 33.06
C SER E 104 -26.23 20.31 32.03
N ILE E 105 -25.31 19.36 32.21
CA ILE E 105 -25.17 18.22 31.30
C ILE E 105 -26.14 17.18 31.84
N LYS E 106 -26.69 16.34 30.95
CA LYS E 106 -27.61 15.28 31.33
C LYS E 106 -26.97 13.90 31.17
N ALA E 107 -27.53 12.91 31.87
CA ALA E 107 -27.04 11.54 31.75
C ALA E 107 -26.91 11.14 30.25
N GLY E 108 -25.81 10.48 29.88
CA GLY E 108 -25.62 10.04 28.52
C GLY E 108 -25.05 11.09 27.58
N GLU E 109 -24.90 12.33 28.04
CA GLU E 109 -24.36 13.38 27.18
C GLU E 109 -22.86 13.50 27.35
N SER E 110 -22.19 13.80 26.23
CA SER E 110 -20.74 13.95 26.22
C SER E 110 -20.28 15.44 26.44
N PHE E 111 -19.09 15.62 27.00
CA PHE E 111 -18.55 16.95 27.21
C PHE E 111 -17.06 16.85 27.37
N ASN E 112 -16.44 18.02 27.50
CA ASN E 112 -14.99 18.15 27.59
C ASN E 112 -14.49 18.61 28.94
N ILE E 113 -13.34 18.07 29.28
CA ILE E 113 -12.66 18.36 30.50
C ILE E 113 -11.29 18.96 30.17
N LEU E 114 -11.05 20.16 30.70
CA LEU E 114 -9.72 20.77 30.58
C LEU E 114 -9.15 20.45 31.96
N ALA E 115 -8.28 19.45 32.00
CA ALA E 115 -7.70 19.01 33.28
C ALA E 115 -6.57 19.92 33.63
N CYS E 116 -6.63 20.48 34.81
CA CYS E 116 -5.57 21.40 35.21
C CYS E 116 -4.87 21.03 36.51
N TYR E 117 -3.62 21.42 36.60
CA TYR E 117 -2.81 21.14 37.76
C TYR E 117 -2.30 22.44 38.40
N GLU E 118 -2.74 22.73 39.60
CA GLU E 118 -2.36 23.94 40.31
C GLU E 118 -2.41 25.24 39.50
N GLY E 119 -3.47 25.39 38.71
CA GLY E 119 -3.67 26.62 37.97
C GLY E 119 -3.19 26.62 36.56
N CYS E 120 -2.59 25.51 36.16
CA CYS E 120 -2.04 25.42 34.81
C CYS E 120 -2.70 24.28 33.96
N PRO E 121 -3.33 24.63 32.81
CA PRO E 121 -4.01 23.67 31.91
C PRO E 121 -3.07 22.60 31.51
N GLY E 122 -3.44 21.33 31.75
CA GLY E 122 -2.50 20.25 31.43
C GLY E 122 -2.91 19.30 30.30
N SER E 123 -4.21 19.00 30.21
CA SER E 123 -4.60 18.05 29.18
C SER E 123 -6.07 18.25 28.89
N VAL E 124 -6.53 17.74 27.75
CA VAL E 124 -7.94 17.87 27.40
C VAL E 124 -8.43 16.52 26.87
N TYR E 125 -9.62 16.12 27.34
CA TYR E 125 -10.18 14.84 26.96
C TYR E 125 -11.70 14.84 27.11
N GLY E 126 -12.36 13.96 26.34
CA GLY E 126 -13.81 13.91 26.35
C GLY E 126 -14.30 12.91 27.37
N VAL E 127 -15.46 13.20 27.97
CA VAL E 127 -16.05 12.31 28.98
C VAL E 127 -17.57 12.21 28.66
N ASN E 128 -18.31 11.41 29.40
CA ASN E 128 -19.74 11.22 29.13
C ASN E 128 -20.34 10.99 30.49
N MET E 129 -21.41 11.71 30.76
CA MET E 129 -22.07 11.70 32.06
C MET E 129 -22.86 10.43 32.33
N ARG E 130 -22.65 9.82 33.49
CA ARG E 130 -23.33 8.57 33.88
C ARG E 130 -24.66 8.89 34.54
N SER E 131 -25.56 7.88 34.62
CA SER E 131 -26.91 8.05 35.15
C SER E 131 -26.94 8.59 36.56
N GLN E 132 -25.95 8.25 37.36
CA GLN E 132 -25.95 8.76 38.72
C GLN E 132 -25.24 10.10 38.89
N GLY E 133 -24.94 10.79 37.80
CA GLY E 133 -24.30 12.11 37.88
C GLY E 133 -22.79 12.13 38.07
N THR E 134 -22.12 11.02 37.80
CA THR E 134 -20.69 10.92 37.96
C THR E 134 -20.02 10.78 36.58
N ILE E 135 -18.70 10.89 36.51
CA ILE E 135 -18.06 10.65 35.24
C ILE E 135 -16.84 9.82 35.60
N LYS E 136 -16.28 9.11 34.64
CA LYS E 136 -15.07 8.36 34.89
C LYS E 136 -14.02 9.20 34.19
N GLY E 137 -13.38 10.06 34.97
CA GLY E 137 -12.41 10.96 34.39
C GLY E 137 -11.07 10.52 34.88
N SER E 138 -10.09 11.37 34.73
CA SER E 138 -8.78 10.92 35.20
C SER E 138 -8.25 12.05 36.02
N PHE E 139 -8.74 12.12 37.24
CA PHE E 139 -8.34 13.19 38.10
C PHE E 139 -7.47 12.60 39.14
N ILE E 140 -6.56 13.43 39.61
CA ILE E 140 -5.64 13.08 40.65
C ILE E 140 -5.58 14.32 41.57
N ALA E 141 -4.87 14.21 42.68
CA ALA E 141 -4.76 15.33 43.63
C ALA E 141 -4.22 16.58 42.94
N GLY E 142 -4.88 17.71 43.19
CA GLY E 142 -4.45 18.95 42.58
C GLY E 142 -5.17 19.29 41.26
N THR E 143 -6.06 18.39 40.81
CA THR E 143 -6.80 18.65 39.59
C THR E 143 -8.22 19.11 39.97
N CYS E 144 -8.51 19.19 41.26
CA CYS E 144 -9.84 19.62 41.65
C CYS E 144 -10.06 21.05 41.05
N GLY E 145 -11.33 21.40 40.74
CA GLY E 145 -11.55 22.71 40.17
C GLY E 145 -11.43 22.66 38.68
N SER E 146 -10.90 21.54 38.14
CA SER E 146 -10.80 21.34 36.70
C SER E 146 -12.19 21.57 36.06
N VAL E 147 -12.15 22.07 34.85
CA VAL E 147 -13.35 22.55 34.17
C VAL E 147 -13.91 21.77 33.02
N GLY E 148 -15.21 21.62 33.06
CA GLY E 148 -15.95 20.96 32.00
C GLY E 148 -16.73 21.97 31.15
N TYR E 149 -16.74 21.76 29.85
CA TYR E 149 -17.39 22.65 28.89
C TYR E 149 -17.84 21.98 27.58
N VAL E 150 -18.71 22.68 26.84
CA VAL E 150 -19.16 22.17 25.54
C VAL E 150 -19.28 23.36 24.63
N LEU E 151 -19.01 23.10 23.35
CA LEU E 151 -19.13 24.09 22.28
C LEU E 151 -20.34 23.59 21.45
N GLU E 152 -21.41 24.36 21.45
CA GLU E 152 -22.59 23.99 20.65
C GLU E 152 -22.99 25.16 19.75
N ASN E 153 -22.88 24.97 18.44
CA ASN E 153 -23.25 26.01 17.48
C ASN E 153 -22.43 27.27 17.77
N GLY E 154 -21.11 27.12 17.82
CA GLY E 154 -20.26 28.25 18.15
C GLY E 154 -20.58 28.91 19.52
N ILE E 155 -21.38 28.29 20.36
CA ILE E 155 -21.66 28.87 21.67
C ILE E 155 -20.89 28.08 22.76
N LEU E 156 -20.10 28.77 23.60
CA LEU E 156 -19.33 28.08 24.66
C LEU E 156 -20.14 27.99 25.93
N TYR E 157 -20.34 26.78 26.46
CA TYR E 157 -21.06 26.58 27.74
C TYR E 157 -20.11 25.96 28.76
N PHE E 158 -20.14 26.48 29.98
CA PHE E 158 -19.36 25.89 31.06
C PHE E 158 -20.45 25.07 31.75
N VAL E 159 -20.10 23.82 31.98
CA VAL E 159 -21.05 22.86 32.54
C VAL E 159 -20.61 22.03 33.76
N TYR E 160 -19.32 21.95 34.02
CA TYR E 160 -18.83 21.13 35.12
C TYR E 160 -17.60 21.68 35.80
N MET E 161 -17.55 21.51 37.11
CA MET E 161 -16.32 21.84 37.84
C MET E 161 -16.00 20.62 38.75
N HIS E 162 -14.80 20.08 38.67
CA HIS E 162 -14.43 18.89 39.47
C HIS E 162 -14.21 19.12 40.93
N HIS E 163 -14.85 18.31 41.76
CA HIS E 163 -14.69 18.40 43.19
C HIS E 163 -14.01 17.23 43.90
N LEU E 164 -14.49 16.00 43.67
CA LEU E 164 -13.92 14.88 44.42
C LEU E 164 -14.11 13.57 43.76
N GLU E 165 -13.54 12.56 44.39
CA GLU E 165 -13.64 11.18 43.91
C GLU E 165 -14.29 10.32 44.98
N LEU E 166 -15.34 9.60 44.62
CA LEU E 166 -16.03 8.73 45.57
C LEU E 166 -15.15 7.49 45.89
N GLY E 167 -15.49 6.81 46.98
CA GLY E 167 -14.72 5.61 47.37
C GLY E 167 -14.62 4.59 46.26
N ASN E 168 -15.56 4.56 45.33
CA ASN E 168 -15.47 3.63 44.23
C ASN E 168 -14.71 4.15 42.99
N GLY E 169 -14.07 5.32 43.09
CA GLY E 169 -13.34 5.85 41.93
C GLY E 169 -14.11 6.78 40.97
N SER E 170 -15.44 6.85 41.10
CA SER E 170 -16.23 7.73 40.22
C SER E 170 -15.93 9.22 40.58
N HIS E 171 -16.10 10.11 39.61
CA HIS E 171 -15.77 11.54 39.76
C HIS E 171 -17.01 12.40 39.84
N VAL E 172 -16.98 13.32 40.79
CA VAL E 172 -18.13 14.14 41.17
C VAL E 172 -17.78 15.61 41.11
N GLY E 173 -18.67 16.38 40.47
CA GLY E 173 -18.47 17.80 40.34
C GLY E 173 -19.81 18.54 40.39
N SER E 174 -19.76 19.86 40.21
CA SER E 174 -21.02 20.64 40.27
C SER E 174 -21.22 21.43 38.97
N ASN E 175 -22.41 22.00 38.77
CA ASN E 175 -22.62 22.85 37.62
C ASN E 175 -22.31 24.25 38.15
N PHE E 176 -22.56 25.30 37.36
CA PHE E 176 -22.18 26.61 37.84
C PHE E 176 -23.21 27.38 38.63
N GLU E 177 -24.28 26.69 38.99
CA GLU E 177 -25.32 27.21 39.83
C GLU E 177 -24.94 26.68 41.22
N GLY E 178 -23.79 25.98 41.31
CA GLY E 178 -23.34 25.45 42.59
C GLY E 178 -24.06 24.19 43.06
N GLU E 179 -24.75 23.53 42.14
CA GLU E 179 -25.45 22.28 42.45
C GLU E 179 -24.50 21.14 42.13
N MET E 180 -24.40 20.15 43.00
CA MET E 180 -23.49 19.05 42.70
C MET E 180 -24.23 18.03 41.85
N TYR E 181 -23.63 17.63 40.73
CA TYR E 181 -24.24 16.57 39.91
C TYR E 181 -24.51 15.31 40.81
N GLY E 182 -25.66 14.67 40.66
CA GLY E 182 -25.90 13.48 41.47
C GLY E 182 -26.34 13.70 42.93
N GLY E 183 -26.21 14.94 43.40
CA GLY E 183 -26.61 15.21 44.76
C GLY E 183 -25.61 14.81 45.82
N TYR E 184 -24.39 14.40 45.43
CA TYR E 184 -23.42 14.05 46.45
C TYR E 184 -22.97 15.24 47.31
N GLU E 185 -22.56 15.01 48.56
CA GLU E 185 -22.16 16.14 49.41
C GLU E 185 -20.66 16.35 49.24
N ASP E 186 -20.22 17.60 49.40
CA ASP E 186 -18.80 17.93 49.30
C ASP E 186 -18.12 17.75 50.70
N GLN E 187 -18.09 16.48 51.14
CA GLN E 187 -17.54 16.06 52.41
C GLN E 187 -16.72 14.81 52.17
N PRO E 188 -15.75 14.52 53.04
CA PRO E 188 -14.97 13.30 52.81
C PRO E 188 -15.66 12.06 53.44
N SER E 189 -16.94 11.87 53.12
CA SER E 189 -17.76 10.77 53.63
C SER E 189 -17.70 9.53 52.70
N MET E 190 -18.34 8.44 53.12
CA MET E 190 -18.31 7.20 52.36
C MET E 190 -19.63 7.03 51.57
N GLN E 191 -20.15 8.16 51.07
CA GLN E 191 -21.37 8.19 50.29
C GLN E 191 -21.20 7.22 49.10
N LEU E 192 -22.25 6.51 48.76
CA LEU E 192 -22.18 5.52 47.70
C LEU E 192 -22.78 6.06 46.42
N GLU E 193 -22.27 5.58 45.26
CA GLU E 193 -22.76 6.04 43.99
C GLU E 193 -24.19 5.61 43.64
N GLY E 194 -24.49 4.32 43.76
CA GLY E 194 -25.79 3.86 43.36
C GLY E 194 -25.63 3.09 42.05
N THR E 195 -26.69 2.42 41.61
CA THR E 195 -26.62 1.61 40.39
C THR E 195 -26.48 2.40 39.07
N ASN E 196 -25.46 2.07 38.34
CA ASN E 196 -25.25 2.70 37.06
C ASN E 196 -26.25 2.12 36.01
N VAL E 197 -26.81 2.99 35.18
CA VAL E 197 -27.77 2.59 34.14
C VAL E 197 -27.12 3.01 32.85
N MET E 198 -26.88 2.05 31.97
CA MET E 198 -26.18 2.32 30.69
C MET E 198 -27.10 2.97 29.67
N SER E 199 -26.51 3.89 28.90
CA SER E 199 -27.20 4.55 27.81
C SER E 199 -27.35 3.58 26.60
N SER E 200 -28.59 3.15 26.31
CA SER E 200 -28.83 2.26 25.21
C SER E 200 -28.46 2.98 23.91
N ASP E 201 -28.89 4.25 23.77
CA ASP E 201 -28.60 5.04 22.57
C ASP E 201 -27.10 5.04 22.27
N ASN E 202 -26.28 5.30 23.29
CA ASN E 202 -24.83 5.30 23.07
C ASN E 202 -24.24 3.90 22.75
N VAL E 203 -24.79 2.85 23.34
CA VAL E 203 -24.27 1.51 23.04
C VAL E 203 -24.61 1.14 21.55
N VAL E 204 -25.83 1.43 21.08
CA VAL E 204 -26.17 1.14 19.68
C VAL E 204 -25.24 1.93 18.75
N ALA E 205 -24.91 3.18 19.13
CA ALA E 205 -24.00 4.01 18.30
C ALA E 205 -22.63 3.34 18.22
N PHE E 206 -22.16 2.84 19.36
CA PHE E 206 -20.88 2.13 19.47
C PHE E 206 -20.82 0.87 18.59
N LEU E 207 -21.88 0.07 18.62
CA LEU E 207 -21.92 -1.12 17.77
C LEU E 207 -21.91 -0.80 16.25
N TYR E 208 -22.61 0.27 15.86
CA TYR E 208 -22.57 0.66 14.47
C TYR E 208 -21.14 1.12 14.10
N ALA E 209 -20.46 1.82 15.01
CA ALA E 209 -19.08 2.25 14.73
C ALA E 209 -18.26 0.97 14.49
N ALA E 210 -18.45 -0.03 15.32
CA ALA E 210 -17.73 -1.27 15.18
C ALA E 210 -18.02 -1.93 13.85
N LEU E 211 -19.31 -1.90 13.44
CA LEU E 211 -19.68 -2.48 12.15
C LEU E 211 -18.94 -1.73 11.04
N ILE E 212 -18.89 -0.41 11.13
CA ILE E 212 -18.21 0.40 10.13
C ILE E 212 -16.72 0.00 10.07
N ASN E 213 -16.10 -0.22 11.24
CA ASN E 213 -14.71 -0.66 11.32
C ASN E 213 -14.53 -2.10 10.85
N GLY E 214 -15.59 -2.74 10.41
CA GLY E 214 -15.46 -4.10 9.94
C GLY E 214 -15.61 -5.23 10.95
N GLU E 215 -16.03 -4.95 12.18
CA GLU E 215 -16.19 -6.03 13.15
C GLU E 215 -17.67 -6.39 13.11
N ARG E 216 -17.96 -7.70 12.95
CA ARG E 216 -19.34 -8.13 12.89
C ARG E 216 -19.68 -9.46 13.55
N TRP E 217 -18.76 -9.97 14.35
CA TRP E 217 -19.02 -11.23 15.00
C TRP E 217 -20.24 -11.24 15.93
N PHE E 218 -20.68 -10.06 16.37
CA PHE E 218 -21.80 -9.97 17.31
C PHE E 218 -23.19 -9.92 16.66
N VAL E 219 -23.23 -9.89 15.34
CA VAL E 219 -24.48 -9.88 14.61
C VAL E 219 -24.85 -11.33 14.28
N THR E 220 -26.05 -11.75 14.68
CA THR E 220 -26.52 -13.11 14.47
C THR E 220 -27.75 -13.10 13.58
N ASN E 221 -28.55 -14.16 13.61
CA ASN E 221 -29.73 -14.14 12.78
C ASN E 221 -30.96 -13.67 13.57
N THR E 222 -30.78 -13.36 14.84
CA THR E 222 -31.93 -12.90 15.67
C THR E 222 -31.96 -11.37 15.83
N SER E 223 -33.16 -10.83 16.06
CA SER E 223 -33.39 -9.38 16.16
C SER E 223 -34.38 -9.16 17.31
N MET E 224 -34.54 -7.93 17.80
CA MET E 224 -35.47 -7.68 18.91
C MET E 224 -36.17 -6.35 18.59
N SER E 225 -37.48 -6.30 18.78
CA SER E 225 -38.20 -5.10 18.44
C SER E 225 -37.86 -3.99 19.41
N LEU E 226 -38.11 -2.75 19.01
CA LEU E 226 -37.88 -1.65 19.90
C LEU E 226 -38.70 -1.81 21.20
N GLU E 227 -39.99 -2.18 21.09
CA GLU E 227 -40.82 -2.32 22.30
C GLU E 227 -40.33 -3.41 23.24
N SER E 228 -39.95 -4.55 22.68
CA SER E 228 -39.40 -5.63 23.52
C SER E 228 -38.09 -5.22 24.17
N TYR E 229 -37.22 -4.55 23.38
CA TYR E 229 -35.94 -4.14 23.92
C TYR E 229 -36.16 -3.14 25.07
N ASN E 230 -37.10 -2.22 24.92
CA ASN E 230 -37.31 -1.22 25.99
C ASN E 230 -37.74 -1.90 27.28
N THR E 231 -38.59 -2.90 27.19
CA THR E 231 -38.99 -3.64 28.44
C THR E 231 -37.76 -4.31 29.06
N TRP E 232 -36.96 -4.94 28.19
CA TRP E 232 -35.73 -5.56 28.68
C TRP E 232 -34.78 -4.48 29.29
N ALA E 233 -34.60 -3.36 28.61
CA ALA E 233 -33.70 -2.37 29.11
C ALA E 233 -34.03 -1.90 30.52
N LYS E 234 -35.31 -1.58 30.71
CA LYS E 234 -35.81 -1.08 32.00
C LYS E 234 -35.69 -2.09 33.14
N THR E 235 -35.48 -3.37 32.85
CA THR E 235 -35.33 -4.40 33.90
C THR E 235 -33.88 -4.96 33.90
N ASN E 236 -32.99 -4.28 33.19
CA ASN E 236 -31.59 -4.75 33.20
C ASN E 236 -30.59 -3.58 33.28
N SER E 237 -31.04 -2.48 33.88
CA SER E 237 -30.18 -1.29 34.02
C SER E 237 -29.65 -0.63 32.70
N PHE E 238 -30.53 -0.49 31.70
CA PHE E 238 -30.23 0.25 30.47
C PHE E 238 -31.37 1.24 30.33
N THR E 239 -31.11 2.35 29.65
CA THR E 239 -32.14 3.32 29.37
C THR E 239 -32.94 2.78 28.14
N GLU E 240 -34.17 3.27 27.96
CA GLU E 240 -34.94 2.94 26.81
C GLU E 240 -34.22 3.59 25.62
N LEU E 241 -34.34 3.01 24.44
CA LEU E 241 -33.76 3.60 23.21
C LEU E 241 -34.68 4.81 22.93
N SER E 242 -34.12 5.95 22.52
CA SER E 242 -34.98 7.12 22.24
C SER E 242 -35.90 6.83 21.04
N SER E 243 -35.33 6.25 19.97
CA SER E 243 -36.08 5.94 18.74
C SER E 243 -35.10 5.22 17.84
N THR E 244 -35.59 4.48 16.86
CA THR E 244 -34.68 3.76 15.98
C THR E 244 -34.28 4.69 14.81
N ASP E 245 -35.02 5.81 14.68
CA ASP E 245 -34.79 6.77 13.62
C ASP E 245 -33.47 7.48 13.74
N ALA E 246 -33.04 7.68 14.99
CA ALA E 246 -31.78 8.36 15.29
C ALA E 246 -30.57 7.62 14.68
N PHE E 247 -30.78 6.35 14.34
CA PHE E 247 -29.71 5.52 13.75
C PHE E 247 -29.92 5.20 12.25
N SER E 248 -30.96 5.75 11.65
CA SER E 248 -31.27 5.38 10.25
C SER E 248 -30.10 5.48 9.21
N MET E 249 -29.27 6.51 9.33
CA MET E 249 -28.19 6.65 8.38
C MET E 249 -27.17 5.56 8.59
N LEU E 250 -26.95 5.18 9.85
CA LEU E 250 -25.97 4.12 10.17
C LEU E 250 -26.52 2.75 9.77
N ALA E 251 -27.82 2.53 9.96
CA ALA E 251 -28.43 1.26 9.56
C ALA E 251 -28.27 1.16 8.03
N ALA E 252 -28.51 2.28 7.35
CA ALA E 252 -28.38 2.37 5.90
C ALA E 252 -26.94 2.10 5.41
N LYS E 253 -25.98 2.70 6.07
CA LYS E 253 -24.58 2.47 5.72
C LYS E 253 -24.10 1.04 5.91
N THR E 254 -24.50 0.41 7.01
CA THR E 254 -24.02 -0.93 7.31
C THR E 254 -24.94 -2.04 6.84
N GLY E 255 -26.15 -1.68 6.47
CA GLY E 255 -27.10 -2.69 6.05
C GLY E 255 -27.63 -3.50 7.22
N GLN E 256 -27.39 -3.05 8.45
CA GLN E 256 -27.87 -3.80 9.64
C GLN E 256 -28.98 -3.01 10.35
N SER E 257 -30.10 -3.68 10.64
CA SER E 257 -31.20 -2.97 11.29
C SER E 257 -30.86 -2.65 12.71
N VAL E 258 -31.47 -1.60 13.25
CA VAL E 258 -31.26 -1.29 14.67
C VAL E 258 -31.71 -2.53 15.50
N GLU E 259 -32.78 -3.22 15.04
CA GLU E 259 -33.35 -4.37 15.74
C GLU E 259 -32.34 -5.53 15.84
N LYS E 260 -31.44 -5.65 14.87
CA LYS E 260 -30.38 -6.69 14.98
C LYS E 260 -29.43 -6.32 16.15
N LEU E 261 -29.08 -5.04 16.25
CA LEU E 261 -28.20 -4.60 17.30
C LEU E 261 -28.87 -4.59 18.68
N LEU E 262 -30.18 -4.28 18.77
CA LEU E 262 -30.82 -4.39 20.10
C LEU E 262 -30.67 -5.83 20.59
N ASP E 263 -30.84 -6.81 19.70
CA ASP E 263 -30.66 -8.20 20.14
C ASP E 263 -29.20 -8.44 20.56
N SER E 264 -28.25 -7.87 19.81
CA SER E 264 -26.83 -7.99 20.17
C SER E 264 -26.58 -7.47 21.59
N ILE E 265 -27.22 -6.35 21.94
CA ILE E 265 -26.94 -5.81 23.23
C ILE E 265 -27.33 -6.79 24.31
N VAL E 266 -28.49 -7.41 24.12
CA VAL E 266 -29.00 -8.39 25.07
C VAL E 266 -28.10 -9.56 25.26
N ARG E 267 -27.59 -10.09 24.16
CA ARG E 267 -26.68 -11.22 24.25
C ARG E 267 -25.27 -10.78 24.75
N LEU E 268 -24.76 -9.62 24.34
CA LEU E 268 -23.42 -9.15 24.73
C LEU E 268 -23.34 -8.60 26.16
N ASN E 269 -24.47 -8.27 26.74
CA ASN E 269 -24.47 -7.70 28.07
C ASN E 269 -23.96 -8.75 29.08
N LYS E 270 -24.24 -10.03 28.81
CA LYS E 270 -23.80 -11.09 29.70
C LYS E 270 -22.39 -11.62 29.36
N GLY E 271 -21.56 -10.78 28.70
CA GLY E 271 -20.16 -11.12 28.42
C GLY E 271 -19.75 -11.28 26.98
N PHE E 272 -18.52 -10.85 26.62
CA PHE E 272 -18.02 -10.97 25.25
C PHE E 272 -17.38 -12.34 25.04
N GLY E 273 -17.39 -13.17 26.09
CA GLY E 273 -16.82 -14.50 26.00
C GLY E 273 -15.38 -14.50 25.52
N GLY E 274 -14.68 -13.39 25.74
CA GLY E 274 -13.29 -13.31 25.33
C GLY E 274 -13.00 -12.49 24.08
N ARG E 275 -14.00 -12.18 23.28
CA ARG E 275 -13.78 -11.35 22.11
C ARG E 275 -13.72 -9.89 22.51
N THR E 276 -13.46 -9.01 21.56
CA THR E 276 -13.42 -7.60 21.88
C THR E 276 -14.16 -6.85 20.77
N ILE E 277 -14.61 -5.66 21.12
CA ILE E 277 -15.26 -4.82 20.14
C ILE E 277 -14.56 -3.47 20.24
N LEU E 278 -13.97 -3.07 19.10
CA LEU E 278 -13.18 -1.84 18.98
C LEU E 278 -12.14 -1.81 20.09
N SER E 279 -11.61 -2.99 20.40
CA SER E 279 -10.59 -3.19 21.44
C SER E 279 -11.15 -3.28 22.87
N TYR E 280 -12.41 -2.90 23.09
CA TYR E 280 -13.00 -3.00 24.45
C TYR E 280 -13.46 -4.42 24.79
N GLY E 281 -13.43 -4.77 26.08
CA GLY E 281 -13.83 -6.09 26.53
C GLY E 281 -15.27 -6.18 27.04
N SER E 282 -16.04 -5.09 26.97
CA SER E 282 -17.46 -5.10 27.38
C SER E 282 -18.16 -3.90 26.66
N LEU E 283 -19.49 -3.82 26.69
CA LEU E 283 -20.19 -2.73 26.01
C LEU E 283 -19.74 -1.31 26.41
N CYS E 284 -19.61 -0.42 25.43
CA CYS E 284 -19.17 0.95 25.71
C CYS E 284 -20.31 1.96 25.48
N ASP E 285 -20.63 2.77 26.48
CA ASP E 285 -21.71 3.72 26.34
C ASP E 285 -21.24 5.20 26.45
N GLU E 286 -19.95 5.39 26.17
CA GLU E 286 -19.33 6.71 26.24
C GLU E 286 -19.52 7.61 24.99
N PHE E 287 -20.05 7.07 23.88
CA PHE E 287 -20.21 7.88 22.68
C PHE E 287 -21.66 8.04 22.32
N THR E 288 -22.07 9.28 22.05
CA THR E 288 -23.45 9.49 21.65
C THR E 288 -23.61 9.19 20.15
N PRO E 289 -24.87 9.03 19.70
CA PRO E 289 -25.11 8.76 18.26
C PRO E 289 -24.49 9.88 17.36
N THR E 290 -24.59 11.13 17.81
CA THR E 290 -24.10 12.30 17.05
C THR E 290 -22.59 12.27 16.91
N GLU E 291 -21.96 12.01 18.04
CA GLU E 291 -20.54 11.90 18.12
C GLU E 291 -20.06 10.82 17.11
N VAL E 292 -20.69 9.64 17.12
CA VAL E 292 -20.34 8.55 16.20
C VAL E 292 -20.58 8.93 14.72
N ILE E 293 -21.76 9.49 14.45
CA ILE E 293 -22.12 9.90 13.10
C ILE E 293 -21.14 10.97 12.60
N ARG E 294 -20.94 12.05 13.37
CA ARG E 294 -19.98 13.07 12.96
C ARG E 294 -18.64 12.40 12.66
N GLN E 295 -18.08 11.74 13.66
CA GLN E 295 -16.77 11.09 13.52
C GLN E 295 -16.64 10.04 12.41
N MET E 296 -17.74 9.48 11.98
CA MET E 296 -17.67 8.50 10.93
C MET E 296 -17.86 9.21 9.56
N TYR E 297 -18.68 10.27 9.55
CA TYR E 297 -18.96 10.95 8.29
C TYR E 297 -18.90 12.49 8.27
N GLY E 298 -19.46 13.10 7.23
CA GLY E 298 -19.45 14.56 7.11
C GLY E 298 -19.99 15.39 8.27
N VAL E 299 -20.47 16.59 7.95
CA VAL E 299 -21.02 17.49 8.96
C VAL E 299 -22.45 17.09 9.39
N SER F 1 -8.31 8.53 37.77
CA SER F 1 -8.57 7.10 38.13
C SER F 1 -8.43 6.06 37.00
N GLY F 2 -8.08 6.47 35.77
CA GLY F 2 -7.97 5.51 34.69
C GLY F 2 -7.15 5.87 33.46
N LEU F 3 -6.23 4.99 33.07
CA LEU F 3 -5.38 5.22 31.90
C LEU F 3 -6.12 5.51 30.59
N ARG F 4 -5.94 6.73 30.07
CA ARG F 4 -6.59 7.12 28.80
C ARG F 4 -5.77 8.11 27.99
N LYS F 5 -5.98 8.13 26.67
CA LYS F 5 -5.26 9.07 25.84
C LYS F 5 -5.76 10.47 26.14
N MET F 6 -4.83 11.40 26.29
CA MET F 6 -5.14 12.80 26.57
C MET F 6 -4.44 13.64 25.56
N ALA F 7 -4.85 14.89 25.40
CA ALA F 7 -4.14 15.81 24.49
C ALA F 7 -3.66 17.01 25.30
N GLN F 8 -2.57 17.65 24.87
CA GLN F 8 -2.12 18.87 25.55
C GLN F 8 -2.98 20.00 25.03
N PRO F 9 -3.19 21.05 25.83
CA PRO F 9 -4.05 22.17 25.37
C PRO F 9 -3.74 22.66 23.95
N SER F 10 -4.77 23.02 23.20
CA SER F 10 -4.63 23.43 21.78
C SER F 10 -4.60 24.97 21.46
N GLY F 11 -4.84 25.81 22.47
CA GLY F 11 -4.93 27.26 22.31
C GLY F 11 -3.85 28.00 21.53
N LEU F 12 -2.64 27.49 21.51
CA LEU F 12 -1.54 28.15 20.78
C LEU F 12 -1.60 27.82 19.31
N VAL F 13 -2.23 26.71 19.00
CA VAL F 13 -2.31 26.28 17.66
C VAL F 13 -3.57 26.72 16.94
N GLU F 14 -4.65 26.86 17.66
CA GLU F 14 -5.91 27.19 17.00
C GLU F 14 -5.84 28.40 16.04
N PRO F 15 -5.33 29.55 16.51
CA PRO F 15 -5.26 30.71 15.62
C PRO F 15 -4.32 30.57 14.42
N CYS F 16 -3.70 29.42 14.24
CA CYS F 16 -2.82 29.27 13.10
C CYS F 16 -3.49 28.48 11.97
N ILE F 17 -4.73 28.07 12.23
CA ILE F 17 -5.42 27.26 11.24
C ILE F 17 -6.22 28.07 10.26
N VAL F 18 -5.97 27.82 8.98
CA VAL F 18 -6.70 28.47 7.88
C VAL F 18 -7.36 27.49 6.90
N ARG F 19 -8.39 27.95 6.20
CA ARG F 19 -9.11 27.17 5.20
C ARG F 19 -8.35 27.43 3.90
N VAL F 20 -7.96 26.37 3.22
CA VAL F 20 -7.25 26.52 1.97
C VAL F 20 -8.02 25.74 0.90
N SER F 21 -8.41 26.41 -0.17
CA SER F 21 -9.15 25.75 -1.22
C SER F 21 -8.58 26.08 -2.62
N TYR F 22 -8.69 25.10 -3.51
CA TYR F 22 -8.28 25.21 -4.88
C TYR F 22 -9.09 24.20 -5.68
N GLY F 23 -9.70 24.62 -6.78
CA GLY F 23 -10.53 23.71 -7.56
C GLY F 23 -11.68 23.21 -6.70
N ASN F 24 -11.91 21.90 -6.71
CA ASN F 24 -12.96 21.36 -5.87
C ASN F 24 -12.44 20.86 -4.49
N ASN F 25 -11.15 21.12 -4.22
CA ASN F 25 -10.49 20.72 -2.97
C ASN F 25 -10.52 21.79 -1.87
N VAL F 26 -11.00 21.40 -0.70
CA VAL F 26 -11.02 22.29 0.43
C VAL F 26 -10.36 21.53 1.58
N LEU F 27 -9.33 22.11 2.20
CA LEU F 27 -8.69 21.43 3.29
C LEU F 27 -8.10 22.46 4.28
N ASN F 28 -7.16 22.03 5.11
CA ASN F 28 -6.59 22.89 6.13
C ASN F 28 -5.17 23.31 5.89
N GLY F 29 -4.86 24.52 6.35
CA GLY F 29 -3.52 25.02 6.22
C GLY F 29 -3.03 25.58 7.54
N LEU F 30 -1.70 25.73 7.67
CA LEU F 30 -1.09 26.25 8.88
C LEU F 30 -0.40 27.58 8.51
N TRP F 31 -0.89 28.64 9.14
CA TRP F 31 -0.47 30.00 8.90
C TRP F 31 0.46 30.53 10.02
N LEU F 32 1.73 30.63 9.67
CA LEU F 32 2.77 31.11 10.56
C LEU F 32 3.58 32.22 9.86
N GLY F 33 3.55 33.42 10.43
CA GLY F 33 4.28 34.53 9.82
C GLY F 33 3.67 34.85 8.48
N ASP F 34 4.50 34.92 7.44
CA ASP F 34 3.99 35.23 6.10
C ASP F 34 3.71 34.02 5.20
N GLU F 35 3.69 32.82 5.77
CA GLU F 35 3.42 31.61 4.96
C GLU F 35 2.28 30.76 5.50
N VAL F 36 1.68 30.02 4.58
CA VAL F 36 0.60 29.10 4.90
C VAL F 36 1.07 27.79 4.27
N ILE F 37 1.13 26.73 5.07
CA ILE F 37 1.55 25.38 4.63
C ILE F 37 0.35 24.41 4.59
N CYS F 38 0.22 23.65 3.51
CA CYS F 38 -0.87 22.68 3.40
C CYS F 38 -0.38 21.56 2.51
N PRO F 39 -1.17 20.50 2.34
CA PRO F 39 -0.82 19.35 1.51
C PRO F 39 -0.81 19.76 0.03
N ARG F 40 0.24 19.40 -0.72
CA ARG F 40 0.27 19.81 -2.10
C ARG F 40 -0.81 19.18 -2.97
N HIS F 41 -1.38 18.05 -2.53
CA HIS F 41 -2.43 17.47 -3.35
C HIS F 41 -3.68 18.39 -3.45
N VAL F 42 -3.74 19.51 -2.72
CA VAL F 42 -4.92 20.42 -2.86
C VAL F 42 -4.86 21.04 -4.27
N ILE F 43 -3.68 21.05 -4.83
CA ILE F 43 -3.48 21.60 -6.14
C ILE F 43 -3.84 20.60 -7.24
N ALA F 44 -4.01 19.32 -6.89
CA ALA F 44 -4.31 18.30 -7.91
C ALA F 44 -5.73 18.35 -8.52
N SER F 45 -5.78 18.30 -9.86
CA SER F 45 -7.06 18.35 -10.60
C SER F 45 -7.82 17.04 -10.48
N ASP F 46 -7.10 15.96 -10.31
CA ASP F 46 -7.75 14.67 -10.13
C ASP F 46 -6.97 13.82 -9.14
N THR F 47 -7.48 13.81 -7.90
CA THR F 47 -6.89 13.03 -6.84
C THR F 47 -6.92 11.53 -7.14
N THR F 48 -7.96 11.04 -7.82
CA THR F 48 -8.10 9.61 -8.12
C THR F 48 -7.12 8.95 -9.09
N ARG F 49 -6.47 9.72 -9.97
CA ARG F 49 -5.52 9.11 -10.90
C ARG F 49 -4.14 9.68 -10.64
N VAL F 50 -3.12 9.05 -11.21
CA VAL F 50 -1.74 9.48 -11.01
C VAL F 50 -1.62 10.99 -11.20
N ILE F 51 -0.86 11.65 -10.33
CA ILE F 51 -0.70 13.12 -10.37
C ILE F 51 0.71 13.58 -10.75
N ASN F 52 0.79 14.52 -11.69
CA ASN F 52 2.09 15.07 -12.08
C ASN F 52 2.13 16.44 -11.39
N TYR F 53 2.72 16.48 -10.20
CA TYR F 53 2.76 17.71 -9.44
C TYR F 53 3.56 18.79 -10.10
N GLU F 54 4.59 18.40 -10.86
CA GLU F 54 5.41 19.39 -11.57
C GLU F 54 4.51 20.11 -12.58
N ASN F 55 3.76 19.32 -13.34
CA ASN F 55 2.88 19.87 -14.33
C ASN F 55 1.73 20.67 -13.72
N GLU F 56 1.21 20.20 -12.61
CA GLU F 56 0.12 20.87 -11.90
C GLU F 56 0.58 22.24 -11.37
N MET F 57 1.87 22.35 -11.04
CA MET F 57 2.41 23.60 -10.53
C MET F 57 2.44 24.61 -11.70
N SER F 58 2.93 24.15 -12.85
CA SER F 58 3.02 25.01 -14.03
C SER F 58 1.72 25.68 -14.45
N SER F 59 0.60 25.06 -14.16
CA SER F 59 -0.64 25.69 -14.59
C SER F 59 -1.42 26.29 -13.42
N VAL F 60 -0.81 26.38 -12.24
CA VAL F 60 -1.53 26.94 -11.09
C VAL F 60 -1.77 28.41 -11.40
N ARG F 61 -2.83 28.97 -10.84
CA ARG F 61 -3.13 30.38 -11.03
C ARG F 61 -3.45 30.77 -9.59
N LEU F 62 -2.59 31.64 -9.08
CA LEU F 62 -2.69 32.07 -7.70
C LEU F 62 -4.04 32.60 -7.29
N HIS F 63 -4.77 33.18 -8.24
CA HIS F 63 -6.11 33.70 -7.91
C HIS F 63 -7.14 32.56 -7.70
N ASN F 64 -6.76 31.34 -8.08
CA ASN F 64 -7.66 30.23 -7.89
C ASN F 64 -7.57 29.74 -6.45
N PHE F 65 -6.45 30.04 -5.78
CA PHE F 65 -6.34 29.65 -4.39
C PHE F 65 -7.27 30.55 -3.59
N SER F 66 -7.88 29.98 -2.56
CA SER F 66 -8.72 30.73 -1.62
C SER F 66 -8.15 30.35 -0.25
N VAL F 67 -7.56 31.33 0.44
CA VAL F 67 -6.97 31.09 1.75
C VAL F 67 -7.67 32.04 2.71
N SER F 68 -8.29 31.49 3.75
CA SER F 68 -8.98 32.33 4.73
C SER F 68 -8.94 31.86 6.19
N LYS F 69 -9.21 32.78 7.12
CA LYS F 69 -9.21 32.48 8.54
C LYS F 69 -10.51 33.08 9.07
N ASN F 70 -11.55 32.25 9.13
CA ASN F 70 -12.84 32.70 9.64
C ASN F 70 -13.57 33.70 8.76
N ASN F 71 -13.77 33.34 7.50
CA ASN F 71 -14.43 34.22 6.54
C ASN F 71 -13.50 35.31 5.99
N VAL F 72 -12.47 35.68 6.76
CA VAL F 72 -11.50 36.69 6.36
C VAL F 72 -10.41 36.11 5.41
N PHE F 73 -10.33 36.62 4.19
CA PHE F 73 -9.36 36.09 3.21
C PHE F 73 -7.93 36.66 3.20
N LEU F 74 -6.96 35.88 2.70
CA LEU F 74 -5.55 36.30 2.59
C LEU F 74 -5.20 36.22 1.08
N GLY F 75 -4.16 36.91 0.66
CA GLY F 75 -3.81 36.84 -0.74
C GLY F 75 -2.54 36.05 -0.94
N VAL F 76 -2.54 35.21 -1.97
CA VAL F 76 -1.35 34.40 -2.25
C VAL F 76 -0.46 35.13 -3.25
N VAL F 77 0.85 35.17 -2.96
CA VAL F 77 1.83 35.85 -3.82
C VAL F 77 2.73 34.90 -4.62
N SER F 78 3.01 33.71 -4.08
CA SER F 78 3.74 32.71 -4.84
C SER F 78 3.41 31.39 -4.21
N ALA F 79 3.82 30.31 -4.85
CA ALA F 79 3.57 29.01 -4.30
C ALA F 79 4.76 28.19 -4.71
N ARG F 80 5.28 27.43 -3.76
CA ARG F 80 6.42 26.53 -3.98
C ARG F 80 6.14 25.25 -3.25
N TYR F 81 6.69 24.17 -3.77
CA TYR F 81 6.57 22.88 -3.13
C TYR F 81 7.77 22.80 -2.19
N LYS F 82 7.58 22.15 -1.07
CA LYS F 82 8.71 21.84 -0.20
C LYS F 82 8.34 20.39 0.14
N GLY F 83 8.96 19.46 -0.57
CA GLY F 83 8.66 18.05 -0.39
C GLY F 83 7.24 17.80 -0.88
N VAL F 84 6.36 17.36 0.01
CA VAL F 84 4.96 17.07 -0.39
C VAL F 84 4.05 18.16 0.18
N ASN F 85 4.68 19.22 0.69
CA ASN F 85 3.93 20.32 1.25
C ASN F 85 3.88 21.44 0.21
N LEU F 86 2.77 22.16 0.20
CA LEU F 86 2.67 23.30 -0.66
C LEU F 86 2.91 24.48 0.30
N VAL F 87 3.79 25.41 -0.08
CA VAL F 87 4.07 26.56 0.78
C VAL F 87 3.55 27.81 0.08
N LEU F 88 2.55 28.44 0.65
CA LEU F 88 1.99 29.63 0.05
C LEU F 88 2.50 30.88 0.75
N LYS F 89 3.22 31.73 0.02
CA LYS F 89 3.63 32.98 0.63
C LYS F 89 2.38 33.84 0.54
N VAL F 90 1.99 34.45 1.64
CA VAL F 90 0.80 35.29 1.60
C VAL F 90 1.18 36.77 1.84
N ASN F 91 0.22 37.65 1.62
CA ASN F 91 0.47 39.06 1.77
C ASN F 91 0.32 39.54 3.20
N GLN F 92 0.19 38.64 4.17
CA GLN F 92 0.06 39.06 5.57
C GLN F 92 0.72 38.14 6.56
N VAL F 93 1.21 38.74 7.63
CA VAL F 93 1.87 38.03 8.71
C VAL F 93 0.79 37.67 9.72
N ASN F 94 0.74 36.41 10.18
CA ASN F 94 -0.28 36.01 11.16
C ASN F 94 0.07 36.77 12.44
N PRO F 95 -0.83 37.65 12.94
CA PRO F 95 -0.41 38.36 14.16
C PRO F 95 -0.27 37.45 15.34
N ASN F 96 -0.96 36.30 15.27
CA ASN F 96 -0.96 35.34 16.38
C ASN F 96 -0.03 34.14 16.24
N THR F 97 1.02 34.26 15.45
CA THR F 97 1.98 33.18 15.27
C THR F 97 2.66 32.82 16.59
N PRO F 98 2.51 31.59 17.10
CA PRO F 98 3.24 31.44 18.37
C PRO F 98 4.70 31.18 18.18
N GLU F 99 5.46 31.27 19.26
CA GLU F 99 6.88 30.96 19.19
C GLU F 99 6.84 29.45 18.97
N HIS F 100 7.65 28.93 18.05
CA HIS F 100 7.61 27.52 17.73
C HIS F 100 8.89 27.00 17.11
N LYS F 101 8.95 25.69 17.00
CA LYS F 101 10.07 24.97 16.41
C LYS F 101 9.50 23.82 15.58
N PHE F 102 10.30 23.25 14.69
CA PHE F 102 9.85 22.13 13.88
C PHE F 102 10.72 20.95 14.17
N LYS F 103 10.12 19.78 14.30
CA LYS F 103 10.86 18.55 14.54
C LYS F 103 10.01 17.40 14.09
N SER F 104 10.66 16.26 13.85
CA SER F 104 10.00 15.03 13.45
C SER F 104 9.79 14.10 14.67
N ILE F 105 8.63 13.44 14.67
CA ILE F 105 8.26 12.50 15.71
C ILE F 105 8.78 11.12 15.32
N LYS F 106 9.38 10.41 16.28
CA LYS F 106 9.93 9.07 16.05
C LYS F 106 9.00 7.97 16.51
N ALA F 107 9.21 6.80 15.93
CA ALA F 107 8.45 5.60 16.27
C ALA F 107 8.31 5.53 17.80
N GLY F 108 7.12 5.15 18.28
CA GLY F 108 6.86 5.06 19.70
C GLY F 108 6.57 6.34 20.44
N GLU F 109 6.71 7.51 19.79
CA GLU F 109 6.44 8.77 20.50
C GLU F 109 5.02 9.23 20.25
N SER F 110 4.45 9.88 21.25
CA SER F 110 3.10 10.40 21.21
C SER F 110 3.10 11.87 20.83
N PHE F 111 1.95 12.34 20.34
CA PHE F 111 1.79 13.75 20.03
C PHE F 111 0.30 14.07 19.94
N ASN F 112 -0.03 15.34 19.74
CA ASN F 112 -1.45 15.71 19.68
C ASN F 112 -1.88 16.07 18.27
N ILE F 113 -3.12 15.73 17.91
CA ILE F 113 -3.66 16.07 16.60
C ILE F 113 -4.75 17.15 16.83
N LEU F 114 -4.64 18.31 16.17
CA LEU F 114 -5.75 19.31 16.27
C LEU F 114 -6.48 18.99 14.96
N ALA F 115 -7.59 18.25 15.04
CA ALA F 115 -8.34 17.89 13.82
C ALA F 115 -9.23 19.07 13.41
N CYS F 116 -9.11 19.43 12.15
CA CYS F 116 -9.77 20.58 11.60
C CYS F 116 -10.61 20.26 10.39
N TYR F 117 -11.79 20.91 10.32
CA TYR F 117 -12.65 20.75 9.18
C TYR F 117 -12.69 22.04 8.34
N GLU F 118 -12.21 21.96 7.11
CA GLU F 118 -12.20 23.11 6.22
C GLU F 118 -11.79 24.47 6.86
N GLY F 119 -10.65 24.45 7.54
CA GLY F 119 -10.13 25.63 8.19
C GLY F 119 -10.66 25.85 9.59
N CYS F 120 -11.52 24.96 10.07
CA CYS F 120 -12.09 25.16 11.39
C CYS F 120 -11.73 24.03 12.39
N PRO F 121 -10.96 24.38 13.44
CA PRO F 121 -10.55 23.41 14.47
C PRO F 121 -11.78 22.72 15.02
N GLY F 122 -11.81 21.39 14.98
CA GLY F 122 -12.99 20.69 15.49
C GLY F 122 -12.72 19.83 16.73
N SER F 123 -11.57 19.18 16.78
CA SER F 123 -11.31 18.37 17.93
C SER F 123 -9.85 18.20 18.20
N VAL F 124 -9.54 17.77 19.42
CA VAL F 124 -8.13 17.55 19.75
C VAL F 124 -7.97 16.23 20.51
N TYR F 125 -7.01 15.42 20.09
CA TYR F 125 -6.82 14.14 20.73
C TYR F 125 -5.36 13.66 20.57
N GLY F 126 -4.93 12.79 21.49
CA GLY F 126 -3.56 12.29 21.45
C GLY F 126 -3.45 11.07 20.58
N VAL F 127 -2.33 10.89 19.91
CA VAL F 127 -2.03 9.76 19.04
C VAL F 127 -0.61 9.30 19.39
N ASN F 128 -0.15 8.24 18.72
CA ASN F 128 1.19 7.69 18.96
C ASN F 128 1.69 7.13 17.63
N MET F 129 2.92 7.47 17.26
CA MET F 129 3.49 7.05 15.99
C MET F 129 3.89 5.58 15.97
N ARG F 130 3.52 4.91 14.89
CA ARG F 130 3.81 3.51 14.70
C ARG F 130 5.15 3.35 13.97
N SER F 131 5.68 2.11 13.98
CA SER F 131 6.97 1.87 13.36
C SER F 131 7.03 2.08 11.86
N GLN F 132 5.93 1.86 11.16
CA GLN F 132 5.94 2.06 9.71
C GLN F 132 5.68 3.50 9.29
N GLY F 133 5.66 4.41 10.28
CA GLY F 133 5.45 5.82 10.04
C GLY F 133 4.01 6.32 10.00
N THR F 134 3.07 5.55 10.54
CA THR F 134 1.66 5.95 10.50
C THR F 134 1.06 6.14 11.87
N ILE F 135 -0.20 6.57 11.87
CA ILE F 135 -0.97 6.73 13.10
C ILE F 135 -2.41 6.28 12.85
N LYS F 136 -3.11 5.89 13.89
CA LYS F 136 -4.50 5.56 13.72
C LYS F 136 -5.21 6.80 14.26
N GLY F 137 -5.74 7.60 13.36
CA GLY F 137 -6.44 8.81 13.76
C GLY F 137 -7.93 8.69 13.58
N SER F 138 -8.54 9.74 13.11
CA SER F 138 -9.98 9.73 12.92
C SER F 138 -10.31 10.66 11.76
N PHE F 139 -9.30 10.91 10.96
CA PHE F 139 -9.43 11.82 9.82
C PHE F 139 -10.43 11.46 8.76
N ILE F 140 -11.53 12.24 8.69
CA ILE F 140 -12.52 12.03 7.65
C ILE F 140 -12.24 13.09 6.54
N ALA F 141 -13.00 13.00 5.45
CA ALA F 141 -12.87 13.92 4.30
C ALA F 141 -12.92 15.38 4.75
N GLY F 142 -11.93 16.17 4.31
CA GLY F 142 -11.86 17.59 4.69
C GLY F 142 -11.02 17.88 5.94
N THR F 143 -10.43 16.84 6.51
CA THR F 143 -9.59 17.05 7.68
C THR F 143 -8.14 17.00 7.20
N CYS F 144 -7.92 16.87 5.88
CA CYS F 144 -6.56 16.85 5.32
C CYS F 144 -5.88 18.19 5.69
N GLY F 145 -4.61 18.14 6.08
CA GLY F 145 -3.89 19.35 6.52
C GLY F 145 -4.05 19.58 8.02
N SER F 146 -4.81 18.72 8.72
CA SER F 146 -4.93 18.84 10.17
C SER F 146 -3.49 18.73 10.72
N VAL F 147 -3.26 19.34 11.87
CA VAL F 147 -1.92 19.51 12.41
C VAL F 147 -1.58 18.76 13.67
N GLY F 148 -0.41 18.14 13.70
CA GLY F 148 0.02 17.49 14.92
C GLY F 148 1.15 18.35 15.54
N TYR F 149 1.13 18.48 16.86
CA TYR F 149 2.09 19.28 17.60
C TYR F 149 2.37 18.61 18.95
N VAL F 150 3.44 19.09 19.61
CA VAL F 150 3.78 18.65 20.96
C VAL F 150 4.30 19.83 21.76
N LEU F 151 4.02 19.85 23.06
CA LEU F 151 4.52 20.90 23.96
C LEU F 151 5.51 20.16 24.88
N GLU F 152 6.78 20.57 24.86
CA GLU F 152 7.84 19.95 25.68
C GLU F 152 8.60 21.07 26.39
N ASN F 153 8.31 21.30 27.65
CA ASN F 153 9.01 22.34 28.42
C ASN F 153 8.78 23.76 27.91
N GLY F 154 7.51 24.14 27.76
CA GLY F 154 7.20 25.47 27.26
C GLY F 154 7.55 25.70 25.79
N ILE F 155 8.00 24.67 25.06
CA ILE F 155 8.32 24.86 23.64
C ILE F 155 7.28 24.17 22.75
N LEU F 156 6.69 24.93 21.83
CA LEU F 156 5.69 24.40 20.93
C LEU F 156 6.34 23.86 19.67
N TYR F 157 6.17 22.58 19.42
CA TYR F 157 6.73 21.98 18.21
C TYR F 157 5.65 21.54 17.25
N PHE F 158 5.76 21.99 16.02
CA PHE F 158 4.84 21.55 14.99
C PHE F 158 5.54 20.32 14.42
N VAL F 159 4.86 19.17 14.39
CA VAL F 159 5.50 17.93 13.88
C VAL F 159 4.79 17.13 12.80
N TYR F 160 3.50 17.39 12.57
CA TYR F 160 2.79 16.57 11.60
C TYR F 160 1.70 17.32 10.88
N MET F 161 1.59 17.06 9.60
CA MET F 161 0.51 17.63 8.81
C MET F 161 -0.13 16.47 8.09
N HIS F 162 -1.43 16.33 8.23
CA HIS F 162 -2.13 15.18 7.63
C HIS F 162 -2.34 15.22 6.13
N HIS F 163 -1.97 14.11 5.48
CA HIS F 163 -2.09 13.98 4.02
C HIS F 163 -3.12 13.00 3.47
N LEU F 164 -3.06 11.75 3.93
CA LEU F 164 -3.93 10.73 3.38
C LEU F 164 -4.15 9.49 4.24
N GLU F 165 -5.09 8.67 3.80
CA GLU F 165 -5.39 7.42 4.51
C GLU F 165 -5.00 6.22 3.65
N LEU F 166 -4.33 5.22 4.23
CA LEU F 166 -3.92 4.04 3.46
C LEU F 166 -5.10 3.12 3.23
N GLY F 167 -4.95 2.22 2.27
CA GLY F 167 -6.03 1.27 2.02
C GLY F 167 -6.46 0.56 3.31
N ASN F 168 -5.50 0.18 4.15
CA ASN F 168 -5.83 -0.49 5.41
C ASN F 168 -6.45 0.44 6.46
N GLY F 169 -6.55 1.72 6.16
CA GLY F 169 -7.16 2.64 7.11
C GLY F 169 -6.20 3.42 7.99
N SER F 170 -4.91 3.22 7.79
CA SER F 170 -3.92 3.93 8.57
C SER F 170 -3.69 5.33 8.00
N HIS F 171 -3.39 6.26 8.90
CA HIS F 171 -3.19 7.64 8.52
C HIS F 171 -1.74 8.10 8.31
N VAL F 172 -1.52 8.70 7.15
CA VAL F 172 -0.23 9.18 6.69
C VAL F 172 -0.07 10.73 6.66
N GLY F 173 1.04 11.24 7.18
CA GLY F 173 1.32 12.68 7.18
C GLY F 173 2.78 12.99 6.91
N SER F 174 3.13 14.26 6.95
CA SER F 174 4.49 14.64 6.71
C SER F 174 5.00 15.52 7.81
N ASN F 175 6.29 15.82 7.82
CA ASN F 175 6.80 16.74 8.81
C ASN F 175 6.86 18.11 8.12
N PHE F 176 7.30 19.15 8.81
CA PHE F 176 7.34 20.41 8.12
C PHE F 176 8.56 20.66 7.23
N GLU F 177 9.26 19.58 6.87
CA GLU F 177 10.41 19.64 5.94
C GLU F 177 9.81 19.15 4.63
N GLY F 178 8.55 18.73 4.71
CA GLY F 178 7.86 18.26 3.54
C GLY F 178 8.22 16.81 3.28
N GLU F 179 8.76 16.17 4.31
CA GLU F 179 9.15 14.75 4.27
C GLU F 179 7.98 13.97 4.82
N MET F 180 7.51 13.02 4.04
CA MET F 180 6.36 12.20 4.40
C MET F 180 6.73 11.10 5.38
N TYR F 181 6.09 11.05 6.55
CA TYR F 181 6.46 9.99 7.48
C TYR F 181 6.28 8.62 6.80
N GLY F 182 7.18 7.68 7.10
CA GLY F 182 7.09 6.34 6.54
C GLY F 182 7.34 6.30 5.05
N GLY F 183 7.79 7.42 4.49
CA GLY F 183 8.09 7.50 3.09
C GLY F 183 6.98 7.30 2.06
N TYR F 184 5.72 7.25 2.48
CA TYR F 184 4.67 7.05 1.47
C TYR F 184 4.52 8.23 0.50
N GLU F 185 3.95 7.96 -0.66
CA GLU F 185 3.81 9.04 -1.62
C GLU F 185 2.37 9.56 -1.61
N ASP F 186 2.20 10.83 -2.00
CA ASP F 186 0.88 11.42 -2.02
C ASP F 186 0.26 11.19 -3.39
N GLN F 187 -0.01 9.92 -3.69
CA GLN F 187 -0.60 9.50 -4.95
C GLN F 187 -1.69 8.54 -4.56
N PRO F 188 -2.75 8.45 -5.37
CA PRO F 188 -3.90 7.57 -5.14
C PRO F 188 -3.51 6.10 -5.22
N SER F 189 -2.39 5.85 -5.89
CA SER F 189 -1.85 4.50 -6.01
C SER F 189 -1.65 3.79 -4.63
N MET F 190 -2.41 2.70 -4.42
CA MET F 190 -2.42 1.91 -3.18
C MET F 190 -1.10 1.34 -2.66
N GLN F 191 -0.68 1.85 -1.50
CA GLN F 191 0.55 1.44 -0.82
C GLN F 191 0.15 0.56 0.37
N LEU F 192 1.07 -0.28 0.81
CA LEU F 192 0.83 -1.18 1.96
C LEU F 192 1.69 -0.70 3.11
N GLU F 193 1.10 -0.60 4.28
CA GLU F 193 1.80 -0.14 5.46
C GLU F 193 2.95 -1.07 5.82
N GLY F 194 2.69 -2.38 5.75
CA GLY F 194 3.71 -3.34 6.09
C GLY F 194 3.49 -3.86 7.51
N THR F 195 4.57 -4.38 8.11
CA THR F 195 4.53 -4.95 9.46
C THR F 195 4.85 -3.96 10.56
N ASN F 196 3.97 -3.88 11.55
CA ASN F 196 4.15 -2.94 12.65
C ASN F 196 4.87 -3.53 13.87
N VAL F 197 5.98 -2.91 14.25
CA VAL F 197 6.74 -3.36 15.41
C VAL F 197 6.24 -2.66 16.68
N MET F 198 5.73 -3.42 17.63
CA MET F 198 5.23 -2.85 18.89
C MET F 198 6.34 -2.17 19.69
N SER F 199 6.04 -1.01 20.26
CA SER F 199 7.04 -0.33 21.06
C SER F 199 6.96 -1.07 22.38
N SER F 200 8.12 -1.58 22.84
CA SER F 200 8.17 -2.33 24.08
C SER F 200 7.96 -1.45 25.30
N ASP F 201 8.56 -0.26 25.27
CA ASP F 201 8.44 0.71 26.35
C ASP F 201 7.02 1.11 26.68
N ASN F 202 6.22 1.39 25.66
CA ASN F 202 4.87 1.82 25.94
C ASN F 202 4.09 0.66 26.51
N VAL F 203 4.43 -0.55 26.07
CA VAL F 203 3.77 -1.76 26.57
C VAL F 203 4.10 -1.84 28.07
N VAL F 204 5.39 -1.78 28.41
CA VAL F 204 5.75 -1.83 29.82
C VAL F 204 4.98 -0.74 30.60
N ALA F 205 5.05 0.51 30.13
CA ALA F 205 4.35 1.62 30.79
C ALA F 205 2.87 1.28 30.93
N PHE F 206 2.35 0.61 29.92
CA PHE F 206 0.96 0.23 29.92
C PHE F 206 0.60 -0.68 31.11
N LEU F 207 1.46 -1.67 31.35
CA LEU F 207 1.22 -2.61 32.46
C LEU F 207 1.23 -1.87 33.80
N TYR F 208 2.31 -1.12 34.06
CA TYR F 208 2.41 -0.34 35.29
C TYR F 208 1.13 0.46 35.56
N ALA F 209 0.64 1.14 34.52
CA ALA F 209 -0.56 1.97 34.67
C ALA F 209 -1.70 1.09 35.19
N ALA F 210 -1.63 -0.19 34.78
CA ALA F 210 -2.61 -1.17 35.19
C ALA F 210 -2.44 -1.48 36.70
N LEU F 211 -1.20 -1.70 37.14
CA LEU F 211 -0.90 -1.98 38.55
C LEU F 211 -1.42 -0.84 39.40
N ILE F 212 -0.83 0.32 39.16
CA ILE F 212 -1.18 1.55 39.83
C ILE F 212 -2.68 1.72 39.86
N ASN F 213 -3.38 1.07 38.93
CA ASN F 213 -4.83 1.19 38.89
C ASN F 213 -5.54 0.02 39.56
N GLY F 214 -4.82 -1.08 39.77
CA GLY F 214 -5.43 -2.21 40.43
C GLY F 214 -5.64 -3.45 39.57
N GLU F 215 -4.72 -3.71 38.65
CA GLU F 215 -4.86 -4.87 37.82
C GLU F 215 -4.01 -5.99 38.40
N ARG F 216 -4.72 -6.81 39.18
CA ARG F 216 -4.25 -7.98 39.88
C ARG F 216 -3.88 -9.13 38.94
N TRP F 217 -4.91 -9.82 38.45
CA TRP F 217 -4.79 -10.99 37.59
C TRP F 217 -3.51 -11.17 36.79
N PHE F 218 -3.22 -10.27 35.87
CA PHE F 218 -2.04 -10.43 35.04
C PHE F 218 -0.75 -10.47 35.83
N VAL F 219 -0.82 -10.18 37.14
CA VAL F 219 0.38 -10.17 37.95
C VAL F 219 1.21 -11.47 37.80
N THR F 220 2.16 -11.39 36.85
CA THR F 220 3.08 -12.48 36.49
C THR F 220 4.18 -12.67 37.53
N ASN F 221 4.48 -13.94 37.85
CA ASN F 221 5.48 -14.20 38.86
C ASN F 221 6.88 -14.66 38.42
N THR F 222 7.41 -14.11 37.33
CA THR F 222 8.76 -14.49 36.92
C THR F 222 9.51 -13.27 36.41
N SER F 223 10.83 -13.31 36.52
CA SER F 223 11.68 -12.20 36.09
C SER F 223 12.52 -12.59 34.87
N MET F 224 12.25 -11.96 33.71
CA MET F 224 12.99 -12.26 32.48
C MET F 224 14.09 -11.22 32.20
N SER F 225 15.17 -11.70 31.58
CA SER F 225 16.33 -10.87 31.24
C SER F 225 16.04 -9.81 30.18
N LEU F 226 17.08 -9.07 29.81
CA LEU F 226 16.96 -8.02 28.80
C LEU F 226 17.54 -8.43 27.45
N GLU F 227 18.63 -9.19 27.46
CA GLU F 227 19.24 -9.64 26.20
C GLU F 227 18.37 -10.76 25.66
N SER F 228 17.58 -11.34 26.57
CA SER F 228 16.65 -12.42 26.23
C SER F 228 15.44 -11.81 25.53
N TYR F 229 15.06 -10.61 25.97
CA TYR F 229 13.94 -9.87 25.40
C TYR F 229 14.42 -9.24 24.10
N ASN F 230 15.50 -8.47 24.18
CA ASN F 230 16.08 -7.83 23.00
C ASN F 230 16.24 -8.85 21.88
N THR F 231 16.73 -10.05 22.23
CA THR F 231 16.94 -11.13 21.26
C THR F 231 15.60 -11.77 20.87
N TRP F 232 14.71 -11.94 21.86
CA TRP F 232 13.38 -12.50 21.63
C TRP F 232 12.65 -11.53 20.72
N ALA F 233 12.49 -10.31 21.25
CA ALA F 233 11.84 -9.21 20.54
C ALA F 233 12.24 -9.29 19.08
N LYS F 234 13.48 -8.89 18.80
CA LYS F 234 14.03 -8.89 17.45
C LYS F 234 13.25 -9.72 16.43
N THR F 235 12.85 -10.94 16.79
CA THR F 235 12.13 -11.79 15.85
C THR F 235 10.67 -12.07 16.23
N ASN F 236 10.04 -11.11 16.89
CA ASN F 236 8.63 -11.23 17.31
C ASN F 236 7.82 -9.93 17.17
N SER F 237 8.31 -8.99 16.38
CA SER F 237 7.61 -7.73 16.18
C SER F 237 7.48 -6.93 17.48
N PHE F 238 8.63 -6.70 18.10
CA PHE F 238 8.76 -5.92 19.32
C PHE F 238 10.13 -5.28 19.25
N THR F 239 10.29 -4.15 19.91
CA THR F 239 11.56 -3.43 19.89
C THR F 239 12.40 -3.81 21.10
N GLU F 240 13.72 -3.65 20.98
CA GLU F 240 14.60 -3.98 22.11
C GLU F 240 14.38 -2.98 23.26
N LEU F 241 13.68 -3.40 24.33
CA LEU F 241 13.44 -2.50 25.48
C LEU F 241 14.71 -1.70 25.85
N SER F 242 14.94 -0.62 25.10
CA SER F 242 16.10 0.26 25.26
C SER F 242 16.87 0.19 26.57
N SER F 243 16.15 0.14 27.69
CA SER F 243 16.78 0.08 29.01
C SER F 243 15.71 -0.18 30.04
N THR F 244 16.13 -0.48 31.26
CA THR F 244 15.18 -0.74 32.33
C THR F 244 15.13 0.47 33.25
N ASP F 245 16.12 1.34 33.08
CA ASP F 245 16.24 2.56 33.89
C ASP F 245 15.06 3.49 33.68
N ALA F 246 14.57 3.51 32.44
CA ALA F 246 13.44 4.35 32.06
C ALA F 246 12.26 4.27 33.04
N PHE F 247 11.98 3.09 33.59
CA PHE F 247 10.85 2.90 34.51
C PHE F 247 11.16 3.02 35.99
N SER F 248 12.38 3.44 36.31
CA SER F 248 12.82 3.58 37.70
C SER F 248 11.67 3.81 38.68
N MET F 249 11.02 4.97 38.52
CA MET F 249 9.93 5.39 39.41
C MET F 249 8.66 4.52 39.40
N LEU F 250 8.27 4.04 38.24
CA LEU F 250 7.08 3.19 38.18
C LEU F 250 7.39 1.88 38.88
N ALA F 251 8.52 1.28 38.51
CA ALA F 251 8.93 0.04 39.15
C ALA F 251 8.82 0.25 40.68
N ALA F 252 9.33 1.38 41.17
CA ALA F 252 9.28 1.67 42.60
C ALA F 252 7.84 1.79 43.06
N LYS F 253 7.13 2.78 42.51
CA LYS F 253 5.75 3.00 42.89
C LYS F 253 4.90 1.76 43.06
N THR F 254 5.11 0.74 42.23
CA THR F 254 4.32 -0.49 42.31
C THR F 254 5.12 -1.68 42.84
N GLY F 255 6.45 -1.52 42.93
CA GLY F 255 7.29 -2.59 43.43
C GLY F 255 7.44 -3.79 42.51
N GLN F 256 7.44 -3.54 41.22
CA GLN F 256 7.59 -4.62 40.26
C GLN F 256 8.74 -4.30 39.34
N SER F 257 9.49 -5.33 39.00
CA SER F 257 10.65 -5.19 38.15
C SER F 257 10.34 -5.07 36.67
N VAL F 258 11.08 -4.20 35.99
CA VAL F 258 10.90 -4.06 34.55
C VAL F 258 11.11 -5.51 34.15
N GLU F 259 12.11 -6.13 34.79
CA GLU F 259 12.48 -7.51 34.55
C GLU F 259 11.29 -8.45 34.75
N LYS F 260 10.49 -8.23 35.79
CA LYS F 260 9.34 -9.09 36.01
C LYS F 260 8.33 -8.82 34.90
N LEU F 261 8.39 -7.63 34.32
CA LEU F 261 7.46 -7.25 33.25
C LEU F 261 7.85 -7.74 31.86
N LEU F 262 9.13 -7.69 31.52
CA LEU F 262 9.55 -8.20 30.21
C LEU F 262 8.93 -9.56 30.12
N ASP F 263 8.99 -10.28 31.24
CA ASP F 263 8.44 -11.63 31.38
C ASP F 263 6.94 -11.66 31.01
N SER F 264 6.15 -10.93 31.79
CA SER F 264 4.70 -10.82 31.61
C SER F 264 4.29 -10.53 30.19
N ILE F 265 5.07 -9.70 29.51
CA ILE F 265 4.76 -9.38 28.13
C ILE F 265 4.72 -10.71 27.38
N VAL F 266 5.89 -11.27 27.08
CA VAL F 266 5.99 -12.52 26.34
C VAL F 266 4.89 -13.53 26.61
N ARG F 267 4.45 -13.65 27.87
CA ARG F 267 3.37 -14.60 28.19
C ARG F 267 1.96 -13.99 28.03
N LEU F 268 1.87 -12.83 27.43
CA LEU F 268 0.59 -12.16 27.21
C LEU F 268 0.43 -11.99 25.72
N ASN F 269 1.55 -11.98 25.01
CA ASN F 269 1.56 -11.82 23.57
C ASN F 269 1.04 -13.13 22.97
N LYS F 270 0.89 -14.12 23.85
CA LYS F 270 0.38 -15.43 23.46
C LYS F 270 -1.14 -15.51 23.69
N GLY F 271 -1.62 -14.96 24.81
CA GLY F 271 -3.04 -15.00 25.11
C GLY F 271 -3.45 -14.35 26.43
N PHE F 272 -4.70 -13.91 26.50
CA PHE F 272 -5.29 -13.26 27.69
C PHE F 272 -6.50 -14.06 28.25
N GLY F 273 -6.95 -15.07 27.50
CA GLY F 273 -8.09 -15.88 27.93
C GLY F 273 -9.28 -15.20 28.60
N GLY F 274 -10.00 -14.35 27.88
CA GLY F 274 -11.16 -13.68 28.46
C GLY F 274 -10.84 -12.65 29.52
N ARG F 275 -9.52 -12.48 29.75
CA ARG F 275 -9.00 -11.55 30.75
C ARG F 275 -8.58 -10.19 30.10
N THR F 276 -8.99 -9.08 30.73
CA THR F 276 -8.69 -7.73 30.24
C THR F 276 -7.81 -6.84 31.13
N ILE F 277 -6.58 -6.60 30.69
CA ILE F 277 -5.63 -5.73 31.39
C ILE F 277 -6.02 -4.28 31.08
N LEU F 278 -6.41 -3.54 32.09
CA LEU F 278 -6.81 -2.15 31.89
C LEU F 278 -7.92 -2.05 30.83
N SER F 279 -8.85 -2.98 30.88
CA SER F 279 -10.00 -3.02 29.98
C SER F 279 -9.77 -3.32 28.50
N TYR F 280 -8.52 -3.62 28.12
CA TYR F 280 -8.23 -3.97 26.72
C TYR F 280 -8.02 -5.49 26.57
N GLY F 281 -8.26 -6.01 25.37
CA GLY F 281 -8.08 -7.42 25.13
C GLY F 281 -6.66 -7.83 24.73
N SER F 282 -5.77 -6.87 24.46
CA SER F 282 -4.40 -7.20 24.08
C SER F 282 -3.36 -6.13 24.45
N LEU F 283 -2.08 -6.43 24.24
CA LEU F 283 -1.02 -5.48 24.61
C LEU F 283 -1.16 -4.16 23.86
N CYS F 284 -1.05 -3.05 24.61
CA CYS F 284 -1.20 -1.68 24.09
C CYS F 284 0.08 -0.89 24.20
N ASP F 285 0.57 -0.37 23.06
CA ASP F 285 1.81 0.41 23.07
C ASP F 285 1.55 1.90 22.71
N GLU F 286 0.33 2.35 22.97
CA GLU F 286 -0.10 3.72 22.69
C GLU F 286 0.39 4.76 23.69
N PHE F 287 0.63 4.37 24.93
CA PHE F 287 1.07 5.34 25.92
C PHE F 287 2.52 5.20 26.30
N THR F 288 3.20 6.35 26.37
CA THR F 288 4.61 6.38 26.72
C THR F 288 4.92 6.36 28.24
N PRO F 289 6.19 6.11 28.58
CA PRO F 289 6.55 6.10 30.00
C PRO F 289 6.13 7.46 30.59
N THR F 290 6.49 8.50 29.87
CA THR F 290 6.18 9.86 30.27
C THR F 290 4.68 10.18 30.44
N GLU F 291 3.85 9.79 29.49
CA GLU F 291 2.40 10.06 29.62
C GLU F 291 1.85 9.41 30.89
N VAL F 292 2.29 8.18 31.13
CA VAL F 292 1.88 7.39 32.27
C VAL F 292 2.16 8.14 33.58
N ILE F 293 3.43 8.41 33.83
CA ILE F 293 3.84 9.12 35.02
C ILE F 293 3.07 10.43 35.22
N ARG F 294 3.03 11.26 34.19
CA ARG F 294 2.33 12.54 34.32
C ARG F 294 0.85 12.38 34.59
N GLN F 295 0.22 11.46 33.87
CA GLN F 295 -1.20 11.25 34.05
C GLN F 295 -1.52 10.69 35.43
N MET F 296 -0.61 9.87 35.99
CA MET F 296 -0.77 9.25 37.32
C MET F 296 -0.30 10.12 38.54
N TYR F 297 0.76 10.93 38.37
CA TYR F 297 1.27 11.85 39.41
C TYR F 297 1.91 13.07 38.71
N GLY F 298 1.24 14.22 38.72
CA GLY F 298 1.77 15.42 38.04
C GLY F 298 3.28 15.58 38.09
N VAL F 299 3.96 15.23 36.99
CA VAL F 299 5.44 15.31 36.89
C VAL F 299 6.10 16.65 37.21
#